data_6UIY
# 
_entry.id   6UIY 
# 
_audit_conform.dict_name       mmcif_pdbx.dic 
_audit_conform.dict_version    5.380 
_audit_conform.dict_location   http://mmcif.pdb.org/dictionaries/ascii/mmcif_pdbx.dic 
# 
loop_
_database_2.database_id 
_database_2.database_code 
_database_2.pdbx_database_accession 
_database_2.pdbx_DOI 
PDB   6UIY         pdb_00006uiy 10.2210/pdb6uiy/pdb 
WWPDB D_1000244702 ?            ?                   
# 
_pdbx_database_status.status_code                     REL 
_pdbx_database_status.status_code_sf                  REL 
_pdbx_database_status.status_code_mr                  ? 
_pdbx_database_status.entry_id                        6UIY 
_pdbx_database_status.recvd_initial_deposition_date   2019-10-01 
_pdbx_database_status.SG_entry                        N 
_pdbx_database_status.deposit_site                    RCSB 
_pdbx_database_status.process_site                    RCSB 
_pdbx_database_status.status_code_cs                  ? 
_pdbx_database_status.methods_development_category    ? 
_pdbx_database_status.pdb_format_compatible           Y 
_pdbx_database_status.status_code_nmr_data            ? 
# 
loop_
_audit_author.name 
_audit_author.pdbx_ordinal 
_audit_author.identifier_ORCID 
'Miller, K.R.'    1  0000-0003-1963-2908 
'Paretsky, J.D.'  2  ?                   
'Follmer, A.H.'   3  0000-0002-6244-6804 
'Heinisch, T.'    4  ?                   
'Mittra, K.'      5  0000-0003-2325-1972 
'Gul, S.'         6  ?                   
'Kim, I.-S.'      7  ?                   
'Fuller, F.D.'    8  ?                   
'Batyuk, A.'      9  ?                   
'Sutherlin, K.D.' 10 ?                   
'Brewster, A.S.'  11 ?                   
'Bhowmick, A.'    12 ?                   
'Sauter, N.K.'    13 ?                   
'Kern, J.'        14 0000-0002-7272-1603 
'Yano, J.'        15 0000-0001-6308-9071 
'Green, M.T.'     16 0000-0001-8658-8420 
'Ward, T.R.'      17 0000-0001-8602-5468 
'Borovik, A.S.'   18 0000-0001-5049-9952 
# 
_citation.abstract                  ? 
_citation.abstract_id_CAS           ? 
_citation.book_id_ISBN              ? 
_citation.book_publisher            ? 
_citation.book_publisher_city       ? 
_citation.book_title                ? 
_citation.coordinate_linkage        ? 
_citation.country                   US 
_citation.database_id_Medline       ? 
_citation.details                   ? 
_citation.id                        primary 
_citation.journal_abbrev            Inorg.Chem. 
_citation.journal_id_ASTM           INOCAJ 
_citation.journal_id_CSD            0009 
_citation.journal_id_ISSN           0020-1669 
_citation.journal_full              ? 
_citation.journal_issue             ? 
_citation.journal_volume            59 
_citation.language                  ? 
_citation.page_first                6000 
_citation.page_last                 6009 
_citation.title                     'Artificial Iron Proteins: Modeling the Active Sites in Non-Heme Dioxygenases.' 
_citation.year                      2020 
_citation.database_id_CSD           ? 
_citation.pdbx_database_id_DOI      10.1021/acs.inorgchem.9b03791 
_citation.pdbx_database_id_PubMed   32309932 
_citation.unpublished_flag          ? 
# 
loop_
_citation_author.citation_id 
_citation_author.name 
_citation_author.ordinal 
_citation_author.identifier_ORCID 
primary 'Miller, K.R.'    1  ?                   
primary 'Paretsky, J.D.'  2  ?                   
primary 'Follmer, A.H.'   3  0000-0002-6244-6804 
primary 'Heinisch, T.'    4  ?                   
primary 'Mittra, K.'      5  0000-0003-2325-1972 
primary 'Gul, S.'         6  ?                   
primary 'Kim, I.S.'       7  ?                   
primary 'Fuller, F.D.'    8  ?                   
primary 'Batyuk, A.'      9  ?                   
primary 'Sutherlin, K.D.' 10 ?                   
primary 'Brewster, A.S.'  11 ?                   
primary 'Bhowmick, A.'    12 ?                   
primary 'Sauter, N.K.'    13 ?                   
primary 'Kern, J.'        14 0000-0002-7272-1603 
primary 'Yano, J.'        15 0000-0001-6308-9071 
primary 'Green, M.T.'     16 0000-0001-8658-8420 
primary 'Ward, T.R.'      17 0000-0001-8602-5468 
primary 'Borovik, A.S.'   18 0000-0001-5049-9952 
# 
_cell.angle_alpha                  90.000 
_cell.angle_alpha_esd              ? 
_cell.angle_beta                   90.000 
_cell.angle_beta_esd               ? 
_cell.angle_gamma                  90.000 
_cell.angle_gamma_esd              ? 
_cell.entry_id                     6UIY 
_cell.details                      ? 
_cell.formula_units_Z              ? 
_cell.length_a                     57.740 
_cell.length_a_esd                 ? 
_cell.length_b                     57.740 
_cell.length_b_esd                 ? 
_cell.length_c                     184.270 
_cell.length_c_esd                 ? 
_cell.volume                       ? 
_cell.volume_esd                   ? 
_cell.Z_PDB                        16 
_cell.reciprocal_angle_alpha       ? 
_cell.reciprocal_angle_beta        ? 
_cell.reciprocal_angle_gamma       ? 
_cell.reciprocal_angle_alpha_esd   ? 
_cell.reciprocal_angle_beta_esd    ? 
_cell.reciprocal_angle_gamma_esd   ? 
_cell.reciprocal_length_a          ? 
_cell.reciprocal_length_b          ? 
_cell.reciprocal_length_c          ? 
_cell.reciprocal_length_a_esd      ? 
_cell.reciprocal_length_b_esd      ? 
_cell.reciprocal_length_c_esd      ? 
_cell.pdbx_unique_axis             ? 
# 
_symmetry.entry_id                         6UIY 
_symmetry.cell_setting                     ? 
_symmetry.Int_Tables_number                98 
_symmetry.space_group_name_Hall            ? 
_symmetry.space_group_name_H-M             'I 41 2 2' 
_symmetry.pdbx_full_space_group_name_H-M   ? 
# 
loop_
_entity.id 
_entity.type 
_entity.src_method 
_entity.pdbx_description 
_entity.formula_weight 
_entity.pdbx_number_of_molecules 
_entity.pdbx_ec 
_entity.pdbx_mutation 
_entity.pdbx_fragment 
_entity.details 
1 polymer     man Streptavidin 16552.965 1   ? 'E101Q, S112E, K121A' ? ? 
2 non-polymer syn 
;{5-[(3aS,4S,6aR)-2-oxohexahydro-1H-thieno[3,4-d]imidazol-4-yl]-N-(2-{[(pyridin-2-yl)methyl][(pyridin-2-yl-kappaN)methyl]amino-kappaN}ethyl)pentanamide}iron(2+)
;
524.460   1   ? ?                     ? ? 
3 non-polymer syn 'ACETATE ION' 59.044    2   ? ?                     ? ? 
4 water       nat water 18.015    118 ? ?                     ? ? 
# 
_entity_poly.entity_id                      1 
_entity_poly.type                           'polypeptide(L)' 
_entity_poly.nstd_linkage                   no 
_entity_poly.nstd_monomer                   no 
_entity_poly.pdbx_seq_one_letter_code       
;MASMTGGQQMGRDEAGITGTWYNQLGSTFIVTAGADGALTGTYESAVGNAESRYVLTGRYDSAPATDGSGTALGWTVAWK
NNYRNAHSATTWSGQYVGGAQARINTQWLLTEGTTEANAWASTLVGHDTFTKVKPSAASIDAAKKAGVNNGNPLDAVQQ
;
_entity_poly.pdbx_seq_one_letter_code_can   
;MASMTGGQQMGRDEAGITGTWYNQLGSTFIVTAGADGALTGTYESAVGNAESRYVLTGRYDSAPATDGSGTALGWTVAWK
NNYRNAHSATTWSGQYVGGAQARINTQWLLTEGTTEANAWASTLVGHDTFTKVKPSAASIDAAKKAGVNNGNPLDAVQQ
;
_entity_poly.pdbx_strand_id                 A 
_entity_poly.pdbx_target_identifier         ? 
# 
loop_
_entity_poly_seq.entity_id 
_entity_poly_seq.num 
_entity_poly_seq.mon_id 
_entity_poly_seq.hetero 
1 1   MET n 
1 2   ALA n 
1 3   SER n 
1 4   MET n 
1 5   THR n 
1 6   GLY n 
1 7   GLY n 
1 8   GLN n 
1 9   GLN n 
1 10  MET n 
1 11  GLY n 
1 12  ARG n 
1 13  ASP n 
1 14  GLU n 
1 15  ALA n 
1 16  GLY n 
1 17  ILE n 
1 18  THR n 
1 19  GLY n 
1 20  THR n 
1 21  TRP n 
1 22  TYR n 
1 23  ASN n 
1 24  GLN n 
1 25  LEU n 
1 26  GLY n 
1 27  SER n 
1 28  THR n 
1 29  PHE n 
1 30  ILE n 
1 31  VAL n 
1 32  THR n 
1 33  ALA n 
1 34  GLY n 
1 35  ALA n 
1 36  ASP n 
1 37  GLY n 
1 38  ALA n 
1 39  LEU n 
1 40  THR n 
1 41  GLY n 
1 42  THR n 
1 43  TYR n 
1 44  GLU n 
1 45  SER n 
1 46  ALA n 
1 47  VAL n 
1 48  GLY n 
1 49  ASN n 
1 50  ALA n 
1 51  GLU n 
1 52  SER n 
1 53  ARG n 
1 54  TYR n 
1 55  VAL n 
1 56  LEU n 
1 57  THR n 
1 58  GLY n 
1 59  ARG n 
1 60  TYR n 
1 61  ASP n 
1 62  SER n 
1 63  ALA n 
1 64  PRO n 
1 65  ALA n 
1 66  THR n 
1 67  ASP n 
1 68  GLY n 
1 69  SER n 
1 70  GLY n 
1 71  THR n 
1 72  ALA n 
1 73  LEU n 
1 74  GLY n 
1 75  TRP n 
1 76  THR n 
1 77  VAL n 
1 78  ALA n 
1 79  TRP n 
1 80  LYS n 
1 81  ASN n 
1 82  ASN n 
1 83  TYR n 
1 84  ARG n 
1 85  ASN n 
1 86  ALA n 
1 87  HIS n 
1 88  SER n 
1 89  ALA n 
1 90  THR n 
1 91  THR n 
1 92  TRP n 
1 93  SER n 
1 94  GLY n 
1 95  GLN n 
1 96  TYR n 
1 97  VAL n 
1 98  GLY n 
1 99  GLY n 
1 100 ALA n 
1 101 GLN n 
1 102 ALA n 
1 103 ARG n 
1 104 ILE n 
1 105 ASN n 
1 106 THR n 
1 107 GLN n 
1 108 TRP n 
1 109 LEU n 
1 110 LEU n 
1 111 THR n 
1 112 GLU n 
1 113 GLY n 
1 114 THR n 
1 115 THR n 
1 116 GLU n 
1 117 ALA n 
1 118 ASN n 
1 119 ALA n 
1 120 TRP n 
1 121 ALA n 
1 122 SER n 
1 123 THR n 
1 124 LEU n 
1 125 VAL n 
1 126 GLY n 
1 127 HIS n 
1 128 ASP n 
1 129 THR n 
1 130 PHE n 
1 131 THR n 
1 132 LYS n 
1 133 VAL n 
1 134 LYS n 
1 135 PRO n 
1 136 SER n 
1 137 ALA n 
1 138 ALA n 
1 139 SER n 
1 140 ILE n 
1 141 ASP n 
1 142 ALA n 
1 143 ALA n 
1 144 LYS n 
1 145 LYS n 
1 146 ALA n 
1 147 GLY n 
1 148 VAL n 
1 149 ASN n 
1 150 ASN n 
1 151 GLY n 
1 152 ASN n 
1 153 PRO n 
1 154 LEU n 
1 155 ASP n 
1 156 ALA n 
1 157 VAL n 
1 158 GLN n 
1 159 GLN n 
# 
_entity_src_gen.entity_id                          1 
_entity_src_gen.pdbx_src_id                        1 
_entity_src_gen.pdbx_alt_source_flag               sample 
_entity_src_gen.pdbx_seq_type                      'Biological sequence' 
_entity_src_gen.pdbx_beg_seq_num                   1 
_entity_src_gen.pdbx_end_seq_num                   159 
_entity_src_gen.gene_src_common_name               ? 
_entity_src_gen.gene_src_genus                     ? 
_entity_src_gen.pdbx_gene_src_gene                 ? 
_entity_src_gen.gene_src_species                   ? 
_entity_src_gen.gene_src_strain                    ? 
_entity_src_gen.gene_src_tissue                    ? 
_entity_src_gen.gene_src_tissue_fraction           ? 
_entity_src_gen.gene_src_details                   ? 
_entity_src_gen.pdbx_gene_src_fragment             ? 
_entity_src_gen.pdbx_gene_src_scientific_name      'Streptomyces avidinii' 
_entity_src_gen.pdbx_gene_src_ncbi_taxonomy_id     1895 
_entity_src_gen.pdbx_gene_src_variant              ? 
_entity_src_gen.pdbx_gene_src_cell_line            ? 
_entity_src_gen.pdbx_gene_src_atcc                 ? 
_entity_src_gen.pdbx_gene_src_organ                ? 
_entity_src_gen.pdbx_gene_src_organelle            ? 
_entity_src_gen.pdbx_gene_src_cell                 ? 
_entity_src_gen.pdbx_gene_src_cellular_location    ? 
_entity_src_gen.host_org_common_name               ? 
_entity_src_gen.pdbx_host_org_scientific_name      'Escherichia coli' 
_entity_src_gen.pdbx_host_org_ncbi_taxonomy_id     562 
_entity_src_gen.host_org_genus                     ? 
_entity_src_gen.pdbx_host_org_gene                 ? 
_entity_src_gen.pdbx_host_org_organ                ? 
_entity_src_gen.host_org_species                   ? 
_entity_src_gen.pdbx_host_org_tissue               ? 
_entity_src_gen.pdbx_host_org_tissue_fraction      ? 
_entity_src_gen.pdbx_host_org_strain               ? 
_entity_src_gen.pdbx_host_org_variant              ? 
_entity_src_gen.pdbx_host_org_cell_line            ? 
_entity_src_gen.pdbx_host_org_atcc                 ? 
_entity_src_gen.pdbx_host_org_culture_collection   ? 
_entity_src_gen.pdbx_host_org_cell                 ? 
_entity_src_gen.pdbx_host_org_organelle            ? 
_entity_src_gen.pdbx_host_org_cellular_location    ? 
_entity_src_gen.pdbx_host_org_vector_type          ? 
_entity_src_gen.pdbx_host_org_vector               ? 
_entity_src_gen.host_org_details                   ? 
_entity_src_gen.expression_system_id               ? 
_entity_src_gen.plasmid_name                       ? 
_entity_src_gen.plasmid_details                    ? 
_entity_src_gen.pdbx_description                   ? 
# 
_struct_ref.id                         1 
_struct_ref.db_name                    UNP 
_struct_ref.db_code                    SAV_STRAV 
_struct_ref.pdbx_db_accession          P22629 
_struct_ref.pdbx_db_isoform            ? 
_struct_ref.entity_id                  1 
_struct_ref.pdbx_seq_one_letter_code   
;EAGITGTWYNQLGSTFIVTAGADGALTGTYESAVGNAESRYVLTGRYDSAPATDGSGTALGWTVAWKNNYRNAHSATTWS
GQYVGGAEARINTQWLLTSGTTEANAWKSTLVGHDTFTKVKPSAASIDAAKKAGVNNGNPLDAVQQ
;
_struct_ref.pdbx_align_begin           38 
# 
_struct_ref_seq.align_id                      1 
_struct_ref_seq.ref_id                        1 
_struct_ref_seq.pdbx_PDB_id_code              6UIY 
_struct_ref_seq.pdbx_strand_id                A 
_struct_ref_seq.seq_align_beg                 14 
_struct_ref_seq.pdbx_seq_align_beg_ins_code   ? 
_struct_ref_seq.seq_align_end                 159 
_struct_ref_seq.pdbx_seq_align_end_ins_code   ? 
_struct_ref_seq.pdbx_db_accession             P22629 
_struct_ref_seq.db_align_beg                  38 
_struct_ref_seq.pdbx_db_align_beg_ins_code    ? 
_struct_ref_seq.db_align_end                  183 
_struct_ref_seq.pdbx_db_align_end_ins_code    ? 
_struct_ref_seq.pdbx_auth_seq_align_beg       14 
_struct_ref_seq.pdbx_auth_seq_align_end       159 
# 
loop_
_struct_ref_seq_dif.align_id 
_struct_ref_seq_dif.pdbx_pdb_id_code 
_struct_ref_seq_dif.mon_id 
_struct_ref_seq_dif.pdbx_pdb_strand_id 
_struct_ref_seq_dif.seq_num 
_struct_ref_seq_dif.pdbx_pdb_ins_code 
_struct_ref_seq_dif.pdbx_seq_db_name 
_struct_ref_seq_dif.pdbx_seq_db_accession_code 
_struct_ref_seq_dif.db_mon_id 
_struct_ref_seq_dif.pdbx_seq_db_seq_num 
_struct_ref_seq_dif.details 
_struct_ref_seq_dif.pdbx_auth_seq_num 
_struct_ref_seq_dif.pdbx_ordinal 
1 6UIY MET A 1   ? UNP P22629 ?   ?   'initiating methionine' 1   1  
1 6UIY ALA A 2   ? UNP P22629 ?   ?   'expression tag'        2   2  
1 6UIY SER A 3   ? UNP P22629 ?   ?   'expression tag'        3   3  
1 6UIY MET A 4   ? UNP P22629 ?   ?   'expression tag'        4   4  
1 6UIY THR A 5   ? UNP P22629 ?   ?   'expression tag'        5   5  
1 6UIY GLY A 6   ? UNP P22629 ?   ?   'expression tag'        6   6  
1 6UIY GLY A 7   ? UNP P22629 ?   ?   'expression tag'        7   7  
1 6UIY GLN A 8   ? UNP P22629 ?   ?   'expression tag'        8   8  
1 6UIY GLN A 9   ? UNP P22629 ?   ?   'expression tag'        9   9  
1 6UIY MET A 10  ? UNP P22629 ?   ?   'expression tag'        10  10 
1 6UIY GLY A 11  ? UNP P22629 ?   ?   'expression tag'        11  11 
1 6UIY ARG A 12  ? UNP P22629 ?   ?   'expression tag'        12  12 
1 6UIY ASP A 13  ? UNP P22629 ?   ?   'expression tag'        13  13 
1 6UIY GLN A 101 ? UNP P22629 GLU 125 'engineered mutation'   101 14 
1 6UIY GLU A 112 ? UNP P22629 SER 136 'engineered mutation'   112 15 
1 6UIY ALA A 121 ? UNP P22629 LYS 145 'engineered mutation'   121 16 
# 
loop_
_chem_comp.id 
_chem_comp.type 
_chem_comp.mon_nstd_flag 
_chem_comp.name 
_chem_comp.pdbx_synonyms 
_chem_comp.formula 
_chem_comp.formula_weight 
ACT non-polymer         . 'ACETATE ION' ? 'C2 H3 O2 -1'          59.044  
ALA 'L-peptide linking' y ALANINE ? 'C3 H7 N O2'           89.093  
ARG 'L-peptide linking' y ARGININE ? 'C6 H15 N4 O2 1'       175.209 
ASN 'L-peptide linking' y ASPARAGINE ? 'C4 H8 N2 O3'          132.118 
ASP 'L-peptide linking' y 'ASPARTIC ACID' ? 'C4 H7 N O4'           133.103 
GLN 'L-peptide linking' y GLUTAMINE ? 'C5 H10 N2 O3'         146.144 
GLU 'L-peptide linking' y 'GLUTAMIC ACID' ? 'C5 H9 N O4'           147.129 
GLY 'peptide linking'   y GLYCINE ? 'C2 H5 N O2'           75.067  
HIS 'L-peptide linking' y HISTIDINE ? 'C6 H10 N3 O2 1'       156.162 
HOH non-polymer         . WATER ? 'H2 O'                 18.015  
ILE 'L-peptide linking' y ISOLEUCINE ? 'C6 H13 N O2'          131.173 
LEU 'L-peptide linking' y LEUCINE ? 'C6 H13 N O2'          131.173 
LYS 'L-peptide linking' y LYSINE ? 'C6 H15 N2 O2 1'       147.195 
MET 'L-peptide linking' y METHIONINE ? 'C5 H11 N O2 S'        149.211 
PHE 'L-peptide linking' y PHENYLALANINE ? 'C9 H11 N O2'          165.189 
PRO 'L-peptide linking' y PROLINE ? 'C5 H9 N O2'           115.130 
QG1 non-polymer         . 
;{5-[(3aS,4S,6aR)-2-oxohexahydro-1H-thieno[3,4-d]imidazol-4-yl]-N-(2-{[(pyridin-2-yl)methyl][(pyridin-2-yl-kappaN)methyl]amino-kappaN}ethyl)pentanamide}iron(2+)
;
? 'C24 H32 Fe N6 O2 S 2' 524.460 
SER 'L-peptide linking' y SERINE ? 'C3 H7 N O3'           105.093 
THR 'L-peptide linking' y THREONINE ? 'C4 H9 N O3'           119.119 
TRP 'L-peptide linking' y TRYPTOPHAN ? 'C11 H12 N2 O2'        204.225 
TYR 'L-peptide linking' y TYROSINE ? 'C9 H11 N O3'          181.189 
VAL 'L-peptide linking' y VALINE ? 'C5 H11 N O2'          117.146 
# 
_exptl.absorpt_coefficient_mu     ? 
_exptl.absorpt_correction_T_max   ? 
_exptl.absorpt_correction_T_min   ? 
_exptl.absorpt_correction_type    ? 
_exptl.absorpt_process_details    ? 
_exptl.entry_id                   6UIY 
_exptl.crystals_number            1 
_exptl.details                    ? 
_exptl.method                     'X-RAY DIFFRACTION' 
_exptl.method_details             ? 
# 
_exptl_crystal.colour                      ? 
_exptl_crystal.density_diffrn              ? 
_exptl_crystal.density_Matthews            2.32 
_exptl_crystal.density_method              ? 
_exptl_crystal.density_percent_sol         46.97 
_exptl_crystal.description                 ? 
_exptl_crystal.F_000                       ? 
_exptl_crystal.id                          1 
_exptl_crystal.preparation                 ? 
_exptl_crystal.size_max                    ? 
_exptl_crystal.size_mid                    ? 
_exptl_crystal.size_min                    ? 
_exptl_crystal.size_rad                    ? 
_exptl_crystal.colour_lustre               ? 
_exptl_crystal.colour_modifier             ? 
_exptl_crystal.colour_primary              ? 
_exptl_crystal.density_meas                ? 
_exptl_crystal.density_meas_esd            ? 
_exptl_crystal.density_meas_gt             ? 
_exptl_crystal.density_meas_lt             ? 
_exptl_crystal.density_meas_temp           ? 
_exptl_crystal.density_meas_temp_esd       ? 
_exptl_crystal.density_meas_temp_gt        ? 
_exptl_crystal.density_meas_temp_lt        ? 
_exptl_crystal.pdbx_crystal_image_url      ? 
_exptl_crystal.pdbx_crystal_image_format   ? 
_exptl_crystal.pdbx_mosaicity              ? 
_exptl_crystal.pdbx_mosaicity_esd          ? 
# 
_exptl_crystal_grow.apparatus       ? 
_exptl_crystal_grow.atmosphere      ? 
_exptl_crystal_grow.crystal_id      1 
_exptl_crystal_grow.details         ? 
_exptl_crystal_grow.method          'VAPOR DIFFUSION, SITTING DROP' 
_exptl_crystal_grow.method_ref      ? 
_exptl_crystal_grow.pH              4 
_exptl_crystal_grow.pressure        ? 
_exptl_crystal_grow.pressure_esd    ? 
_exptl_crystal_grow.seeding         ? 
_exptl_crystal_grow.seeding_ref     ? 
_exptl_crystal_grow.temp            295 
_exptl_crystal_grow.temp_details    ? 
_exptl_crystal_grow.temp_esd        ? 
_exptl_crystal_grow.time            ? 
_exptl_crystal_grow.pdbx_details    '26 mg/mL protein, 2.0 M ammonium sulfate, 0.1 M sodium acetate, pH 4' 
_exptl_crystal_grow.pdbx_pH_range   ? 
# 
_diffrn.ambient_environment              ? 
_diffrn.ambient_temp                     100 
_diffrn.ambient_temp_details             ? 
_diffrn.ambient_temp_esd                 ? 
_diffrn.crystal_id                       1 
_diffrn.crystal_support                  ? 
_diffrn.crystal_treatment                ? 
_diffrn.details                          ? 
_diffrn.id                               1 
_diffrn.ambient_pressure                 ? 
_diffrn.ambient_pressure_esd             ? 
_diffrn.ambient_pressure_gt              ? 
_diffrn.ambient_pressure_lt              ? 
_diffrn.ambient_temp_gt                  ? 
_diffrn.ambient_temp_lt                  ? 
_diffrn.pdbx_serial_crystal_experiment   N 
# 
_diffrn_detector.details                      ? 
_diffrn_detector.detector                     CCD 
_diffrn_detector.diffrn_id                    1 
_diffrn_detector.type                         'ADSC QUANTUM 315r' 
_diffrn_detector.area_resol_mean              ? 
_diffrn_detector.dtime                        ? 
_diffrn_detector.pdbx_frames_total            ? 
_diffrn_detector.pdbx_collection_time_total   ? 
_diffrn_detector.pdbx_collection_date         2018-05-12 
_diffrn_detector.pdbx_frequency               ? 
# 
_diffrn_radiation.collimation                      ? 
_diffrn_radiation.diffrn_id                        1 
_diffrn_radiation.filter_edge                      ? 
_diffrn_radiation.inhomogeneity                    ? 
_diffrn_radiation.monochromator                    'Double-crystal Si(111)' 
_diffrn_radiation.polarisn_norm                    ? 
_diffrn_radiation.polarisn_ratio                   ? 
_diffrn_radiation.probe                            ? 
_diffrn_radiation.type                             ? 
_diffrn_radiation.xray_symbol                      ? 
_diffrn_radiation.wavelength_id                    1 
_diffrn_radiation.pdbx_monochromatic_or_laue_m_l   M 
_diffrn_radiation.pdbx_wavelength_list             ? 
_diffrn_radiation.pdbx_wavelength                  ? 
_diffrn_radiation.pdbx_diffrn_protocol             'SINGLE WAVELENGTH' 
_diffrn_radiation.pdbx_analyzer                    ? 
_diffrn_radiation.pdbx_scattering_type             x-ray 
# 
_diffrn_radiation_wavelength.id           1 
_diffrn_radiation_wavelength.wavelength   1.00 
_diffrn_radiation_wavelength.wt           1.0 
# 
_diffrn_source.current                     ? 
_diffrn_source.details                     ? 
_diffrn_source.diffrn_id                   1 
_diffrn_source.power                       ? 
_diffrn_source.size                        ? 
_diffrn_source.source                      SYNCHROTRON 
_diffrn_source.target                      ? 
_diffrn_source.type                        'ALS BEAMLINE 8.2.1' 
_diffrn_source.voltage                     ? 
_diffrn_source.take-off_angle              ? 
_diffrn_source.pdbx_wavelength_list        1.00 
_diffrn_source.pdbx_wavelength             ? 
_diffrn_source.pdbx_synchrotron_beamline   8.2.1 
_diffrn_source.pdbx_synchrotron_site       ALS 
# 
_reflns.B_iso_Wilson_estimate            ? 
_reflns.entry_id                         6UIY 
_reflns.data_reduction_details           ? 
_reflns.data_reduction_method            ? 
_reflns.d_resolution_high                1.470 
_reflns.d_resolution_low                 55.100 
_reflns.details                          ? 
_reflns.limit_h_max                      ? 
_reflns.limit_h_min                      ? 
_reflns.limit_k_max                      ? 
_reflns.limit_k_min                      ? 
_reflns.limit_l_max                      ? 
_reflns.limit_l_min                      ? 
_reflns.number_all                       ? 
_reflns.number_obs                       27259 
_reflns.observed_criterion               ? 
_reflns.observed_criterion_F_max         ? 
_reflns.observed_criterion_F_min         ? 
_reflns.observed_criterion_I_max         ? 
_reflns.observed_criterion_I_min         ? 
_reflns.observed_criterion_sigma_F       ? 
_reflns.observed_criterion_sigma_I       ? 
_reflns.percent_possible_obs             100.000 
_reflns.R_free_details                   ? 
_reflns.Rmerge_F_all                     ? 
_reflns.Rmerge_F_obs                     ? 
_reflns.Friedel_coverage                 ? 
_reflns.number_gt                        ? 
_reflns.threshold_expression             ? 
_reflns.pdbx_redundancy                  12.900 
_reflns.pdbx_Rmerge_I_obs                0.069 
_reflns.pdbx_Rmerge_I_all                ? 
_reflns.pdbx_Rsym_value                  ? 
_reflns.pdbx_netI_over_av_sigmaI         ? 
_reflns.pdbx_netI_over_sigmaI            21.600 
_reflns.pdbx_res_netI_over_av_sigmaI_2   ? 
_reflns.pdbx_res_netI_over_sigmaI_2      ? 
_reflns.pdbx_chi_squared                 ? 
_reflns.pdbx_scaling_rejects             745 
_reflns.pdbx_d_res_high_opt              ? 
_reflns.pdbx_d_res_low_opt               ? 
_reflns.pdbx_d_res_opt_method            ? 
_reflns.phase_calculation_details        ? 
_reflns.pdbx_Rrim_I_all                  0.072 
_reflns.pdbx_Rpim_I_all                  0.020 
_reflns.pdbx_d_opt                       ? 
_reflns.pdbx_number_measured_all         351473 
_reflns.pdbx_diffrn_id                   1 
_reflns.pdbx_ordinal                     1 
_reflns.pdbx_CC_half                     0.999 
_reflns.pdbx_CC_star                     ? 
_reflns.pdbx_R_split                     ? 
# 
loop_
_reflns_shell.d_res_high 
_reflns_shell.d_res_low 
_reflns_shell.meanI_over_sigI_all 
_reflns_shell.meanI_over_sigI_obs 
_reflns_shell.number_measured_all 
_reflns_shell.number_measured_obs 
_reflns_shell.number_possible 
_reflns_shell.number_unique_all 
_reflns_shell.number_unique_obs 
_reflns_shell.percent_possible_all 
_reflns_shell.percent_possible_obs 
_reflns_shell.Rmerge_F_all 
_reflns_shell.Rmerge_F_obs 
_reflns_shell.Rmerge_I_all 
_reflns_shell.Rmerge_I_obs 
_reflns_shell.meanI_over_sigI_gt 
_reflns_shell.meanI_over_uI_all 
_reflns_shell.meanI_over_uI_gt 
_reflns_shell.number_measured_gt 
_reflns_shell.number_unique_gt 
_reflns_shell.percent_possible_gt 
_reflns_shell.Rmerge_F_gt 
_reflns_shell.Rmerge_I_gt 
_reflns_shell.pdbx_redundancy 
_reflns_shell.pdbx_Rsym_value 
_reflns_shell.pdbx_chi_squared 
_reflns_shell.pdbx_netI_over_sigmaI_all 
_reflns_shell.pdbx_netI_over_sigmaI_obs 
_reflns_shell.pdbx_Rrim_I_all 
_reflns_shell.pdbx_Rpim_I_all 
_reflns_shell.pdbx_rejects 
_reflns_shell.pdbx_ordinal 
_reflns_shell.pdbx_diffrn_id 
_reflns_shell.pdbx_CC_half 
_reflns_shell.pdbx_CC_star 
_reflns_shell.pdbx_R_split 
1.470 1.490  ? ? 12637 ? ? ? 1317 100.000 ? ? ? ? 0.501 ? ? ? ? ? ? ? ? 9.600  ? ? ? 4.000  0.529 0.170 ? 1 1 0.928 ? ? 
8.040 55.100 ? ? 2186  ? ? ? 215  98.500  ? ? ? ? 0.050 ? ? ? ? ? ? ? ? 10.200 ? ? ? 35.900 0.053 0.017 ? 2 1 0.997 ? ? 
# 
_refine.aniso_B[1][1]                            0.0400 
_refine.aniso_B[1][2]                            -0.0000 
_refine.aniso_B[1][3]                            -0.0000 
_refine.aniso_B[2][2]                            0.0400 
_refine.aniso_B[2][3]                            -0.0000 
_refine.aniso_B[3][3]                            -0.0700 
_refine.B_iso_max                                95.080 
_refine.B_iso_mean                               17.4360 
_refine.B_iso_min                                6.820 
_refine.correlation_coeff_Fo_to_Fc               0.9710 
_refine.correlation_coeff_Fo_to_Fc_free          0.9660 
_refine.details                                  
'HYDROGENS HAVE BEEN ADDED IN THE RIDING POSITIONS U VALUES      : REFINED INDIVIDUALLY' 
_refine.diff_density_max                         ? 
_refine.diff_density_max_esd                     ? 
_refine.diff_density_min                         ? 
_refine.diff_density_min_esd                     ? 
_refine.diff_density_rms                         ? 
_refine.diff_density_rms_esd                     ? 
_refine.entry_id                                 6UIY 
_refine.pdbx_refine_id                           'X-RAY DIFFRACTION' 
_refine.ls_abs_structure_details                 ? 
_refine.ls_abs_structure_Flack                   ? 
_refine.ls_abs_structure_Flack_esd               ? 
_refine.ls_abs_structure_Rogers                  ? 
_refine.ls_abs_structure_Rogers_esd              ? 
_refine.ls_d_res_high                            1.4700 
_refine.ls_d_res_low                             55.1000 
_refine.ls_extinction_coef                       ? 
_refine.ls_extinction_coef_esd                   ? 
_refine.ls_extinction_expression                 ? 
_refine.ls_extinction_method                     ? 
_refine.ls_goodness_of_fit_all                   ? 
_refine.ls_goodness_of_fit_all_esd               ? 
_refine.ls_goodness_of_fit_obs                   ? 
_refine.ls_goodness_of_fit_obs_esd               ? 
_refine.ls_hydrogen_treatment                    ? 
_refine.ls_matrix_type                           ? 
_refine.ls_number_constraints                    ? 
_refine.ls_number_parameters                     ? 
_refine.ls_number_reflns_all                     ? 
_refine.ls_number_reflns_obs                     25837 
_refine.ls_number_reflns_R_free                  1383 
_refine.ls_number_reflns_R_work                  ? 
_refine.ls_number_restraints                     ? 
_refine.ls_percent_reflns_obs                    99.9400 
_refine.ls_percent_reflns_R_free                 5.1000 
_refine.ls_R_factor_all                          ? 
_refine.ls_R_factor_obs                          0.1540 
_refine.ls_R_factor_R_free                       0.1768 
_refine.ls_R_factor_R_free_error                 ? 
_refine.ls_R_factor_R_free_error_details         ? 
_refine.ls_R_factor_R_work                       0.1528 
_refine.ls_R_Fsqd_factor_obs                     ? 
_refine.ls_R_I_factor_obs                        ? 
_refine.ls_redundancy_reflns_all                 ? 
_refine.ls_redundancy_reflns_obs                 ? 
_refine.ls_restrained_S_all                      ? 
_refine.ls_restrained_S_obs                      ? 
_refine.ls_shift_over_esd_max                    ? 
_refine.ls_shift_over_esd_mean                   ? 
_refine.ls_structure_factor_coef                 ? 
_refine.ls_weighting_details                     ? 
_refine.ls_weighting_scheme                      ? 
_refine.ls_wR_factor_all                         ? 
_refine.ls_wR_factor_obs                         ? 
_refine.ls_wR_factor_R_free                      ? 
_refine.ls_wR_factor_R_work                      ? 
_refine.occupancy_max                            ? 
_refine.occupancy_min                            ? 
_refine.solvent_model_details                    ? 
_refine.solvent_model_param_bsol                 ? 
_refine.solvent_model_param_ksol                 ? 
_refine.pdbx_R_complete                          ? 
_refine.ls_R_factor_gt                           ? 
_refine.ls_goodness_of_fit_gt                    ? 
_refine.ls_goodness_of_fit_ref                   ? 
_refine.ls_shift_over_su_max                     ? 
_refine.ls_shift_over_su_max_lt                  ? 
_refine.ls_shift_over_su_mean                    ? 
_refine.ls_shift_over_su_mean_lt                 ? 
_refine.pdbx_ls_sigma_I                          ? 
_refine.pdbx_ls_sigma_F                          0.000 
_refine.pdbx_ls_sigma_Fsqd                       ? 
_refine.pdbx_data_cutoff_high_absF               ? 
_refine.pdbx_data_cutoff_high_rms_absF           ? 
_refine.pdbx_data_cutoff_low_absF                ? 
_refine.pdbx_isotropic_thermal_model             ? 
_refine.pdbx_ls_cross_valid_method               THROUGHOUT 
_refine.pdbx_method_to_determine_struct          'MOLECULAR REPLACEMENT' 
_refine.pdbx_starting_model                      2QCB 
_refine.pdbx_stereochemistry_target_values       ? 
_refine.pdbx_R_Free_selection_details            RANDOM 
_refine.pdbx_stereochem_target_val_spec_case     ? 
_refine.pdbx_overall_ESU_R                       0.0540 
_refine.pdbx_overall_ESU_R_Free                  0.0570 
_refine.pdbx_solvent_vdw_probe_radii             1.2000 
_refine.pdbx_solvent_ion_probe_radii             0.8000 
_refine.pdbx_solvent_shrinkage_radii             0.8000 
_refine.pdbx_real_space_R                        ? 
_refine.pdbx_density_correlation                 ? 
_refine.pdbx_pd_number_of_powder_patterns        ? 
_refine.pdbx_pd_number_of_points                 ? 
_refine.pdbx_pd_meas_number_of_points            ? 
_refine.pdbx_pd_proc_ls_prof_R_factor            ? 
_refine.pdbx_pd_proc_ls_prof_wR_factor           ? 
_refine.pdbx_pd_Marquardt_correlation_coeff      ? 
_refine.pdbx_pd_Fsqrd_R_factor                   ? 
_refine.pdbx_pd_ls_matrix_band_width             ? 
_refine.pdbx_overall_phase_error                 ? 
_refine.pdbx_overall_SU_R_free_Cruickshank_DPI   ? 
_refine.pdbx_overall_SU_R_free_Blow_DPI          ? 
_refine.pdbx_overall_SU_R_Blow_DPI               ? 
_refine.pdbx_TLS_residual_ADP_flag               ? 
_refine.pdbx_diffrn_id                           1 
_refine.overall_SU_B                             ? 
_refine.overall_SU_ML                            ? 
_refine.overall_SU_R_Cruickshank_DPI             ? 
_refine.overall_SU_R_free                        ? 
_refine.overall_FOM_free_R_set                   ? 
_refine.overall_FOM_work_R_set                   ? 
_refine.pdbx_average_fsc_overall                 ? 
_refine.pdbx_average_fsc_work                    ? 
_refine.pdbx_average_fsc_free                    ? 
# 
_refine_hist.pdbx_refine_id                   'X-RAY DIFFRACTION' 
_refine_hist.cycle_id                         final 
_refine_hist.details                          ? 
_refine_hist.d_res_high                       1.4700 
_refine_hist.d_res_low                        55.1000 
_refine_hist.number_atoms_solvent             118 
_refine_hist.number_atoms_total               1128 
_refine_hist.number_reflns_all                ? 
_refine_hist.number_reflns_obs                ? 
_refine_hist.number_reflns_R_free             ? 
_refine_hist.number_reflns_R_work             ? 
_refine_hist.R_factor_all                     ? 
_refine_hist.R_factor_obs                     ? 
_refine_hist.R_factor_R_free                  ? 
_refine_hist.R_factor_R_work                  ? 
_refine_hist.pdbx_number_residues_total       125 
_refine_hist.pdbx_B_iso_mean_ligand           22.87 
_refine_hist.pdbx_B_iso_mean_solvent          31.27 
_refine_hist.pdbx_number_atoms_protein        935 
_refine_hist.pdbx_number_atoms_nucleic_acid   0 
_refine_hist.pdbx_number_atoms_ligand         75 
_refine_hist.pdbx_number_atoms_lipid          ? 
_refine_hist.pdbx_number_atoms_carb           ? 
_refine_hist.pdbx_pseudo_atom_details         ? 
# 
loop_
_refine_ls_restr.pdbx_refine_id 
_refine_ls_restr.criterion 
_refine_ls_restr.dev_ideal 
_refine_ls_restr.dev_ideal_target 
_refine_ls_restr.number 
_refine_ls_restr.rejects 
_refine_ls_restr.type 
_refine_ls_restr.weight 
_refine_ls_restr.pdbx_restraint_function 
'X-RAY DIFFRACTION' ? 0.018  0.013  1096 ? r_bond_refined_d       ? ? 
'X-RAY DIFFRACTION' ? 0.038  0.018  877  ? r_bond_other_d         ? ? 
'X-RAY DIFFRACTION' ? 2.434  1.727  1499 ? r_angle_refined_deg    ? ? 
'X-RAY DIFFRACTION' ? 3.725  1.572  2027 ? r_angle_other_deg      ? ? 
'X-RAY DIFFRACTION' ? 6.976  5.000  136  ? r_dihedral_angle_1_deg ? ? 
'X-RAY DIFFRACTION' ? 28.298 22.157 51   ? r_dihedral_angle_2_deg ? ? 
'X-RAY DIFFRACTION' ? 14.080 15.000 143  ? r_dihedral_angle_3_deg ? ? 
'X-RAY DIFFRACTION' ? 15.426 15.000 6    ? r_dihedral_angle_4_deg ? ? 
'X-RAY DIFFRACTION' ? 0.134  0.200  139  ? r_chiral_restr         ? ? 
'X-RAY DIFFRACTION' ? 0.012  0.020  1253 ? r_gen_planes_refined   ? ? 
'X-RAY DIFFRACTION' ? 0.017  0.020  239  ? r_gen_planes_other     ? ? 
# 
_refine_ls_shell.pdbx_refine_id                   'X-RAY DIFFRACTION' 
_refine_ls_shell.d_res_high                       1.4700 
_refine_ls_shell.d_res_low                        1.5060 
_refine_ls_shell.number_reflns_all                ? 
_refine_ls_shell.number_reflns_obs                ? 
_refine_ls_shell.number_reflns_R_free             102 
_refine_ls_shell.number_reflns_R_work             1879 
_refine_ls_shell.percent_reflns_obs               100.0000 
_refine_ls_shell.percent_reflns_R_free            ? 
_refine_ls_shell.R_factor_all                     ? 
_refine_ls_shell.R_factor_obs                     ? 
_refine_ls_shell.R_factor_R_free                  0.2200 
_refine_ls_shell.R_factor_R_free_error            0.0000 
_refine_ls_shell.R_factor_R_work                  0.2040 
_refine_ls_shell.redundancy_reflns_all            ? 
_refine_ls_shell.redundancy_reflns_obs            ? 
_refine_ls_shell.wR_factor_all                    ? 
_refine_ls_shell.wR_factor_obs                    ? 
_refine_ls_shell.wR_factor_R_free                 ? 
_refine_ls_shell.wR_factor_R_work                 ? 
_refine_ls_shell.pdbx_R_complete                  ? 
_refine_ls_shell.pdbx_total_number_of_bins_used   ? 
_refine_ls_shell.pdbx_phase_error                 ? 
_refine_ls_shell.pdbx_fsc_work                    ? 
_refine_ls_shell.pdbx_fsc_free                    ? 
# 
_struct.entry_id                     6UIY 
_struct.title                        'Artificial Iron Proteins: Modelling the Active Sites in Non-Heme Dioxygenases' 
_struct.pdbx_model_details           ? 
_struct.pdbx_formula_weight          ? 
_struct.pdbx_formula_weight_method   ? 
_struct.pdbx_model_type_details      ? 
_struct.pdbx_CASP_flag               N 
# 
_struct_keywords.entry_id        6UIY 
_struct_keywords.text            'Biotin binding artificial metalloprotein, METAL BINDING PROTEIN' 
_struct_keywords.pdbx_keywords   'METAL BINDING PROTEIN' 
# 
loop_
_struct_asym.id 
_struct_asym.pdbx_blank_PDB_chainid_flag 
_struct_asym.pdbx_modified 
_struct_asym.entity_id 
_struct_asym.details 
A N N 1 ? 
B N N 2 ? 
C N N 3 ? 
D N N 3 ? 
E N N 4 ? 
# 
loop_
_struct_conf.conf_type_id 
_struct_conf.id 
_struct_conf.pdbx_PDB_helix_id 
_struct_conf.beg_label_comp_id 
_struct_conf.beg_label_asym_id 
_struct_conf.beg_label_seq_id 
_struct_conf.pdbx_beg_PDB_ins_code 
_struct_conf.end_label_comp_id 
_struct_conf.end_label_asym_id 
_struct_conf.end_label_seq_id 
_struct_conf.pdbx_end_PDB_ins_code 
_struct_conf.beg_auth_comp_id 
_struct_conf.beg_auth_asym_id 
_struct_conf.beg_auth_seq_id 
_struct_conf.end_auth_comp_id 
_struct_conf.end_auth_asym_id 
_struct_conf.end_auth_seq_id 
_struct_conf.pdbx_PDB_helix_class 
_struct_conf.details 
_struct_conf.pdbx_PDB_helix_length 
HELX_P HELX_P1 AA1 ASP A 13  ? THR A 18  ? ASP A 13  THR A 18  1 ? 6 
HELX_P HELX_P2 AA2 THR A 115 ? ALA A 121 ? THR A 115 ALA A 121 5 ? 7 
# 
_struct_conf_type.id          HELX_P 
_struct_conf_type.criteria    ? 
_struct_conf_type.reference   ? 
# 
loop_
_struct_conn.id 
_struct_conn.conn_type_id 
_struct_conn.pdbx_leaving_atom_flag 
_struct_conn.pdbx_PDB_id 
_struct_conn.ptnr1_label_asym_id 
_struct_conn.ptnr1_label_comp_id 
_struct_conn.ptnr1_label_seq_id 
_struct_conn.ptnr1_label_atom_id 
_struct_conn.pdbx_ptnr1_label_alt_id 
_struct_conn.pdbx_ptnr1_PDB_ins_code 
_struct_conn.pdbx_ptnr1_standard_comp_id 
_struct_conn.ptnr1_symmetry 
_struct_conn.ptnr2_label_asym_id 
_struct_conn.ptnr2_label_comp_id 
_struct_conn.ptnr2_label_seq_id 
_struct_conn.ptnr2_label_atom_id 
_struct_conn.pdbx_ptnr2_label_alt_id 
_struct_conn.pdbx_ptnr2_PDB_ins_code 
_struct_conn.ptnr1_auth_asym_id 
_struct_conn.ptnr1_auth_comp_id 
_struct_conn.ptnr1_auth_seq_id 
_struct_conn.ptnr2_auth_asym_id 
_struct_conn.ptnr2_auth_comp_id 
_struct_conn.ptnr2_auth_seq_id 
_struct_conn.ptnr2_symmetry 
_struct_conn.pdbx_ptnr3_label_atom_id 
_struct_conn.pdbx_ptnr3_label_seq_id 
_struct_conn.pdbx_ptnr3_label_comp_id 
_struct_conn.pdbx_ptnr3_label_asym_id 
_struct_conn.pdbx_ptnr3_label_alt_id 
_struct_conn.pdbx_ptnr3_PDB_ins_code 
_struct_conn.details 
_struct_conn.pdbx_dist_value 
_struct_conn.pdbx_value_order 
_struct_conn.pdbx_role 
metalc1 metalc ? ? A GLU 112 OE1 A ? ? 1_555 B QG1 . FE1 A ? A GLU 112 A QG1 201 1_555 ? ? ? ? ? ? ? 2.164 ? ? 
metalc2 metalc ? ? B QG1 .   FE1 A ? ? 1_555 E HOH . O   ? ? A QG1 201 A HOH 324 1_555 ? ? ? ? ? ? ? 2.166 ? ? 
metalc3 metalc ? ? B QG1 .   FE1 A ? ? 1_555 E HOH . O   ? ? A QG1 201 A HOH 343 1_555 ? ? ? ? ? ? ? 2.218 ? ? 
# 
_struct_conn_type.id          metalc 
_struct_conn_type.criteria    ? 
_struct_conn_type.reference   ? 
# 
_struct_sheet.id               AA1 
_struct_sheet.type             ? 
_struct_sheet.number_strands   9 
_struct_sheet.details          ? 
# 
loop_
_struct_sheet_order.sheet_id 
_struct_sheet_order.range_id_1 
_struct_sheet_order.range_id_2 
_struct_sheet_order.offset 
_struct_sheet_order.sense 
AA1 1 2 ? anti-parallel 
AA1 2 3 ? anti-parallel 
AA1 3 4 ? anti-parallel 
AA1 4 5 ? anti-parallel 
AA1 5 6 ? anti-parallel 
AA1 6 7 ? anti-parallel 
AA1 7 8 ? anti-parallel 
AA1 8 9 ? anti-parallel 
# 
loop_
_struct_sheet_range.sheet_id 
_struct_sheet_range.id 
_struct_sheet_range.beg_label_comp_id 
_struct_sheet_range.beg_label_asym_id 
_struct_sheet_range.beg_label_seq_id 
_struct_sheet_range.pdbx_beg_PDB_ins_code 
_struct_sheet_range.end_label_comp_id 
_struct_sheet_range.end_label_asym_id 
_struct_sheet_range.end_label_seq_id 
_struct_sheet_range.pdbx_end_PDB_ins_code 
_struct_sheet_range.beg_auth_comp_id 
_struct_sheet_range.beg_auth_asym_id 
_struct_sheet_range.beg_auth_seq_id 
_struct_sheet_range.end_auth_comp_id 
_struct_sheet_range.end_auth_asym_id 
_struct_sheet_range.end_auth_seq_id 
AA1 1 GLY A 19  ? ASN A 23  ? GLY A 19  ASN A 23  
AA1 2 THR A 28  ? ALA A 33  ? THR A 28  ALA A 33  
AA1 3 ALA A 38  ? GLU A 44  ? ALA A 38  GLU A 44  
AA1 4 TYR A 54  ? TYR A 60  ? TYR A 54  TYR A 60  
AA1 5 THR A 71  ? LYS A 80  ? THR A 71  LYS A 80  
AA1 6 ASN A 85  ? VAL A 97  ? ASN A 85  VAL A 97  
AA1 7 ARG A 103 ? GLU A 112 ? ARG A 103 GLU A 112 
AA1 8 THR A 123 ? THR A 131 ? THR A 123 THR A 131 
AA1 9 GLY A 19  ? ASN A 23  ? GLY A 19  ASN A 23  
# 
loop_
_pdbx_struct_sheet_hbond.sheet_id 
_pdbx_struct_sheet_hbond.range_id_1 
_pdbx_struct_sheet_hbond.range_id_2 
_pdbx_struct_sheet_hbond.range_1_label_atom_id 
_pdbx_struct_sheet_hbond.range_1_label_comp_id 
_pdbx_struct_sheet_hbond.range_1_label_asym_id 
_pdbx_struct_sheet_hbond.range_1_label_seq_id 
_pdbx_struct_sheet_hbond.range_1_PDB_ins_code 
_pdbx_struct_sheet_hbond.range_1_auth_atom_id 
_pdbx_struct_sheet_hbond.range_1_auth_comp_id 
_pdbx_struct_sheet_hbond.range_1_auth_asym_id 
_pdbx_struct_sheet_hbond.range_1_auth_seq_id 
_pdbx_struct_sheet_hbond.range_2_label_atom_id 
_pdbx_struct_sheet_hbond.range_2_label_comp_id 
_pdbx_struct_sheet_hbond.range_2_label_asym_id 
_pdbx_struct_sheet_hbond.range_2_label_seq_id 
_pdbx_struct_sheet_hbond.range_2_PDB_ins_code 
_pdbx_struct_sheet_hbond.range_2_auth_atom_id 
_pdbx_struct_sheet_hbond.range_2_auth_comp_id 
_pdbx_struct_sheet_hbond.range_2_auth_asym_id 
_pdbx_struct_sheet_hbond.range_2_auth_seq_id 
AA1 1 2 N GLY A 19  ? N GLY A 19  O VAL A 31  ? O VAL A 31  
AA1 2 3 N ILE A 30  ? N ILE A 30  O THR A 42  ? O THR A 42  
AA1 3 4 N GLY A 41  ? N GLY A 41  O LEU A 56  ? O LEU A 56  
AA1 4 5 N THR A 57  ? N THR A 57  O THR A 76  ? O THR A 76  
AA1 5 6 N TRP A 79  ? N TRP A 79  O SER A 88  ? O SER A 88  
AA1 6 7 N VAL A 97  ? N VAL A 97  O ARG A 103 ? O ARG A 103 
AA1 7 8 N LEU A 110 ? N LEU A 110 O LEU A 124 ? O LEU A 124 
AA1 8 9 O THR A 131 ? O THR A 131 N TYR A 22  ? N TYR A 22  
# 
loop_
_struct_site.id 
_struct_site.pdbx_evidence_code 
_struct_site.pdbx_auth_asym_id 
_struct_site.pdbx_auth_comp_id 
_struct_site.pdbx_auth_seq_id 
_struct_site.pdbx_auth_ins_code 
_struct_site.pdbx_num_residues 
_struct_site.details 
AC1 Software A QG1 201 ? 22 'binding site for residue QG1 A 201' 
AC2 Software A ACT 202 ? 2  'binding site for residue ACT A 202' 
AC3 Software A ACT 203 ? 3  'binding site for residue ACT A 203' 
# 
loop_
_struct_site_gen.id 
_struct_site_gen.site_id 
_struct_site_gen.pdbx_num_res 
_struct_site_gen.label_comp_id 
_struct_site_gen.label_asym_id 
_struct_site_gen.label_seq_id 
_struct_site_gen.pdbx_auth_ins_code 
_struct_site_gen.auth_comp_id 
_struct_site_gen.auth_asym_id 
_struct_site_gen.auth_seq_id 
_struct_site_gen.label_atom_id 
_struct_site_gen.label_alt_id 
_struct_site_gen.symmetry 
_struct_site_gen.details 
1  AC1 22 ASN A 23  ? ASN A 23  . ? 1_555  ? 
2  AC1 22 LEU A 25  ? LEU A 25  . ? 1_555  ? 
3  AC1 22 SER A 27  ? SER A 27  . ? 1_555  ? 
4  AC1 22 TYR A 43  ? TYR A 43  . ? 1_555  ? 
5  AC1 22 SER A 45  ? SER A 45  . ? 1_555  ? 
6  AC1 22 VAL A 47  ? VAL A 47  . ? 1_555  ? 
7  AC1 22 GLY A 48  ? GLY A 48  . ? 1_555  ? 
8  AC1 22 ASN A 49  ? ASN A 49  . ? 1_555  ? 
9  AC1 22 TRP A 79  ? TRP A 79  . ? 1_555  ? 
10 AC1 22 SER A 88  ? SER A 88  . ? 1_555  ? 
11 AC1 22 THR A 90  ? THR A 90  . ? 1_555  ? 
12 AC1 22 TRP A 108 ? TRP A 108 . ? 1_555  ? 
13 AC1 22 LEU A 110 ? LEU A 110 . ? 1_555  ? 
14 AC1 22 GLU A 112 ? GLU A 112 . ? 1_555  ? 
15 AC1 22 TRP A 120 ? TRP A 120 . ? 10_665 ? 
16 AC1 22 ALA A 121 ? ALA A 121 . ? 10_665 ? 
17 AC1 22 ALA A 121 ? ALA A 121 . ? 1_555  ? 
18 AC1 22 SER A 122 ? SER A 122 . ? 1_555  ? 
19 AC1 22 LEU A 124 ? LEU A 124 . ? 1_555  ? 
20 AC1 22 ASP A 128 ? ASP A 128 . ? 1_555  ? 
21 AC1 22 HOH E .   ? HOH A 324 . ? 1_555  ? 
22 AC1 22 HOH E .   ? HOH A 343 . ? 1_555  ? 
23 AC2 2  ARG A 84  ? ARG A 84  . ? 5_554  ? 
24 AC2 2  ARG A 84  ? ARG A 84  . ? 1_555  ? 
25 AC3 3  GLU A 14  ? GLU A 14  . ? 1_555  ? 
26 AC3 3  GLY A 34  ? GLY A 34  . ? 1_555  ? 
27 AC3 3  ALA A 35  ? ALA A 35  . ? 1_555  ? 
# 
_atom_sites.entry_id                    6UIY 
_atom_sites.Cartn_transf_matrix[1][1]   ? 
_atom_sites.Cartn_transf_matrix[1][2]   ? 
_atom_sites.Cartn_transf_matrix[1][3]   ? 
_atom_sites.Cartn_transf_matrix[2][1]   ? 
_atom_sites.Cartn_transf_matrix[2][2]   ? 
_atom_sites.Cartn_transf_matrix[2][3]   ? 
_atom_sites.Cartn_transf_matrix[3][1]   ? 
_atom_sites.Cartn_transf_matrix[3][2]   ? 
_atom_sites.Cartn_transf_matrix[3][3]   ? 
_atom_sites.Cartn_transf_vector[1]      ? 
_atom_sites.Cartn_transf_vector[2]      ? 
_atom_sites.Cartn_transf_vector[3]      ? 
_atom_sites.fract_transf_matrix[1][1]   -0.00836566 
_atom_sites.fract_transf_matrix[1][2]   -0.00358999 
_atom_sites.fract_transf_matrix[1][3]   0.01473348 
_atom_sites.fract_transf_matrix[2][1]   0.01505033 
_atom_sites.fract_transf_matrix[2][2]   0.00009576 
_atom_sites.fract_transf_matrix[2][3]   0.00856890 
_atom_sites.fract_transf_matrix[3][1]   -0.00058211 
_atom_sites.fract_transf_matrix[3][2]   0.00530904 
_atom_sites.fract_transf_matrix[3][3]   0.00096309 
_atom_sites.fract_transf_vector[1]      0.239438 
_atom_sites.fract_transf_vector[2]      0.422884 
_atom_sites.fract_transf_vector[3]      -0.009484 
_atom_sites.solution_primary            ? 
_atom_sites.solution_secondary          ? 
_atom_sites.solution_hydrogens          ? 
_atom_sites.special_details             ? 
# 
loop_
_atom_type.symbol 
C  
FE 
N  
O  
S  
# 
loop_
_atom_site.group_PDB 
_atom_site.id 
_atom_site.type_symbol 
_atom_site.label_atom_id 
_atom_site.label_alt_id 
_atom_site.label_comp_id 
_atom_site.label_asym_id 
_atom_site.label_entity_id 
_atom_site.label_seq_id 
_atom_site.pdbx_PDB_ins_code 
_atom_site.Cartn_x 
_atom_site.Cartn_y 
_atom_site.Cartn_z 
_atom_site.occupancy 
_atom_site.B_iso_or_equiv 
_atom_site.pdbx_formal_charge 
_atom_site.auth_seq_id 
_atom_site.auth_comp_id 
_atom_site.auth_asym_id 
_atom_site.auth_atom_id 
_atom_site.pdbx_PDB_model_num 
ATOM   1    N  N   . MET A 1 10  ? -3.496  18.637  -11.609 1.00 63.78 ? 10  MET A N   1 
ATOM   2    C  CA  . MET A 1 10  ? -2.336  17.812  -11.175 1.00 65.81 ? 10  MET A CA  1 
ATOM   3    C  C   . MET A 1 10  ? -2.217  17.871  -9.648  1.00 57.52 ? 10  MET A C   1 
ATOM   4    O  O   . MET A 1 10  ? -2.071  18.987  -9.109  1.00 54.03 ? 10  MET A O   1 
ATOM   5    C  CB  . MET A 1 10  ? -1.036  18.324  -11.805 1.00 75.98 ? 10  MET A CB  1 
ATOM   6    C  CG  . MET A 1 10  ? 0.204   17.956  -11.014 1.00 79.59 ? 10  MET A CG  1 
ATOM   7    S  SD  . MET A 1 10  ? 1.719   18.078  -11.998 1.00 95.08 ? 10  MET A SD  1 
ATOM   8    C  CE  . MET A 1 10  ? 1.476   19.672  -12.781 1.00 91.66 ? 10  MET A CE  1 
ATOM   9    N  N   . GLY A 1 11  ? -2.279  16.710  -8.987  1.00 48.00 ? 11  GLY A N   1 
ATOM   10   C  CA  . GLY A 1 11  ? -2.176  16.639  -7.519  1.00 45.47 ? 11  GLY A CA  1 
ATOM   11   C  C   . GLY A 1 11  ? -0.806  17.145  -7.109  1.00 40.28 ? 11  GLY A C   1 
ATOM   12   O  O   . GLY A 1 11  ? 0.146   16.956  -7.892  1.00 34.13 ? 11  GLY A O   1 
ATOM   13   N  N   . ARG A 1 12  ? -0.699  17.765  -5.933  1.00 37.20 ? 12  ARG A N   1 
ATOM   14   C  CA  . ARG A 1 12  ? 0.594   18.352  -5.476  1.00 35.93 ? 12  ARG A CA  1 
ATOM   15   C  C   . ARG A 1 12  ? 1.750   17.341  -5.558  1.00 39.35 ? 12  ARG A C   1 
ATOM   16   O  O   . ARG A 1 12  ? 2.840   17.733  -6.022  1.00 41.55 ? 12  ARG A O   1 
ATOM   17   C  CB  . ARG A 1 12  ? 0.453   18.897  -4.050  1.00 39.30 ? 12  ARG A CB  1 
ATOM   18   C  CG  . ARG A 1 12  ? 1.774   19.284  -3.398  1.00 45.88 ? 12  ARG A CG  1 
ATOM   19   C  CD  . ARG A 1 12  ? 2.403   20.501  -4.048  1.00 51.97 ? 12  ARG A CD  1 
ATOM   20   N  NE  . ARG A 1 12  ? 3.741   20.771  -3.542  1.00 58.34 ? 12  ARG A NE  1 
ATOM   21   C  CZ  . ARG A 1 12  ? 4.819   20.059  -3.849  1.00 64.08 ? 12  ARG A CZ  1 
ATOM   22   N  NH1 . ARG A 1 12  ? 4.719   19.024  -4.666  1.00 62.54 ? 12  ARG A NH1 1 
ATOM   23   N  NH2 . ARG A 1 12  ? 5.993   20.383  -3.337  1.00 67.45 ? 12  ARG A NH2 1 
ATOM   24   N  N   . ASP A 1 13  ? 1.517   16.099  -5.125  1.00 35.82 ? 13  ASP A N   1 
ATOM   25   C  CA  . ASP A 1 13  ? 2.544   15.028  -5.066  1.00 29.85 ? 13  ASP A CA  1 
ATOM   26   C  C   . ASP A 1 13  ? 2.215   13.920  -6.043  1.00 28.24 ? 13  ASP A C   1 
ATOM   27   O  O   . ASP A 1 13  ? 2.768   12.830  -5.869  1.00 24.17 ? 13  ASP A O   1 
ATOM   28   C  CB  . ASP A 1 13  ? 2.624   14.435  -3.667  1.00 32.45 ? 13  ASP A CB  1 
ATOM   29   C  CG  . ASP A 1 13  ? 2.882   15.501  -2.641  1.00 31.78 ? 13  ASP A CG  1 
ATOM   30   O  OD1 . ASP A 1 13  ? 3.936   16.209  -2.739  1.00 35.63 ? 13  ASP A OD1 1 
ATOM   31   O  OD2 . ASP A 1 13  ? 2.013   15.688  -1.835  1.00 29.78 ? 13  ASP A OD2 1 
ATOM   32   N  N   . GLU A 1 14  ? 1.403   14.174  -7.069  1.00 24.72 ? 14  GLU A N   1 
ATOM   33   C  CA  . GLU A 1 14  ? 1.140   13.183  -8.131  1.00 27.45 ? 14  GLU A CA  1 
ATOM   34   C  C   . GLU A 1 14  ? 2.462   12.621  -8.691  1.00 26.58 ? 14  GLU A C   1 
ATOM   35   O  O   . GLU A 1 14  ? 2.671   11.383  -8.742  1.00 22.01 ? 14  GLU A O   1 
ATOM   36   C  CB  . GLU A 1 14  ? 0.264   13.867  -9.182  1.00 26.08 ? 14  GLU A CB  1 
ATOM   37   C  CG  . GLU A 1 14  ? -0.201  12.905  -10.206 1.00 27.60 ? 14  GLU A CG  1 
ATOM   38   C  CD  . GLU A 1 14  ? -1.151  13.506  -11.224 1.00 27.73 ? 14  GLU A CD  1 
ATOM   39   O  OE1 . GLU A 1 14  ? -1.511  12.752  -12.152 1.00 35.64 ? 14  GLU A OE1 1 
ATOM   40   O  OE2 . GLU A 1 14  ? -1.469  14.733  -11.097 1.00 31.33 ? 14  GLU A OE2 1 
ATOM   41   N  N   . ALA A 1 15  ? 3.391   13.496  -9.100  1.00 25.89 ? 15  ALA A N   1 
ATOM   42   C  CA  . ALA A 1 15  ? 4.672   13.067  -9.680  1.00 27.09 ? 15  ALA A CA  1 
ATOM   43   C  C   . ALA A 1 15  ? 5.546   12.345  -8.642  1.00 24.35 ? 15  ALA A C   1 
ATOM   44   O  O   . ALA A 1 15  ? 6.143   11.285  -8.999  1.00 27.86 ? 15  ALA A O   1 
ATOM   45   C  CB  . ALA A 1 15  ? 5.350   14.310  -10.217 1.00 29.68 ? 15  ALA A CB  1 
ATOM   46   N  N   . GLY A 1 16  ? 5.538   12.805  -7.385  1.00 20.79 ? 16  GLY A N   1 
ATOM   47   C  CA  . GLY A 1 16  ? 6.379   12.203  -6.331  1.00 19.19 ? 16  GLY A CA  1 
ATOM   48   C  C   . GLY A 1 16  ? 5.923   10.791  -5.995  1.00 17.24 ? 16  GLY A C   1 
ATOM   49   O  O   . GLY A 1 16  ? 6.751   9.924   -5.720  1.00 18.08 ? 16  GLY A O   1 
ATOM   50   N  N   . ILE A 1 17  ? 4.626   10.557  -5.970  1.00 16.50 ? 17  ILE A N   1 
ATOM   51   C  CA  . ILE A 1 17  ? 4.082   9.236   -5.545  1.00 15.43 ? 17  ILE A CA  1 
ATOM   52   C  C   . ILE A 1 17  ? 4.139   8.232   -6.683  1.00 15.33 ? 17  ILE A C   1 
ATOM   53   O  O   . ILE A 1 17  ? 4.424   7.026   -6.478  1.00 14.55 ? 17  ILE A O   1 
ATOM   54   C  CB  . ILE A 1 17  ? 2.627   9.396   -5.038  1.00 16.60 ? 17  ILE A CB  1 
ATOM   55   C  CG1 . ILE A 1 17  ? 2.614   10.184  -3.738  1.00 17.43 ? 17  ILE A CG1 1 
ATOM   56   C  CG2 . ILE A 1 17  ? 1.986   8.028   -4.881  1.00 16.24 ? 17  ILE A CG2 1 
ATOM   57   C  CD1 . ILE A 1 17  ? 1.235   10.672  -3.321  1.00 18.83 ? 17  ILE A CD1 1 
ATOM   58   N  N   . THR A 1 18  ? 3.882   8.662   -7.910  1.00 14.48 ? 18  THR A N   1 
ATOM   59   C  CA  . THR A 1 18  ? 3.814   7.718   -9.044  1.00 14.77 ? 18  THR A CA  1 
ATOM   60   C  C   . THR A 1 18  ? 5.151   7.039   -9.265  1.00 15.36 ? 18  THR A C   1 
ATOM   61   O  O   . THR A 1 18  ? 6.209   7.710   -9.294  1.00 18.00 ? 18  THR A O   1 
ATOM   62   C  CB  . THR A 1 18  ? 3.400   8.452   -10.322 1.00 15.68 ? 18  THR A CB  1 
ATOM   63   O  OG1 . THR A 1 18  ? 2.052   8.886   -10.182 1.00 16.84 ? 18  THR A OG1 1 
ATOM   64   C  CG2 . THR A 1 18  ? 3.537   7.546   -11.524 1.00 15.71 ? 18  THR A CG2 1 
ATOM   65   N  N   . GLY A 1 19  ? 5.140   5.726   -9.416  1.00 13.23 ? 19  GLY A N   1 
ATOM   66   C  CA  . GLY A 1 19  ? 6.363   4.972   -9.662  1.00 14.68 ? 19  GLY A CA  1 
ATOM   67   C  C   . GLY A 1 19  ? 6.450   3.684   -8.902  1.00 14.21 ? 19  GLY A C   1 
ATOM   68   O  O   . GLY A 1 19  ? 5.407   3.200   -8.399  1.00 15.21 ? 19  GLY A O   1 
ATOM   69   N  N   . THR A 1 20  ? 7.647   3.168   -8.789  1.00 16.08 ? 20  THR A N   1 
ATOM   70   C  CA  . THR A 1 20  ? 7.945   1.869   -8.192  1.00 14.29 ? 20  THR A CA  1 
ATOM   71   C  C   . THR A 1 20  ? 8.579   2.088   -6.832  1.00 17.44 ? 20  THR A C   1 
ATOM   72   O  O   . THR A 1 20  ? 9.512   2.925   -6.672  1.00 17.66 ? 20  THR A O   1 
ATOM   73   C  CB  . THR A 1 20  ? 8.893   1.038   -9.066  1.00 15.21 ? 20  THR A CB  1 
ATOM   74   O  OG1 . THR A 1 20  ? 8.216   0.813   -10.287 1.00 17.52 ? 20  THR A OG1 1 
ATOM   75   C  CG2 . THR A 1 20  ? 9.131   -0.312  -8.466  1.00 16.61 ? 20  THR A CG2 1 
ATOM   76   N  N   . TRP A 1 21  ? 8.025   1.434   -5.791  1.00 13.12 ? 21  TRP A N   1 
ATOM   77   C  CA  . TRP A 1 21  ? 8.469   1.553   -4.412  1.00 12.49 ? 21  TRP A CA  1 
ATOM   78   C  C   . TRP A 1 21  ? 8.777   0.178   -3.872  1.00 12.59 ? 21  TRP A C   1 
ATOM   79   O  O   . TRP A 1 21  ? 8.208   -0.813  -4.340  1.00 13.49 ? 21  TRP A O   1 
ATOM   80   C  CB  . TRP A 1 21  ? 7.377   2.193   -3.559  1.00 12.84 ? 21  TRP A CB  1 
ATOM   81   C  CG  . TRP A 1 21  ? 7.013   3.600   -3.910  1.00 12.54 ? 21  TRP A CG  1 
ATOM   82   C  CD1 . TRP A 1 21  ? 6.166   4.024   -4.889  1.00 13.22 ? 21  TRP A CD1 1 
ATOM   83   C  CD2 . TRP A 1 21  ? 7.529   4.774   -3.279  1.00 12.72 ? 21  TRP A CD2 1 
ATOM   84   N  NE1 . TRP A 1 21  ? 6.106   5.401   -4.884  1.00 13.53 ? 21  TRP A NE1 1 
ATOM   85   C  CE2 . TRP A 1 21  ? 6.927   5.875   -3.918  1.00 13.13 ? 21  TRP A CE2 1 
ATOM   86   C  CE3 . TRP A 1 21  ? 8.452   5.018   -2.264  1.00 13.44 ? 21  TRP A CE3 1 
ATOM   87   C  CZ2 . TRP A 1 21  ? 7.196   7.185   -3.528  1.00 14.14 ? 21  TRP A CZ2 1 
ATOM   88   C  CZ3 . TRP A 1 21  ? 8.684   6.311   -1.865  1.00 13.94 ? 21  TRP A CZ3 1 
ATOM   89   C  CH2 . TRP A 1 21  ? 8.082   7.362   -2.517  1.00 14.20 ? 21  TRP A CH2 1 
ATOM   90   N  N   . TYR A 1 22  ? 9.681   0.145   -2.906  1.00 12.21 ? 22  TYR A N   1 
ATOM   91   C  CA  . TYR A 1 22  ? 10.117  -1.102  -2.296  1.00 13.00 ? 22  TYR A CA  1 
ATOM   92   C  C   . TYR A 1 22  ? 10.101  -0.973  -0.775  1.00 12.57 ? 22  TYR A C   1 
ATOM   93   O  O   . TYR A 1 22  ? 10.408  0.076   -0.272  1.00 13.02 ? 22  TYR A O   1 
ATOM   94   C  CB  . TYR A 1 22  ? 11.564  -1.422  -2.740  1.00 15.46 ? 22  TYR A CB  1 
ATOM   95   C  CG  . TYR A 1 22  ? 11.821  -1.363  -4.228  1.00 14.84 ? 22  TYR A CG  1 
ATOM   96   C  CD1 . TYR A 1 22  ? 11.548  -2.435  -5.026  1.00 17.42 ? 22  TYR A CD1 1 
ATOM   97   C  CD2 . TYR A 1 22  ? 12.217  -0.153  -4.792  1.00 16.29 ? 22  TYR A CD2 1 
ATOM   98   C  CE1 . TYR A 1 22  ? 11.807  -2.365  -6.406  1.00 16.44 ? 22  TYR A CE1 1 
ATOM   99   C  CE2 . TYR A 1 22  ? 12.398  -0.040  -6.156  1.00 16.14 ? 22  TYR A CE2 1 
ATOM   100  C  CZ  . TYR A 1 22  ? 12.248  -1.173  -6.934  1.00 17.50 ? 22  TYR A CZ  1 
ATOM   101  O  OH  . TYR A 1 22  ? 12.447  -1.125  -8.326  1.00 19.48 ? 22  TYR A OH  1 
ATOM   102  N  N   . ASN A 1 23  ? 9.642   -2.017  -0.076  1.00 12.13 ? 23  ASN A N   1 
ATOM   103  C  CA  . ASN A 1 23  ? 9.661   -1.940  1.389   1.00 12.07 ? 23  ASN A CA  1 
ATOM   104  C  C   . ASN A 1 23  ? 10.805  -2.756  1.967   1.00 13.62 ? 23  ASN A C   1 
ATOM   105  O  O   . ASN A 1 23  ? 11.586  -3.390  1.207   1.00 14.40 ? 23  ASN A O   1 
ATOM   106  C  CB  . ASN A 1 23  ? 8.273   -2.244  1.986   1.00 11.62 ? 23  ASN A CB  1 
ATOM   107  C  CG  . ASN A 1 23  ? 7.894   -3.708  1.914   1.00 12.33 ? 23  ASN A CG  1 
ATOM   108  O  OD1 . ASN A 1 23  ? 8.706   -4.607  1.624   1.00 11.68 ? 23  ASN A OD1 1 
ATOM   109  N  ND2 . ASN A 1 23  ? 6.624   -4.016  2.250   1.00 12.07 ? 23  ASN A ND2 1 
ATOM   110  N  N   . GLN A 1 24  ? 10.850  -2.808  3.270   1.00 12.70 ? 24  GLN A N   1 
ATOM   111  C  CA  . GLN A 1 24  ? 11.927  -3.455  4.048   1.00 13.91 ? 24  GLN A CA  1 
ATOM   112  C  C   . GLN A 1 24  ? 11.899  -4.957  3.910   1.00 14.70 ? 24  GLN A C   1 
ATOM   113  O  O   . GLN A 1 24  ? 12.901  -5.607  4.256   1.00 17.79 ? 24  GLN A O   1 
ATOM   114  C  CB  . GLN A 1 24  ? 11.876  -2.993  5.509   1.00 15.16 ? 24  GLN A CB  1 
ATOM   115  C  CG  . GLN A 1 24  ? 10.756  -3.571  6.386   1.00 14.36 ? 24  GLN A CG  1 
ATOM   116  C  CD  . GLN A 1 24  ? 9.343   -3.152  6.054   1.00 15.17 ? 24  GLN A CD  1 
ATOM   117  O  OE1 . GLN A 1 24  ? 9.114   -2.153  5.400   1.00 15.64 ? 24  GLN A OE1 1 
ATOM   118  N  NE2 . GLN A 1 24  ? 8.395   -3.962  6.512   1.00 15.94 ? 24  GLN A NE2 1 
ATOM   119  N  N   . LEU A 1 25  ? 10.828  -5.558  3.456   1.00 13.00 ? 25  LEU A N   1 
ATOM   120  C  CA  . LEU A 1 25  ? 10.710  -7.010  3.218   1.00 14.10 ? 25  LEU A CA  1 
ATOM   121  C  C   . LEU A 1 25  ? 11.175  -7.349  1.808   1.00 15.23 ? 25  LEU A C   1 
ATOM   122  O  O   . LEU A 1 25  ? 11.216  -8.608  1.567   1.00 19.91 ? 25  LEU A O   1 
ATOM   123  C  CB  . LEU A 1 25  ? 9.260   -7.425  3.377   1.00 14.86 ? 25  LEU A CB  1 
ATOM   124  C  CG  . LEU A 1 25  ? 8.673   -7.214  4.770   1.00 15.73 ? 25  LEU A CG  1 
ATOM   125  C  CD1 . LEU A 1 25  ? 7.177   -7.473  4.802   1.00 16.39 ? 25  LEU A CD1 1 
ATOM   126  C  CD2 . LEU A 1 25  ? 9.351   -8.141  5.766   1.00 20.57 ? 25  LEU A CD2 1 
ATOM   127  N  N   . GLY A 1 26  ? 11.377  -6.364  0.962   1.00 15.13 ? 26  GLY A N   1 
ATOM   128  C  CA  . GLY A 1 26  ? 11.674  -6.636  -0.465  1.00 17.20 ? 26  GLY A CA  1 
ATOM   129  C  C   . GLY A 1 26  ? 10.410  -6.794  -1.293  1.00 16.39 ? 26  GLY A C   1 
ATOM   130  O  O   . GLY A 1 26  ? 10.513  -7.172  -2.483  1.00 17.72 ? 26  GLY A O   1 
ATOM   131  N  N   . SER A 1 27  ? 9.237   -6.368  -0.795  1.00 12.54 ? 27  SER A N   1 
ATOM   132  C  CA  . SER A 1 27  ? 8.043   -6.276  -1.617  1.00 11.93 ? 27  SER A CA  1 
ATOM   133  C  C   . SER A 1 27  ? 8.106   -5.065  -2.561  1.00 11.73 ? 27  SER A C   1 
ATOM   134  O  O   . SER A 1 27  ? 8.779   -4.101  -2.243  1.00 13.33 ? 27  SER A O   1 
ATOM   135  C  CB  . SER A 1 27  ? 6.831   -6.168  -0.701  1.00 11.88 ? 27  SER A CB  1 
ATOM   136  O  OG  . SER A 1 27  ? 6.753   -7.322  0.116   1.00 12.33 ? 27  SER A OG  1 
ATOM   137  N  N   . THR A 1 28  ? 7.368   -5.115  -3.661  1.00 13.18 ? 28  THR A N   1 
ATOM   138  C  CA  . THR A 1 28  ? 7.328   -4.119  -4.753  1.00 13.57 ? 28  THR A CA  1 
ATOM   139  C  C   . THR A 1 28  ? 5.925   -3.594  -4.916  1.00 13.29 ? 28  THR A C   1 
ATOM   140  O  O   . THR A 1 28  ? 4.963   -4.357  -5.122  1.00 14.97 ? 28  THR A O   1 
ATOM   141  C  CB  . THR A 1 28  ? 7.735   -4.757  -6.092  1.00 15.38 ? 28  THR A CB  1 
ATOM   142  O  OG1 . THR A 1 28  ? 8.989   -5.403  -5.955  1.00 20.16 ? 28  THR A OG1 1 
ATOM   143  C  CG2 . THR A 1 28  ? 7.932   -3.683  -7.145  1.00 18.96 ? 28  THR A CG2 1 
ATOM   144  N  N   . PHE A 1 29  ? 5.810   -2.279  -4.814  1.00 13.24 ? 29  PHE A N   1 
ATOM   145  C  CA  . PHE A 1 29  ? 4.562   -1.493  -4.868  1.00 14.86 ? 29  PHE A CA  1 
ATOM   146  C  C   . PHE A 1 29  ? 4.678   -0.623  -6.130  1.00 16.10 ? 29  PHE A C   1 
ATOM   147  O  O   . PHE A 1 29  ? 5.532   0.282   -6.126  1.00 16.19 ? 29  PHE A O   1 
ATOM   148  C  CB  . PHE A 1 29  ? 4.444   -0.728  -3.537  1.00 14.92 ? 29  PHE A CB  1 
ATOM   149  C  CG  . PHE A 1 29  ? 3.420   0.346   -3.458  1.00 15.05 ? 29  PHE A CG  1 
ATOM   150  C  CD1 . PHE A 1 29  ? 2.134   0.161   -3.892  1.00 16.65 ? 29  PHE A CD1 1 
ATOM   151  C  CD2 . PHE A 1 29  ? 3.697   1.566   -2.809  1.00 15.35 ? 29  PHE A CD2 1 
ATOM   152  C  CE1 . PHE A 1 29  ? 1.160   1.130   -3.723  1.00 14.97 ? 29  PHE A CE1 1 
ATOM   153  C  CE2 . PHE A 1 29  ? 2.738   2.535   -2.698  1.00 15.27 ? 29  PHE A CE2 1 
ATOM   154  C  CZ  . PHE A 1 29  ? 1.446   2.328   -3.142  1.00 13.79 ? 29  PHE A CZ  1 
ATOM   155  N  N   . ILE A 1 30  ? 3.897   -0.864  -7.155  1.00 13.83 ? 30  ILE A N   1 
ATOM   156  C  CA  . ILE A 1 30  ? 3.911   -0.098  -8.411  1.00 15.60 ? 30  ILE A CA  1 
ATOM   157  C  C   . ILE A 1 30  ? 2.615   0.704   -8.459  1.00 14.67 ? 30  ILE A C   1 
ATOM   158  O  O   . ILE A 1 30  ? 1.552   0.098   -8.354  1.00 15.82 ? 30  ILE A O   1 
ATOM   159  C  CB  . ILE A 1 30  ? 4.056   -1.081  -9.573  1.00 21.00 ? 30  ILE A CB  1 
ATOM   160  C  CG1 . ILE A 1 30  ? 5.444   -1.703  -9.534  1.00 22.47 ? 30  ILE A CG1 1 
ATOM   161  C  CG2 . ILE A 1 30  ? 3.777   -0.369  -10.863 1.00 22.08 ? 30  ILE A CG2 1 
ATOM   162  C  CD1 . ILE A 1 30  ? 5.652   -2.800  -10.534 1.00 23.42 ? 30  ILE A CD1 1 
ATOM   163  N  N   . VAL A 1 31  ? 2.676   2.022   -8.464  1.00 13.44 ? 31  VAL A N   1 
ATOM   164  C  CA  . VAL A 1 31  ? 1.480   2.859   -8.303  1.00 14.81 ? 31  VAL A CA  1 
ATOM   165  C  C   . VAL A 1 31  ? 1.474   4.011   -9.279  1.00 15.19 ? 31  VAL A C   1 
ATOM   166  O  O   . VAL A 1 31  ? 2.525   4.612   -9.568  1.00 15.74 ? 31  VAL A O   1 
ATOM   167  C  CB  . VAL A 1 31  ? 1.368   3.329   -6.858  1.00 15.12 ? 31  VAL A CB  1 
ATOM   168  C  CG1 . VAL A 1 31  ? 2.438   4.321   -6.453  1.00 15.74 ? 31  VAL A CG1 1 
ATOM   169  C  CG2 . VAL A 1 31  ? -0.035  3.857   -6.546  1.00 17.43 ? 31  VAL A CG2 1 
ATOM   170  N  N   . THR A 1 32  ? 0.285   4.357   -9.722  1.00 14.78 ? 32  THR A N   1 
ATOM   171  C  CA  . THR A 1 32  ? 0.024   5.600   -10.463 1.00 16.30 ? 32  THR A CA  1 
ATOM   172  C  C   . THR A 1 32  ? -0.919  6.449   -9.625  1.00 15.58 ? 32  THR A C   1 
ATOM   173  O  O   . THR A 1 32  ? -1.998  5.976   -9.240  1.00 15.42 ? 32  THR A O   1 
ATOM   174  C  CB  . THR A 1 32  ? -0.536  5.333   -11.854 1.00 20.55 ? 32  THR A CB  1 
ATOM   175  O  OG1 . THR A 1 32  ? 0.411   4.511   -12.569 1.00 23.18 ? 32  THR A OG1 1 
ATOM   176  C  CG2 . THR A 1 32  ? -0.843  6.607   -12.619 1.00 22.52 ? 32  THR A CG2 1 
ATOM   177  N  N   . ALA A 1 33  ? -0.521  7.685   -9.365  1.00 15.67 ? 33  ALA A N   1 
ATOM   178  C  CA  . ALA A 1 33  ? -1.363  8.667   -8.664  1.00 15.97 ? 33  ALA A CA  1 
ATOM   179  C  C   . ALA A 1 33  ? -2.093  9.507   -9.705  1.00 18.56 ? 33  ALA A C   1 
ATOM   180  O  O   . ALA A 1 33  ? -1.401  10.063  -10.598 1.00 21.01 ? 33  ALA A O   1 
ATOM   181  C  CB  . ALA A 1 33  ? -0.556  9.480   -7.733  1.00 16.94 ? 33  ALA A CB  1 
ATOM   182  N  N   . GLY A 1 34  ? -3.399  9.560   -9.637  1.00 16.82 ? 34  GLY A N   1 
ATOM   183  C  CA  . GLY A 1 34  ? -4.237  10.396  -10.516 1.00 17.36 ? 34  GLY A CA  1 
ATOM   184  C  C   . GLY A 1 34  ? -4.418  11.818  -10.001 1.00 18.93 ? 34  GLY A C   1 
ATOM   185  O  O   . GLY A 1 34  ? -4.311  12.097  -8.823  1.00 19.55 ? 34  GLY A O   1 
ATOM   186  N  N   . ALA A 1 35  ? -4.775  12.772  -10.883 1.00 20.19 ? 35  ALA A N   1 
ATOM   187  C  CA  . ALA A 1 35  ? -4.927  14.181  -10.473 1.00 22.51 ? 35  ALA A CA  1 
ATOM   188  C  C   . ALA A 1 35  ? -6.077  14.362  -9.477  1.00 24.43 ? 35  ALA A C   1 
ATOM   189  O  O   . ALA A 1 35  ? -5.999  15.342  -8.733  1.00 30.89 ? 35  ALA A O   1 
ATOM   190  C  CB  . ALA A 1 35  ? -5.204  15.007  -11.716 1.00 24.44 ? 35  ALA A CB  1 
ATOM   191  N  N   . ASP A 1 36  ? -7.019  13.424  -9.531  1.00 26.42 ? 36  ASP A N   1 
ATOM   192  C  CA  . ASP A 1 36  ? -8.309  13.308  -8.803  1.00 32.17 ? 36  ASP A CA  1 
ATOM   193  C  C   . ASP A 1 36  ? -8.135  12.658  -7.420  1.00 25.58 ? 36  ASP A C   1 
ATOM   194  O  O   . ASP A 1 36  ? -9.104  12.601  -6.702  1.00 28.51 ? 36  ASP A O   1 
ATOM   195  C  CB  . ASP A 1 36  ? -9.280  12.462  -9.650  1.00 34.47 ? 36  ASP A CB  1 
ATOM   196  C  CG  . ASP A 1 36  ? -8.828  11.028  -9.980  1.00 41.12 ? 36  ASP A CG  1 
ATOM   197  O  OD1 . ASP A 1 36  ? -7.694  10.703  -9.713  1.00 27.44 ? 36  ASP A OD1 1 
ATOM   198  O  OD2 . ASP A 1 36  ? -9.656  10.237  -10.499 1.00 41.87 ? 36  ASP A OD2 1 
ATOM   199  N  N   . GLY A 1 37  ? -6.940  12.202  -7.067  1.00 19.05 ? 37  GLY A N   1 
ATOM   200  C  CA  . GLY A 1 37  ? -6.777  11.535  -5.752  1.00 16.14 ? 37  GLY A CA  1 
ATOM   201  C  C   . GLY A 1 37  ? -6.740  10.029  -5.876  1.00 14.19 ? 37  GLY A C   1 
ATOM   202  O  O   . GLY A 1 37  ? -6.596  9.388   -4.835  1.00 13.55 ? 37  GLY A O   1 
ATOM   203  N  N   . ALA A 1 38  ? -6.841  9.444   -7.055  1.00 13.71 ? 38  ALA A N   1 
ATOM   204  C  CA  . ALA A 1 38  ? -6.816  7.968   -7.173  1.00 13.55 ? 38  ALA A CA  1 
ATOM   205  C  C   . ALA A 1 38  ? -5.406  7.404   -7.105  1.00 14.26 ? 38  ALA A C   1 
ATOM   206  O  O   . ALA A 1 38  ? -4.460  8.021   -7.602  1.00 15.56 ? 38  ALA A O   1 
ATOM   207  C  CB  . ALA A 1 38  ? -7.447  7.563   -8.460  1.00 17.33 ? 38  ALA A CB  1 
ATOM   208  N  N   . LEU A 1 39  ? -5.286  6.216   -6.529  1.00 12.74 ? 39  LEU A N   1 
ATOM   209  C  CA  . LEU A 1 39  ? -4.098  5.350   -6.607  1.00 11.50 ? 39  LEU A CA  1 
ATOM   210  C  C   . LEU A 1 39  ? -4.519  4.058   -7.258  1.00 11.67 ? 39  LEU A C   1 
ATOM   211  O  O   . LEU A 1 39  ? -5.518  3.455   -6.915  1.00 13.25 ? 39  LEU A O   1 
ATOM   212  C  CB  . LEU A 1 39  ? -3.482  5.021   -5.242  1.00 11.98 ? 39  LEU A CB  1 
ATOM   213  C  CG  . LEU A 1 39  ? -3.052  6.214   -4.405  1.00 13.11 ? 39  LEU A CG  1 
ATOM   214  C  CD1 . LEU A 1 39  ? -2.596  5.741   -3.041  1.00 13.29 ? 39  LEU A CD1 1 
ATOM   215  C  CD2 . LEU A 1 39  ? -1.955  7.001   -5.072  1.00 13.42 ? 39  LEU A CD2 1 
ATOM   216  N  N   . THR A 1 40  ? -3.723  3.650   -8.225  1.00 12.84 ? 40  THR A N   1 
ATOM   217  C  CA  . THR A 1 40  ? -3.950  2.377   -8.917  1.00 13.78 ? 40  THR A CA  1 
ATOM   218  C  C   . THR A 1 40  ? -2.622  1.714   -9.237  1.00 13.79 ? 40  THR A C   1 
ATOM   219  O  O   . THR A 1 40  ? -1.702  2.409   -9.492  1.00 18.20 ? 40  THR A O   1 
ATOM   220  C  CB  . THR A 1 40  ? -4.769  2.576   -10.234 1.00 17.69 ? 40  THR A CB  1 
ATOM   221  O  OG1 A THR A 1 40  ? -3.883  3.243   -11.207 0.50 16.79 ? 40  THR A OG1 1 
ATOM   222  O  OG1 B THR A 1 40  ? -5.929  3.425   -10.260 0.50 21.00 ? 40  THR A OG1 1 
ATOM   223  C  CG2 A THR A 1 40  ? -5.972  3.500   -10.122 0.50 18.38 ? 40  THR A CG2 1 
ATOM   224  C  CG2 B THR A 1 40  ? -5.102  1.505   -11.265 0.50 23.67 ? 40  THR A CG2 1 
ATOM   225  N  N   . GLY A 1 41  ? -2.599  0.389   -9.203  1.00 12.57 ? 41  GLY A N   1 
ATOM   226  C  CA  . GLY A 1 41  ? -1.369  -0.295  -9.556  1.00 13.20 ? 41  GLY A CA  1 
ATOM   227  C  C   . GLY A 1 41  ? -1.370  -1.734  -9.135  1.00 12.18 ? 41  GLY A C   1 
ATOM   228  O  O   . GLY A 1 41  ? -2.409  -2.381  -9.151  1.00 12.36 ? 41  GLY A O   1 
ATOM   229  N  N   . THR A 1 42  ? -0.185  -2.213  -8.808  1.00 11.94 ? 42  THR A N   1 
ATOM   230  C  CA  . THR A 1 42  ? 0.043   -3.629  -8.486  1.00 12.39 ? 42  THR A CA  1 
ATOM   231  C  C   . THR A 1 42  ? 0.970   -3.746  -7.303  1.00 12.33 ? 42  THR A C   1 
ATOM   232  O  O   . THR A 1 42  ? 1.820   -2.872  -7.087  1.00 13.28 ? 42  THR A O   1 
ATOM   233  C  CB  . THR A 1 42  ? 0.562   -4.469  -9.667  1.00 14.96 ? 42  THR A CB  1 
ATOM   234  O  OG1 . THR A 1 42  ? 1.854   -4.002  -9.987  1.00 16.74 ? 42  THR A OG1 1 
ATOM   235  C  CG2 . THR A 1 42  ? -0.386  -4.412  -10.840 1.00 16.41 ? 42  THR A CG2 1 
ATOM   236  N  N   . TYR A 1 43  ? 0.814   -4.828  -6.548  1.00 10.84 ? 43  TYR A N   1 
ATOM   237  C  CA  . TYR A 1 43  ? 1.639   -5.124  -5.380  1.00 11.07 ? 43  TYR A CA  1 
ATOM   238  C  C   . TYR A 1 43  ? 2.157   -6.534  -5.525  1.00 11.02 ? 43  TYR A C   1 
ATOM   239  O  O   . TYR A 1 43  ? 1.379   -7.433  -5.841  1.00 12.29 ? 43  TYR A O   1 
ATOM   240  C  CB  . TYR A 1 43  ? 0.803   -4.983  -4.091  1.00 11.03 ? 43  TYR A CB  1 
ATOM   241  C  CG  . TYR A 1 43  ? 1.646   -4.787  -2.861  1.00 10.38 ? 43  TYR A CG  1 
ATOM   242  C  CD1 . TYR A 1 43  ? 2.225   -5.847  -2.190  1.00 10.03 ? 43  TYR A CD1 1 
ATOM   243  C  CD2 . TYR A 1 43  ? 1.880   -3.512  -2.370  1.00 9.95  ? 43  TYR A CD2 1 
ATOM   244  C  CE1 . TYR A 1 43  ? 3.017   -5.675  -1.061  1.00 10.89 ? 43  TYR A CE1 1 
ATOM   245  C  CE2 . TYR A 1 43  ? 2.662   -3.326  -1.252  1.00 9.64  ? 43  TYR A CE2 1 
ATOM   246  C  CZ  . TYR A 1 43  ? 3.224   -4.390  -0.593  1.00 9.54  ? 43  TYR A CZ  1 
ATOM   247  O  OH  . TYR A 1 43  ? 3.986   -4.174  0.508   1.00 10.95 ? 43  TYR A OH  1 
ATOM   248  N  N   . GLU A 1 44  ? 3.415   -6.724  -5.215  1.00 11.11 ? 44  GLU A N   1 
ATOM   249  C  CA  . GLU A 1 44  ? 4.028   -8.073  -5.172  1.00 11.58 ? 44  GLU A CA  1 
ATOM   250  C  C   . GLU A 1 44  ? 4.688   -8.201  -3.795  1.00 11.53 ? 44  GLU A C   1 
ATOM   251  O  O   . GLU A 1 44  ? 5.589   -7.444  -3.457  1.00 12.58 ? 44  GLU A O   1 
ATOM   252  C  CB  . GLU A 1 44  ? 5.105   -8.173  -6.265  1.00 14.76 ? 44  GLU A CB  1 
ATOM   253  C  CG  . GLU A 1 44  ? 5.735   -9.528  -6.335  1.00 18.60 ? 44  GLU A CG  1 
ATOM   254  C  CD  . GLU A 1 44  ? 6.629   -9.778  -7.539  1.00 27.70 ? 44  GLU A CD  1 
ATOM   255  O  OE1 . GLU A 1 44  ? 7.101   -10.942 -7.629  1.00 30.32 ? 44  GLU A OE1 1 
ATOM   256  O  OE2 . GLU A 1 44  ? 6.804   -8.858  -8.367  1.00 29.41 ? 44  GLU A OE2 1 
ATOM   257  N  N   . SER A 1 45  ? 4.195   -9.118  -2.992  1.00 12.34 ? 45  SER A N   1 
ATOM   258  C  CA  . SER A 1 45  ? 4.720   -9.391  -1.640  1.00 11.64 ? 45  SER A CA  1 
ATOM   259  C  C   . SER A 1 45  ? 5.902   -10.340 -1.710  1.00 12.79 ? 45  SER A C   1 
ATOM   260  O  O   . SER A 1 45  ? 5.721   -11.459 -2.277  1.00 15.57 ? 45  SER A O   1 
ATOM   261  C  CB  . SER A 1 45  ? 3.655   -9.915  -0.712  1.00 11.53 ? 45  SER A CB  1 
ATOM   262  O  OG  . SER A 1 45  ? 4.256   -10.082 0.563   1.00 11.88 ? 45  SER A OG  1 
ATOM   263  N  N   . ALA A 1 46  ? 6.950   -10.015 -1.010  1.00 13.12 ? 46  ALA A N   1 
ATOM   264  C  CA  . ALA A 1 46  ? 8.088   -10.951 -0.884  1.00 14.42 ? 46  ALA A CA  1 
ATOM   265  C  C   . ALA A 1 46  ? 7.809   -12.031 0.148   1.00 15.32 ? 46  ALA A C   1 
ATOM   266  O  O   . ALA A 1 46  ? 8.630   -12.995 0.278   1.00 16.39 ? 46  ALA A O   1 
ATOM   267  C  CB  . ALA A 1 46  ? 9.340   -10.220 -0.546  1.00 17.25 ? 46  ALA A CB  1 
ATOM   268  N  N   . VAL A 1 47  ? 6.775   -11.905 0.962   1.00 13.81 ? 47  VAL A N   1 
ATOM   269  C  CA  . VAL A 1 47  ? 6.459   -12.856 2.041   1.00 12.78 ? 47  VAL A CA  1 
ATOM   270  C  C   . VAL A 1 47  ? 4.990   -13.277 2.011   1.00 12.50 ? 47  VAL A C   1 
ATOM   271  O  O   . VAL A 1 47  ? 4.132   -12.614 1.394   1.00 12.09 ? 47  VAL A O   1 
ATOM   272  C  CB  . VAL A 1 47  ? 6.806   -12.276 3.425   1.00 12.59 ? 47  VAL A CB  1 
ATOM   273  C  CG1 . VAL A 1 47  ? 8.269   -11.899 3.536   1.00 13.66 ? 47  VAL A CG1 1 
ATOM   274  C  CG2 . VAL A 1 47  ? 5.945   -11.047 3.756   1.00 13.11 ? 47  VAL A CG2 1 
ATOM   275  N  N   . GLY A 1 48  ? 4.721   -14.358 2.720   1.00 12.32 ? 48  GLY A N   1 
ATOM   276  C  CA  . GLY A 1 48  ? 3.366   -14.807 2.947   1.00 11.78 ? 48  GLY A CA  1 
ATOM   277  C  C   . GLY A 1 48  ? 2.796   -15.626 1.825   1.00 12.62 ? 48  GLY A C   1 
ATOM   278  O  O   . GLY A 1 48  ? 3.560   -16.131 0.932   1.00 13.57 ? 48  GLY A O   1 
ATOM   279  N  N   . ASN A 1 49  ? 1.499   -15.832 1.855   1.00 12.30 ? 49  ASN A N   1 
ATOM   280  C  CA  . ASN A 1 49  ? 0.756   -16.703 0.918   1.00 12.67 ? 49  ASN A CA  1 
ATOM   281  C  C   . ASN A 1 49  ? 0.434   -15.867 -0.319  1.00 13.18 ? 49  ASN A C   1 
ATOM   282  O  O   . ASN A 1 49  ? -0.726  -15.446 -0.505  1.00 13.96 ? 49  ASN A O   1 
ATOM   283  C  CB  . ASN A 1 49  ? -0.466  -17.289 1.565   1.00 14.03 ? 49  ASN A CB  1 
ATOM   284  C  CG  . ASN A 1 49  ? -1.125  -18.350 0.704   1.00 17.24 ? 49  ASN A CG  1 
ATOM   285  O  OD1 . ASN A 1 49  ? -0.550  -18.740 -0.340  1.00 18.66 ? 49  ASN A OD1 1 
ATOM   286  N  ND2 . ASN A 1 49  ? -2.339  -18.713 1.050   1.00 18.08 ? 49  ASN A ND2 1 
ATOM   287  N  N   . ALA A 1 50  ? 1.447   -15.630 -1.153  1.00 13.02 ? 50  ALA A N   1 
ATOM   288  C  CA  . ALA A 1 50  ? 1.430   -14.648 -2.242  1.00 13.49 ? 50  ALA A CA  1 
ATOM   289  C  C   . ALA A 1 50  ? 2.418   -15.066 -3.306  1.00 13.99 ? 50  ALA A C   1 
ATOM   290  O  O   . ALA A 1 50  ? 3.523   -15.449 -2.974  1.00 15.48 ? 50  ALA A O   1 
ATOM   291  C  CB  . ALA A 1 50  ? 1.688   -13.244 -1.721  1.00 16.02 ? 50  ALA A CB  1 
ATOM   292  N  N   . GLU A 1 51  ? 2.000   -14.885 -4.543  1.00 13.86 ? 51  GLU A N   1 
ATOM   293  C  CA  . GLU A 1 51  ? 2.973   -14.953 -5.637  1.00 15.53 ? 51  GLU A CA  1 
ATOM   294  C  C   . GLU A 1 51  ? 2.532   -14.021 -6.737  1.00 14.20 ? 51  GLU A C   1 
ATOM   295  O  O   . GLU A 1 51  ? 1.341   -13.855 -7.011  1.00 14.39 ? 51  GLU A O   1 
ATOM   296  C  CB  . GLU A 1 51  ? 3.157   -16.387 -6.144  1.00 20.66 ? 51  GLU A CB  1 
ATOM   297  C  CG  . GLU A 1 51  ? 2.068   -16.903 -6.986  1.00 23.08 ? 51  GLU A CG  1 
ATOM   298  C  CD  . GLU A 1 51  ? 2.288   -18.335 -7.499  1.00 27.27 ? 51  GLU A CD  1 
ATOM   299  O  OE1 . GLU A 1 51  ? 2.777   -18.493 -8.620  1.00 29.15 ? 51  GLU A OE1 1 
ATOM   300  O  OE2 . GLU A 1 51  ? 1.957   -19.251 -6.764  1.00 31.00 ? 51  GLU A OE2 1 
ATOM   301  N  N   A SER A 1 52  ? 3.512   -13.444 -7.405  0.50 15.16 ? 52  SER A N   1 
ATOM   302  N  N   B SER A 1 52  ? 3.521   -13.430 -7.381  0.50 15.60 ? 52  SER A N   1 
ATOM   303  C  CA  A SER A 1 52  ? 3.298   -12.522 -8.535  0.50 15.20 ? 52  SER A CA  1 
ATOM   304  C  CA  B SER A 1 52  ? 3.320   -12.544 -8.539  0.50 15.85 ? 52  SER A CA  1 
ATOM   305  C  C   A SER A 1 52  ? 2.529   -11.277 -8.077  0.50 14.42 ? 52  SER A C   1 
ATOM   306  C  C   B SER A 1 52  ? 2.561   -11.278 -8.096  0.50 14.88 ? 52  SER A C   1 
ATOM   307  O  O   A SER A 1 52  ? 2.514   -10.962 -6.886  0.50 15.51 ? 52  SER A O   1 
ATOM   308  O  O   B SER A 1 52  ? 2.641   -10.910 -6.917  0.50 16.09 ? 52  SER A O   1 
ATOM   309  C  CB  A SER A 1 52  ? 2.590   -13.191 -9.683  0.50 17.65 ? 52  SER A CB  1 
ATOM   310  C  CB  B SER A 1 52  ? 2.660   -13.304 -9.676  0.50 18.98 ? 52  SER A CB  1 
ATOM   311  O  OG  A SER A 1 52  ? 2.741   -12.413 -10.870 0.50 19.64 ? 52  SER A OG  1 
ATOM   312  O  OG  B SER A 1 52  ? 3.583   -14.230 -10.262 0.50 21.70 ? 52  SER A OG  1 
ATOM   313  N  N   . ARG A 1 53  ? 1.956   -10.584 -9.048  1.00 14.52 ? 53  ARG A N   1 
ATOM   314  C  CA  . ARG A 1 53  ? 1.276   -9.308  -8.767  1.00 13.70 ? 53  ARG A CA  1 
ATOM   315  C  C   . ARG A 1 53  ? -0.205  -9.418  -8.416  1.00 13.05 ? 53  ARG A C   1 
ATOM   316  O  O   . ARG A 1 53  ? -0.883  -10.259 -8.918  1.00 13.33 ? 53  ARG A O   1 
ATOM   317  C  CB  . ARG A 1 53  ? 1.471   -8.386  -9.975  1.00 16.42 ? 53  ARG A CB  1 
ATOM   318  C  CG  . ARG A 1 53  ? 2.905   -7.921  -10.190 1.00 20.01 ? 53  ARG A CG  1 
ATOM   319  C  CD  . ARG A 1 53  ? 3.061   -7.241  -11.534 1.00 28.99 ? 53  ARG A CD  1 
ATOM   320  N  NE  A ARG A 1 53  ? 4.366   -6.295  -11.648 0.50 31.56 ? 53  ARG A NE  1 
ATOM   321  N  NE  B ARG A 1 53  ? 2.639   -8.050  -12.725 0.50 31.41 ? 53  ARG A NE  1 
ATOM   322  C  CZ  A ARG A 1 53  ? 4.792   -5.847  -12.827 0.50 37.01 ? 53  ARG A CZ  1 
ATOM   323  C  CZ  B ARG A 1 53  ? 3.303   -9.013  -13.350 0.50 39.90 ? 53  ARG A CZ  1 
ATOM   324  N  NH1 A ARG A 1 53  ? 5.860   -5.077  -12.887 0.50 42.03 ? 53  ARG A NH1 1 
ATOM   325  N  NH1 B ARG A 1 53  ? 2.773   -9.588  -14.414 0.50 45.20 ? 53  ARG A NH1 1 
ATOM   326  N  NH2 A ARG A 1 53  ? 4.138   -6.157  -13.926 0.50 37.48 ? 53  ARG A NH2 1 
ATOM   327  N  NH2 B ARG A 1 53  ? 4.496   -9.388  -12.922 0.50 42.54 ? 53  ARG A NH2 1 
ATOM   328  N  N   . TYR A 1 54  ? -0.627  -8.490  -7.560  1.00 11.53 ? 54  TYR A N   1 
ATOM   329  C  CA  . TYR A 1 54  ? -2.037  -8.351  -7.181  1.00 11.65 ? 54  TYR A CA  1 
ATOM   330  C  C   . TYR A 1 54  ? -2.467  -6.913  -7.447  1.00 10.08 ? 54  TYR A C   1 
ATOM   331  O  O   . TYR A 1 54  ? -1.693  -5.988  -7.286  1.00 12.38 ? 54  TYR A O   1 
ATOM   332  C  CB  . TYR A 1 54  ? -2.172  -8.666  -5.677  1.00 9.89  ? 54  TYR A CB  1 
ATOM   333  C  CG  . TYR A 1 54  ? -1.829  -10.091 -5.352  1.00 10.06 ? 54  TYR A CG  1 
ATOM   334  C  CD1 . TYR A 1 54  ? -0.506  -10.430 -5.139  1.00 10.14 ? 54  TYR A CD1 1 
ATOM   335  C  CD2 . TYR A 1 54  ? -2.806  -11.065 -5.174  1.00 10.46 ? 54  TYR A CD2 1 
ATOM   336  C  CE1 . TYR A 1 54  ? -0.163  -11.755 -4.870  1.00 10.81 ? 54  TYR A CE1 1 
ATOM   337  C  CE2 . TYR A 1 54  ? -2.472  -12.384 -4.870  1.00 10.49 ? 54  TYR A CE2 1 
ATOM   338  C  CZ  . TYR A 1 54  ? -1.139  -12.713 -4.719  1.00 11.56 ? 54  TYR A CZ  1 
ATOM   339  O  OH  . TYR A 1 54  ? -0.839  -14.041 -4.518  1.00 12.38 ? 54  TYR A OH  1 
ATOM   340  N  N   . VAL A 1 55  ? -3.726  -6.769  -7.798  1.00 11.46 ? 55  VAL A N   1 
ATOM   341  C  CA  . VAL A 1 55  ? -4.283  -5.429  -8.085  1.00 12.28 ? 55  VAL A CA  1 
ATOM   342  C  C   . VAL A 1 55  ? -4.331  -4.579  -6.811  1.00 11.20 ? 55  VAL A C   1 
ATOM   343  O  O   . VAL A 1 55  ? -4.644  -5.140  -5.768  1.00 12.28 ? 55  VAL A O   1 
ATOM   344  C  CB  . VAL A 1 55  ? -5.696  -5.558  -8.676  1.00 12.90 ? 55  VAL A CB  1 
ATOM   345  C  CG1 . VAL A 1 55  ? -6.387  -4.207  -8.758  1.00 14.19 ? 55  VAL A CG1 1 
ATOM   346  C  CG2 . VAL A 1 55  ? -5.646  -6.205  -10.044 1.00 13.38 ? 55  VAL A CG2 1 
ATOM   347  N  N   . LEU A 1 56  ? -4.007  -3.314  -6.902  1.00 11.47 ? 56  LEU A N   1 
ATOM   348  C  CA  . LEU A 1 56  ? -4.262  -2.444  -5.747  1.00 12.78 ? 56  LEU A CA  1 
ATOM   349  C  C   . LEU A 1 56  ? -4.996  -1.204  -6.226  1.00 13.89 ? 56  LEU A C   1 
ATOM   350  O  O   . LEU A 1 56  ? -4.897  -0.836  -7.344  1.00 14.26 ? 56  LEU A O   1 
ATOM   351  C  CB  . LEU A 1 56  ? -2.979  -2.063  -5.032  1.00 15.44 ? 56  LEU A CB  1 
ATOM   352  C  CG  . LEU A 1 56  ? -2.081  -1.057  -5.714  1.00 14.13 ? 56  LEU A CG  1 
ATOM   353  C  CD1 . LEU A 1 56  ? -2.446  0.386   -5.332  1.00 14.03 ? 56  LEU A CD1 1 
ATOM   354  C  CD2 . LEU A 1 56  ? -0.664  -1.343  -5.282  1.00 16.94 ? 56  LEU A CD2 1 
ATOM   355  N  N   A THR A 1 57  ? -5.746  -0.662  -5.273  0.50 13.12 ? 57  THR A N   1 
ATOM   356  N  N   B THR A 1 57  ? -5.774  -0.666  -5.286  0.50 13.12 ? 57  THR A N   1 
ATOM   357  C  CA  A THR A 1 57  ? -6.455  0.611   -5.469  0.50 13.10 ? 57  THR A CA  1 
ATOM   358  C  CA  B THR A 1 57  ? -6.476  0.623   -5.470  0.50 13.10 ? 57  THR A CA  1 
ATOM   359  C  C   A THR A 1 57  ? -6.442  1.381   -4.149  0.50 11.86 ? 57  THR A C   1 
ATOM   360  C  C   B THR A 1 57  ? -6.443  1.382   -4.147  0.50 11.86 ? 57  THR A C   1 
ATOM   361  O  O   A THR A 1 57  ? -6.475  0.791   -3.128  0.50 12.37 ? 57  THR A O   1 
ATOM   362  O  O   B THR A 1 57  ? -6.475  0.791   -3.128  0.50 12.37 ? 57  THR A O   1 
ATOM   363  C  CB  A THR A 1 57  ? -7.869  0.386   -6.005  0.50 14.76 ? 57  THR A CB  1 
ATOM   364  C  CB  B THR A 1 57  ? -7.907  0.501   -6.013  0.50 14.76 ? 57  THR A CB  1 
ATOM   365  O  OG1 A THR A 1 57  ? -8.368  1.665   -6.330  0.50 15.98 ? 57  THR A OG1 1 
ATOM   366  O  OG1 B THR A 1 57  ? -8.686  -0.169  -5.035  0.50 15.98 ? 57  THR A OG1 1 
ATOM   367  C  CG2 A THR A 1 57  ? -8.764  -0.218  -4.964  0.50 15.75 ? 57  THR A CG2 1 
ATOM   368  C  CG2 B THR A 1 57  ? -7.964  -0.285  -7.298  0.50 15.75 ? 57  THR A CG2 1 
ATOM   369  N  N   . GLY A 1 58  ? -6.410  2.687   -4.256  1.00 11.09 ? 58  GLY A N   1 
ATOM   370  C  CA  . GLY A 1 58  ? -6.449  3.522   -3.063  1.00 10.99 ? 58  GLY A CA  1 
ATOM   371  C  C   . GLY A 1 58  ? -6.692  4.961   -3.363  1.00 10.29 ? 58  GLY A C   1 
ATOM   372  O  O   . GLY A 1 58  ? -7.137  5.278   -4.474  1.00 10.77 ? 58  GLY A O   1 
ATOM   373  N  N   . ARG A 1 59  ? -6.369  5.798   -2.407  1.00 10.33 ? 59  ARG A N   1 
ATOM   374  C  CA  . ARG A 1 59  ? -6.651  7.247   -2.483  1.00 9.76  ? 59  ARG A CA  1 
ATOM   375  C  C   . ARG A 1 59  ? -5.515  7.985   -1.827  1.00 11.20 ? 59  ARG A C   1 
ATOM   376  O  O   . ARG A 1 59  ? -4.953  7.515   -0.846  1.00 11.38 ? 59  ARG A O   1 
ATOM   377  C  CB  . ARG A 1 59  ? -7.975  7.612   -1.789  1.00 10.84 ? 59  ARG A CB  1 
ATOM   378  C  CG  . ARG A 1 59  ? -9.220  6.958   -2.334  1.00 11.87 ? 59  ARG A CG  1 
ATOM   379  C  CD  . ARG A 1 59  ? -9.685  7.383   -3.694  1.00 11.90 ? 59  ARG A CD  1 
ATOM   380  N  NE  . ARG A 1 59  ? -10.031 8.809   -3.659  1.00 11.74 ? 59  ARG A NE  1 
ATOM   381  C  CZ  . ARG A 1 59  ? -10.140 9.580   -4.716  1.00 13.95 ? 59  ARG A CZ  1 
ATOM   382  N  NH1 . ARG A 1 59  ? -10.033 9.037   -5.903  1.00 15.21 ? 59  ARG A NH1 1 
ATOM   383  N  NH2 . ARG A 1 59  ? -10.429 10.870  -4.555  1.00 15.13 ? 59  ARG A NH2 1 
ATOM   384  N  N   . TYR A 1 60  ? -5.308  9.243   -2.221  1.00 11.14 ? 60  TYR A N   1 
ATOM   385  C  CA  . TYR A 1 60  ? -4.330  10.104  -1.555  1.00 11.18 ? 60  TYR A CA  1 
ATOM   386  C  C   . TYR A 1 60  ? -4.925  11.524  -1.517  1.00 10.83 ? 60  TYR A C   1 
ATOM   387  O  O   . TYR A 1 60  ? -5.793  11.830  -2.343  1.00 12.64 ? 60  TYR A O   1 
ATOM   388  C  CB  . TYR A 1 60  ? -2.930  10.058  -2.202  1.00 11.82 ? 60  TYR A CB  1 
ATOM   389  C  CG  . TYR A 1 60  ? -2.807  10.825  -3.516  1.00 12.85 ? 60  TYR A CG  1 
ATOM   390  C  CD1 . TYR A 1 60  ? -3.396  10.349  -4.668  1.00 13.36 ? 60  TYR A CD1 1 
ATOM   391  C  CD2 . TYR A 1 60  ? -2.113  12.026  -3.564  1.00 14.09 ? 60  TYR A CD2 1 
ATOM   392  C  CE1 . TYR A 1 60  ? -3.266  11.022  -5.880  1.00 15.07 ? 60  TYR A CE1 1 
ATOM   393  C  CE2 . TYR A 1 60  ? -2.015  12.730  -4.755  1.00 14.96 ? 60  TYR A CE2 1 
ATOM   394  C  CZ  . TYR A 1 60  ? -2.620  12.246  -5.882  1.00 15.86 ? 60  TYR A CZ  1 
ATOM   395  O  OH  . TYR A 1 60  ? -2.504  12.956  -7.079  1.00 17.47 ? 60  TYR A OH  1 
ATOM   396  N  N   . ASP A 1 61  ? -4.413  12.314  -0.614  1.00 10.99 ? 61  ASP A N   1 
ATOM   397  C  CA  . ASP A 1 61  ? -4.724  13.775  -0.507  1.00 12.23 ? 61  ASP A CA  1 
ATOM   398  C  C   . ASP A 1 61  ? -4.001  14.501  -1.651  1.00 14.08 ? 61  ASP A C   1 
ATOM   399  O  O   . ASP A 1 61  ? -2.780  14.655  -1.586  1.00 15.19 ? 61  ASP A O   1 
ATOM   400  C  CB  . ASP A 1 61  ? -4.321  14.315  0.851   1.00 12.75 ? 61  ASP A CB  1 
ATOM   401  C  CG  . ASP A 1 61  ? -4.564  15.825  1.039   1.00 13.08 ? 61  ASP A CG  1 
ATOM   402  O  OD1 . ASP A 1 61  ? -5.194  16.423  0.108   1.00 15.41 ? 61  ASP A OD1 1 
ATOM   403  O  OD2 . ASP A 1 61  ? -4.158  16.304  2.056   1.00 14.24 ? 61  ASP A OD2 1 
ATOM   404  N  N   . SER A 1 62  ? -4.769  14.963  -2.641  1.00 15.26 ? 62  SER A N   1 
ATOM   405  C  CA  . SER A 1 62  ? -4.214  15.623  -3.846  1.00 17.15 ? 62  SER A CA  1 
ATOM   406  C  C   . SER A 1 62  ? -3.956  17.114  -3.582  1.00 19.37 ? 62  SER A C   1 
ATOM   407  O  O   . SER A 1 62  ? -3.399  17.773  -4.507  1.00 23.32 ? 62  SER A O   1 
ATOM   408  C  CB  . SER A 1 62  ? -5.097  15.352  -5.024  1.00 19.41 ? 62  SER A CB  1 
ATOM   409  O  OG  . SER A 1 62  ? -6.412  15.827  -4.792  1.00 24.23 ? 62  SER A OG  1 
ATOM   410  N  N   . ALA A 1 63  ? -4.230  17.644  -2.409  1.00 16.97 ? 63  ALA A N   1 
ATOM   411  C  CA  . ALA A 1 63  ? -3.943  19.064  -2.080  1.00 18.07 ? 63  ALA A CA  1 
ATOM   412  C  C   . ALA A 1 63  ? -3.484  19.125  -0.628  1.00 19.22 ? 63  ALA A C   1 
ATOM   413  O  O   . ALA A 1 63  ? -4.184  19.585  0.276   1.00 20.74 ? 63  ALA A O   1 
ATOM   414  C  CB  . ALA A 1 63  ? -5.162  19.895  -2.355  1.00 21.47 ? 63  ALA A CB  1 
ATOM   415  N  N   . PRO A 1 64  ? -2.297  18.576  -0.314  1.00 20.11 ? 64  PRO A N   1 
ATOM   416  C  CA  . PRO A 1 64  ? -1.853  18.514  1.074   1.00 19.93 ? 64  PRO A CA  1 
ATOM   417  C  C   . PRO A 1 64  ? -1.460  19.873  1.655   1.00 22.28 ? 64  PRO A C   1 
ATOM   418  O  O   . PRO A 1 64  ? -1.424  20.863  0.903   1.00 24.42 ? 64  PRO A O   1 
ATOM   419  C  CB  . PRO A 1 64  ? -0.662  17.559  0.991   1.00 23.28 ? 64  PRO A CB  1 
ATOM   420  C  CG  . PRO A 1 64  ? -0.123  17.810  -0.374  1.00 22.13 ? 64  PRO A CG  1 
ATOM   421  C  CD  . PRO A 1 64  ? -1.335  17.993  -1.261  1.00 22.17 ? 64  PRO A CD  1 
ATOM   422  N  N   . ALA A 1 65  ? -1.225  19.892  2.944   1.00 20.91 ? 65  ALA A N   1 
ATOM   423  C  CA  . ALA A 1 65  ? -0.850  21.115  3.684   1.00 25.48 ? 65  ALA A CA  1 
ATOM   424  C  C   . ALA A 1 65  ? 0.504   21.565  3.136   1.00 29.41 ? 65  ALA A C   1 
ATOM   425  O  O   . ALA A 1 65  ? 1.255   20.743  2.630   1.00 30.68 ? 65  ALA A O   1 
ATOM   426  C  CB  . ALA A 1 65  ? -0.895  20.896  5.176   1.00 25.50 ? 65  ALA A CB  1 
ATOM   427  N  N   . THR A 1 66  ? 0.749   22.874  3.168   1.00 35.43 ? 66  THR A N   1 
ATOM   428  C  CA  . THR A 1 66  ? 2.001   23.462  2.628   1.00 39.35 ? 66  THR A CA  1 
ATOM   429  C  C   . THR A 1 66  ? 2.900   23.913  3.781   1.00 42.95 ? 66  THR A C   1 
ATOM   430  O  O   . THR A 1 66  ? 3.637   24.847  3.602   1.00 48.20 ? 66  THR A O   1 
ATOM   431  C  CB  . THR A 1 66  ? 1.662   24.692  1.782   1.00 40.54 ? 66  THR A CB  1 
ATOM   432  O  OG1 . THR A 1 66  ? 1.130   25.658  2.677   1.00 43.27 ? 66  THR A OG1 1 
ATOM   433  C  CG2 . THR A 1 66  ? 0.612   24.429  0.736   1.00 45.33 ? 66  THR A CG2 1 
ATOM   434  N  N   . ASP A 1 67  ? 2.825   23.243  4.915   1.00 36.14 ? 67  ASP A N   1 
ATOM   435  C  CA  . ASP A 1 67  ? 3.550   23.587  6.161   1.00 37.40 ? 67  ASP A CA  1 
ATOM   436  C  C   . ASP A 1 67  ? 4.644   22.544  6.440   1.00 33.91 ? 67  ASP A C   1 
ATOM   437  O  O   . ASP A 1 67  ? 5.121   22.482  7.593   1.00 42.58 ? 67  ASP A O   1 
ATOM   438  C  CB  . ASP A 1 67  ? 2.555   23.697  7.321   1.00 35.68 ? 67  ASP A CB  1 
ATOM   439  C  CG  . ASP A 1 67  ? 1.735   22.437  7.576   1.00 36.38 ? 67  ASP A CG  1 
ATOM   440  O  OD1 . ASP A 1 67  ? 2.012   21.386  6.916   1.00 32.82 ? 67  ASP A OD1 1 
ATOM   441  O  OD2 . ASP A 1 67  ? 0.845   22.504  8.432   1.00 40.80 ? 67  ASP A OD2 1 
ATOM   442  N  N   . GLY A 1 68  ? 5.004   21.728  5.447   1.00 32.80 ? 68  GLY A N   1 
ATOM   443  C  CA  . GLY A 1 68  ? 6.019   20.668  5.599   1.00 32.49 ? 68  GLY A CA  1 
ATOM   444  C  C   . GLY A 1 68  ? 5.424   19.340  6.105   1.00 27.75 ? 68  GLY A C   1 
ATOM   445  O  O   . GLY A 1 68  ? 6.203   18.410  6.418   1.00 28.50 ? 68  GLY A O   1 
ATOM   446  N  N   . SER A 1 69  ? 4.113   19.255  6.236   1.00 22.64 ? 69  SER A N   1 
ATOM   447  C  CA  . SER A 1 69  ? 3.462   17.974  6.593   1.00 19.35 ? 69  SER A CA  1 
ATOM   448  C  C   . SER A 1 69  ? 3.599   17.005  5.424   1.00 17.74 ? 69  SER A C   1 
ATOM   449  O  O   . SER A 1 69  ? 3.653   17.393  4.256   1.00 19.89 ? 69  SER A O   1 
ATOM   450  C  CB  . SER A 1 69  ? 2.039   18.156  6.956   1.00 21.95 ? 69  SER A CB  1 
ATOM   451  O  OG  . SER A 1 69  ? 1.884   18.951  8.139   1.00 29.15 ? 69  SER A OG  1 
ATOM   452  N  N   . GLY A 1 70  ? 3.513   15.712  5.720   1.00 14.46 ? 70  GLY A N   1 
ATOM   453  C  CA  . GLY A 1 70  ? 3.389   14.648  4.745   1.00 14.37 ? 70  GLY A CA  1 
ATOM   454  C  C   . GLY A 1 70  ? 2.018   14.652  4.086   1.00 12.93 ? 70  GLY A C   1 
ATOM   455  O  O   . GLY A 1 70  ? 1.144   15.392  4.464   1.00 14.15 ? 70  GLY A O   1 
ATOM   456  N  N   . THR A 1 71  ? 1.900   13.789  3.110   1.00 11.83 ? 71  THR A N   1 
ATOM   457  C  CA  . THR A 1 71  ? 0.693   13.629  2.279   1.00 12.11 ? 71  THR A CA  1 
ATOM   458  C  C   . THR A 1 71  ? 0.014   12.306  2.667   1.00 11.22 ? 71  THR A C   1 
ATOM   459  O  O   . THR A 1 71  ? 0.574   11.231  2.404   1.00 12.18 ? 71  THR A O   1 
ATOM   460  C  CB  . THR A 1 71  ? 1.016   13.596  0.793   1.00 14.81 ? 71  THR A CB  1 
ATOM   461  O  OG1 . THR A 1 71  ? 1.688   14.869  0.519   1.00 17.13 ? 71  THR A OG1 1 
ATOM   462  C  CG2 . THR A 1 71  ? -0.210  13.400  -0.059  1.00 15.70 ? 71  THR A CG2 1 
ATOM   463  N  N   . ALA A 1 72  ? -1.193  12.387  3.207   1.00 12.01 ? 72  ALA A N   1 
ATOM   464  C  CA  . ALA A 1 72  ? -1.931  11.190  3.664   1.00 10.86 ? 72  ALA A CA  1 
ATOM   465  C  C   . ALA A 1 72  ? -2.383  10.359  2.457   1.00 10.80 ? 72  ALA A C   1 
ATOM   466  O  O   . ALA A 1 72  ? -2.797  10.899  1.404   1.00 11.54 ? 72  ALA A O   1 
ATOM   467  C  CB  . ALA A 1 72  ? -3.104  11.608  4.504   1.00 11.73 ? 72  ALA A CB  1 
ATOM   468  N  N   A LEU A 1 73  ? -2.308  9.026   2.578   0.50 10.29 ? 73  LEU A N   1 
ATOM   469  N  N   B LEU A 1 73  ? -2.339  9.033   2.614   0.50 10.79 ? 73  LEU A N   1 
ATOM   470  C  CA  A LEU A 1 73  ? -2.742  8.098   1.520   0.50 10.74 ? 73  LEU A CA  1 
ATOM   471  C  CA  B LEU A 1 73  ? -2.775  8.106   1.564   0.50 11.52 ? 73  LEU A CA  1 
ATOM   472  C  C   A LEU A 1 73  ? -3.036  6.731   2.122   0.50 10.96 ? 73  LEU A C   1 
ATOM   473  C  C   B LEU A 1 73  ? -3.069  6.734   2.147   0.50 11.42 ? 73  LEU A C   1 
ATOM   474  O  O   A LEU A 1 73  ? -2.680  6.473   3.283   0.50 11.04 ? 73  LEU A O   1 
ATOM   475  O  O   B LEU A 1 73  ? -2.717  6.466   3.305   0.50 11.40 ? 73  LEU A O   1 
ATOM   476  C  CB  A LEU A 1 73  ? -1.694  7.997   0.393   0.50 10.71 ? 73  LEU A CB  1 
ATOM   477  C  CB  B LEU A 1 73  ? -1.695  8.016   0.482   0.50 12.19 ? 73  LEU A CB  1 
ATOM   478  C  CG  A LEU A 1 73  ? -0.543  7.007   0.580   0.50 10.82 ? 73  LEU A CG  1 
ATOM   479  C  CG  B LEU A 1 73  ? -0.290  7.630   0.920   0.50 13.57 ? 73  LEU A CG  1 
ATOM   480  C  CD1 A LEU A 1 73  ? 0.323   6.853   -0.683  0.50 12.33 ? 73  LEU A CD1 1 
ATOM   481  C  CD1 B LEU A 1 73  ? -0.214  6.219   1.455   0.50 14.76 ? 73  LEU A CD1 1 
ATOM   482  C  CD2 A LEU A 1 73  ? 0.303   7.491   1.748   0.50 11.67 ? 73  LEU A CD2 1 
ATOM   483  C  CD2 B LEU A 1 73  ? 0.644   7.791   -0.262  0.50 13.94 ? 73  LEU A CD2 1 
ATOM   484  N  N   . GLY A 1 74  ? -3.725  5.916   1.347   1.00 10.31 ? 74  GLY A N   1 
ATOM   485  C  CA  . GLY A 1 74  ? -3.961  4.538   1.732   1.00 9.62  ? 74  GLY A CA  1 
ATOM   486  C  C   . GLY A 1 74  ? -4.277  3.716   0.553   1.00 9.35  ? 74  GLY A C   1 
ATOM   487  O  O   . GLY A 1 74  ? -4.699  4.272   -0.511  1.00 9.59  ? 74  GLY A O   1 
ATOM   488  N  N   . TRP A 1 75  ? -4.131  2.400   0.657   1.00 8.75  ? 75  TRP A N   1 
ATOM   489  C  CA  . TRP A 1 75  ? -4.498  1.492   -0.426  1.00 9.08  ? 75  TRP A CA  1 
ATOM   490  C  C   . TRP A 1 75  ? -4.820  0.120   0.106   1.00 9.03  ? 75  TRP A C   1 
ATOM   491  O  O   . TRP A 1 75  ? -4.469  -0.205  1.232   1.00 9.76  ? 75  TRP A O   1 
ATOM   492  C  CB  . TRP A 1 75  ? -3.460  1.418   -1.561  1.00 9.33  ? 75  TRP A CB  1 
ATOM   493  C  CG  . TRP A 1 75  ? -2.157  0.788   -1.163  1.00 9.39  ? 75  TRP A CG  1 
ATOM   494  C  CD1 . TRP A 1 75  ? -1.826  -0.529  -1.341  1.00 10.14 ? 75  TRP A CD1 1 
ATOM   495  C  CD2 . TRP A 1 75  ? -1.010  1.426   -0.585  1.00 9.81  ? 75  TRP A CD2 1 
ATOM   496  N  NE1 . TRP A 1 75  ? -0.549  -0.723  -0.903  1.00 11.36 ? 75  TRP A NE1 1 
ATOM   497  C  CE2 . TRP A 1 75  ? -0.040  0.420   -0.413  1.00 10.23 ? 75  TRP A CE2 1 
ATOM   498  C  CE3 . TRP A 1 75  ? -0.708  2.731   -0.233  1.00 10.07 ? 75  TRP A CE3 1 
ATOM   499  C  CZ2 . TRP A 1 75  ? 1.216   0.704   0.156   1.00 10.59 ? 75  TRP A CZ2 1 
ATOM   500  C  CZ3 . TRP A 1 75  ? 0.518   3.002   0.348   1.00 11.25 ? 75  TRP A CZ3 1 
ATOM   501  C  CH2 . TRP A 1 75  ? 1.461   1.987   0.497   1.00 11.36 ? 75  TRP A CH2 1 
ATOM   502  N  N   . THR A 1 76  ? -5.453  -0.668  -0.733  1.00 9.04  ? 76  THR A N   1 
ATOM   503  C  CA  . THR A 1 76  ? -5.901  -2.019  -0.424  1.00 9.09  ? 76  THR A CA  1 
ATOM   504  C  C   . THR A 1 76  ? -5.377  -2.999  -1.473  1.00 9.60  ? 76  THR A C   1 
ATOM   505  O  O   . THR A 1 76  ? -5.463  -2.690  -2.689  1.00 10.19 ? 76  THR A O   1 
ATOM   506  C  CB  . THR A 1 76  ? -7.425  -2.157  -0.394  1.00 10.06 ? 76  THR A CB  1 
ATOM   507  O  OG1 . THR A 1 76  ? -7.945  -1.200  0.551   1.00 11.79 ? 76  THR A OG1 1 
ATOM   508  C  CG2 . THR A 1 76  ? -7.875  -3.536  0.019   1.00 10.87 ? 76  THR A CG2 1 
ATOM   509  N  N   . VAL A 1 77  ? -4.986  -4.185  -1.027  1.00 9.66  ? 77  VAL A N   1 
ATOM   510  C  CA  . VAL A 1 77  ? -4.792  -5.386  -1.875  1.00 9.98  ? 77  VAL A CA  1 
ATOM   511  C  C   . VAL A 1 77  ? -5.677  -6.482  -1.332  1.00 10.33 ? 77  VAL A C   1 
ATOM   512  O  O   . VAL A 1 77  ? -5.566  -6.788  -0.127  1.00 11.08 ? 77  VAL A O   1 
ATOM   513  C  CB  . VAL A 1 77  ? -3.322  -5.828  -1.826  1.00 10.07 ? 77  VAL A CB  1 
ATOM   514  C  CG1 . VAL A 1 77  ? -3.145  -7.205  -2.449  1.00 12.06 ? 77  VAL A CG1 1 
ATOM   515  C  CG2 . VAL A 1 77  ? -2.432  -4.818  -2.480  1.00 10.66 ? 77  VAL A CG2 1 
ATOM   516  N  N   . ALA A 1 78  ? -6.501  -7.121  -2.139  1.00 10.11 ? 78  ALA A N   1 
ATOM   517  C  CA  . ALA A 1 78  ? -7.099  -8.424  -1.834  1.00 9.68  ? 78  ALA A CA  1 
ATOM   518  C  C   . ALA A 1 78  ? -6.204  -9.498  -2.432  1.00 10.86 ? 78  ALA A C   1 
ATOM   519  O  O   . ALA A 1 78  ? -5.824  -9.397  -3.605  1.00 10.70 ? 78  ALA A O   1 
ATOM   520  C  CB  . ALA A 1 78  ? -8.487  -8.546  -2.403  1.00 11.23 ? 78  ALA A CB  1 
ATOM   521  N  N   . TRP A 1 79  ? -5.838  -10.475 -1.647  1.00 10.39 ? 79  TRP A N   1 
ATOM   522  C  CA  . TRP A 1 79  ? -4.784  -11.457 -1.997  1.00 9.97  ? 79  TRP A CA  1 
ATOM   523  C  C   . TRP A 1 79  ? -5.317  -12.617 -2.838  1.00 11.44 ? 79  TRP A C   1 
ATOM   524  O  O   . TRP A 1 79  ? -5.034  -13.779 -2.556  1.00 11.83 ? 79  TRP A O   1 
ATOM   525  C  CB  . TRP A 1 79  ? -4.046  -11.909 -0.747  1.00 10.37 ? 79  TRP A CB  1 
ATOM   526  C  CG  . TRP A 1 79  ? -3.385  -10.780 -0.029  1.00 10.49 ? 79  TRP A CG  1 
ATOM   527  C  CD1 . TRP A 1 79  ? -3.779  -10.179 1.130   1.00 10.69 ? 79  TRP A CD1 1 
ATOM   528  C  CD2 . TRP A 1 79  ? -2.183  -10.157 -0.441  1.00 10.19 ? 79  TRP A CD2 1 
ATOM   529  N  NE1 . TRP A 1 79  ? -2.887  -9.192  1.450   1.00 10.51 ? 79  TRP A NE1 1 
ATOM   530  C  CE2 . TRP A 1 79  ? -1.924  -9.107  0.478   1.00 10.64 ? 79  TRP A CE2 1 
ATOM   531  C  CE3 . TRP A 1 79  ? -1.318  -10.294 -1.545  1.00 10.20 ? 79  TRP A CE3 1 
ATOM   532  C  CZ2 . TRP A 1 79  ? -0.806  -8.301  0.395   1.00 11.08 ? 79  TRP A CZ2 1 
ATOM   533  C  CZ3 . TRP A 1 79  ? -0.217  -9.481  -1.645  1.00 11.42 ? 79  TRP A CZ3 1 
ATOM   534  C  CH2 . TRP A 1 79  ? 0.024   -8.470  -0.695  1.00 10.98 ? 79  TRP A CH2 1 
ATOM   535  N  N   . LYS A 1 80  ? -5.998  -12.254 -3.899  1.00 11.67 ? 80  LYS A N   1 
ATOM   536  C  CA  . LYS A 1 80  ? -6.499  -13.163 -4.958  1.00 11.35 ? 80  LYS A CA  1 
ATOM   537  C  C   . LYS A 1 80  ? -5.928  -12.670 -6.258  1.00 11.13 ? 80  LYS A C   1 
ATOM   538  O  O   . LYS A 1 80  ? -6.111  -11.516 -6.653  1.00 12.26 ? 80  LYS A O   1 
ATOM   539  C  CB  . LYS A 1 80  ? -8.007  -13.174 -5.031  1.00 12.77 ? 80  LYS A CB  1 
ATOM   540  C  CG  . LYS A 1 80  ? -8.570  -14.051 -6.155  1.00 15.43 ? 80  LYS A CG  1 
ATOM   541  C  CD  . LYS A 1 80  ? -10.058 -14.045 -6.158  1.00 18.83 ? 80  LYS A CD  1 
ATOM   542  C  CE  . LYS A 1 80  ? -10.665 -14.794 -7.333  1.00 22.83 ? 80  LYS A CE  1 
ATOM   543  N  NZ  . LYS A 1 80  ? -10.321 -14.129 -8.610  1.00 29.46 ? 80  LYS A NZ  1 
ATOM   544  N  N   . ASN A 1 81  ? -5.316  -13.606 -7.000  1.00 11.71 ? 81  ASN A N   1 
ATOM   545  C  CA  . ASN A 1 81  ? -4.919  -13.356 -8.396  1.00 12.64 ? 81  ASN A CA  1 
ATOM   546  C  C   . ASN A 1 81  ? -5.100  -14.685 -9.142  1.00 12.79 ? 81  ASN A C   1 
ATOM   547  O  O   . ASN A 1 81  ? -5.780  -15.589 -8.667  1.00 14.35 ? 81  ASN A O   1 
ATOM   548  C  CB  . ASN A 1 81  ? -3.530  -12.730 -8.498  1.00 12.71 ? 81  ASN A CB  1 
ATOM   549  C  CG  . ASN A 1 81  ? -2.392  -13.632 -8.098  1.00 11.98 ? 81  ASN A CG  1 
ATOM   550  O  OD1 . ASN A 1 81  ? -2.625  -14.828 -7.816  1.00 12.94 ? 81  ASN A OD1 1 
ATOM   551  N  ND2 . ASN A 1 81  ? -1.200  -13.055 -7.988  1.00 11.93 ? 81  ASN A ND2 1 
ATOM   552  N  N   . ASN A 1 82  ? -4.534  -14.742 -10.337 1.00 14.51 ? 82  ASN A N   1 
ATOM   553  C  CA  . ASN A 1 82  ? -4.737  -15.964 -11.174 1.00 17.88 ? 82  ASN A CA  1 
ATOM   554  C  C   . ASN A 1 82  ? -3.995  -17.158 -10.602 1.00 18.10 ? 82  ASN A C   1 
ATOM   555  O  O   . ASN A 1 82  ? -4.269  -18.309 -11.041 1.00 20.46 ? 82  ASN A O   1 
ATOM   556  C  CB  . ASN A 1 82  ? -4.344  -15.699 -12.619 1.00 19.83 ? 82  ASN A CB  1 
ATOM   557  C  CG  . ASN A 1 82  ? -5.342  -14.816 -13.332 1.00 27.00 ? 82  ASN A CG  1 
ATOM   558  O  OD1 . ASN A 1 82  ? -6.518  -14.797 -12.970 1.00 33.64 ? 82  ASN A OD1 1 
ATOM   559  N  ND2 . ASN A 1 82  ? -4.905  -14.158 -14.393 1.00 33.89 ? 82  ASN A ND2 1 
ATOM   560  N  N   . TYR A 1 83  ? -3.068  -16.964 -9.683  1.00 16.15 ? 83  TYR A N   1 
ATOM   561  C  CA  . TYR A 1 83  ? -2.190  -18.021 -9.153  1.00 15.73 ? 83  TYR A CA  1 
ATOM   562  C  C   . TYR A 1 83  ? -2.656  -18.574 -7.813  1.00 17.39 ? 83  TYR A C   1 
ATOM   563  O  O   . TYR A 1 83  ? -2.522  -19.778 -7.539  1.00 16.80 ? 83  TYR A O   1 
ATOM   564  C  CB  . TYR A 1 83  ? -0.768  -17.521 -8.977  1.00 16.90 ? 83  TYR A CB  1 
ATOM   565  C  CG  . TYR A 1 83  ? -0.123  -17.074 -10.264 1.00 18.23 ? 83  TYR A CG  1 
ATOM   566  C  CD1 . TYR A 1 83  ? 0.377   -18.034 -11.133 1.00 23.64 ? 83  TYR A CD1 1 
ATOM   567  C  CD2 . TYR A 1 83  ? -0.121  -15.769 -10.670 1.00 20.94 ? 83  TYR A CD2 1 
ATOM   568  C  CE1 . TYR A 1 83  ? 0.973   -17.655 -12.328 1.00 27.91 ? 83  TYR A CE1 1 
ATOM   569  C  CE2 . TYR A 1 83  ? 0.433   -15.374 -11.875 1.00 25.59 ? 83  TYR A CE2 1 
ATOM   570  C  CZ  . TYR A 1 83  ? 1.005   -16.327 -12.698 1.00 30.18 ? 83  TYR A CZ  1 
ATOM   571  O  OH  . TYR A 1 83  ? 1.591   -15.962 -13.884 1.00 33.06 ? 83  TYR A OH  1 
ATOM   572  N  N   . ARG A 1 84  ? -3.139  -17.686 -6.938  1.00 15.21 ? 84  ARG A N   1 
ATOM   573  C  CA  . ARG A 1 84  ? -3.392  -18.020 -5.541  1.00 15.68 ? 84  ARG A CA  1 
ATOM   574  C  C   . ARG A 1 84  ? -4.560  -17.198 -5.003  1.00 13.26 ? 84  ARG A C   1 
ATOM   575  O  O   . ARG A 1 84  ? -4.811  -16.107 -5.511  1.00 13.64 ? 84  ARG A O   1 
ATOM   576  C  CB  . ARG A 1 84  ? -2.188  -17.670 -4.670  1.00 19.19 ? 84  ARG A CB  1 
ATOM   577  C  CG  . ARG A 1 84  ? -1.003  -18.544 -4.995  1.00 26.32 ? 84  ARG A CG  1 
ATOM   578  C  CD  . ARG A 1 84  ? -0.183  -18.505 -3.756  1.00 30.63 ? 84  ARG A CD  1 
ATOM   579  N  NE  . ARG A 1 84  ? 1.108   -19.009 -4.103  1.00 27.66 ? 84  ARG A NE  1 
ATOM   580  C  CZ  . ARG A 1 84  ? 2.042   -19.169 -3.250  1.00 22.82 ? 84  ARG A CZ  1 
ATOM   581  N  NH1 . ARG A 1 84  ? 3.227   -19.554 -3.667  1.00 24.68 ? 84  ARG A NH1 1 
ATOM   582  N  NH2 . ARG A 1 84  ? 1.804   -18.970 -1.959  1.00 20.76 ? 84  ARG A NH2 1 
ATOM   583  N  N   . ASN A 1 85  ? -5.152  -17.710 -3.954  1.00 13.92 ? 85  ASN A N   1 
ATOM   584  C  CA  . ASN A 1 85  ? -6.160  -16.964 -3.169  1.00 13.88 ? 85  ASN A CA  1 
ATOM   585  C  C   . ASN A 1 85  ? -5.912  -17.258 -1.700  1.00 13.74 ? 85  ASN A C   1 
ATOM   586  O  O   . ASN A 1 85  ? -6.245  -18.337 -1.199  1.00 14.62 ? 85  ASN A O   1 
ATOM   587  C  CB  . ASN A 1 85  ? -7.575  -17.253 -3.615  1.00 13.07 ? 85  ASN A CB  1 
ATOM   588  C  CG  . ASN A 1 85  ? -8.612  -16.351 -2.973  1.00 15.64 ? 85  ASN A CG  1 
ATOM   589  O  OD1 . ASN A 1 85  ? -8.210  -15.557 -2.136  1.00 15.71 ? 85  ASN A OD1 1 
ATOM   590  N  ND2 . ASN A 1 85  ? -9.842  -16.384 -3.444  1.00 15.24 ? 85  ASN A ND2 1 
ATOM   591  N  N   . ALA A 1 86  ? -5.446  -16.223 -0.984  1.00 12.69 ? 86  ALA A N   1 
ATOM   592  C  CA  . ALA A 1 86  ? -5.129  -16.290 0.436   1.00 13.22 ? 86  ALA A CA  1 
ATOM   593  C  C   . ALA A 1 86  ? -6.337  -15.845 1.276   1.00 12.24 ? 86  ALA A C   1 
ATOM   594  O  O   . ALA A 1 86  ? -6.158  -15.725 2.504   1.00 13.08 ? 86  ALA A O   1 
ATOM   595  C  CB  . ALA A 1 86  ? -3.894  -15.528 0.764   1.00 13.70 ? 86  ALA A CB  1 
ATOM   596  N  N   . HIS A 1 87  ? -7.458  -15.591 0.665   1.00 12.02 ? 87  HIS A N   1 
ATOM   597  C  CA  . HIS A 1 87  ? -8.710  -15.220 1.389   1.00 12.84 ? 87  HIS A CA  1 
ATOM   598  C  C   . HIS A 1 87  ? -8.450  -14.148 2.443   1.00 11.66 ? 87  HIS A C   1 
ATOM   599  O  O   . HIS A 1 87  ? -8.813  -14.317 3.609   1.00 11.69 ? 87  HIS A O   1 
ATOM   600  C  CB  . HIS A 1 87  ? -9.350  -16.438 2.027   1.00 14.04 ? 87  HIS A CB  1 
ATOM   601  C  CG  . HIS A 1 87  ? -9.683  -17.511 1.032   1.00 14.83 ? 87  HIS A CG  1 
ATOM   602  N  ND1 . HIS A 1 87  ? -10.381 -17.247 -0.115  1.00 15.38 ? 87  HIS A ND1 1 
ATOM   603  C  CD2 . HIS A 1 87  ? -9.277  -18.794 0.981   1.00 17.26 ? 87  HIS A CD2 1 
ATOM   604  C  CE1 . HIS A 1 87  ? -10.519 -18.408 -0.795  1.00 16.09 ? 87  HIS A CE1 1 
ATOM   605  N  NE2 . HIS A 1 87  ? -9.845  -19.323 -0.161  1.00 16.35 ? 87  HIS A NE2 1 
ATOM   606  N  N   . SER A 1 88  ? -7.817  -13.091 2.011   1.00 11.64 ? 88  SER A N   1 
ATOM   607  C  CA  . SER A 1 88  ? -7.347  -12.026 2.927   1.00 11.05 ? 88  SER A CA  1 
ATOM   608  C  C   . SER A 1 88  ? -7.178  -10.755 2.149   1.00 10.28 ? 88  SER A C   1 
ATOM   609  O  O   . SER A 1 88  ? -7.108  -10.733 0.914   1.00 11.45 ? 88  SER A O   1 
ATOM   610  C  CB  . SER A 1 88  ? -6.121  -12.427 3.681   1.00 12.50 ? 88  SER A CB  1 
ATOM   611  O  OG  . SER A 1 88  ? -5.085  -12.912 2.832   1.00 12.63 ? 88  SER A OG  1 
ATOM   612  N  N   . ALA A 1 89  ? -7.131  -9.641  2.875   1.00 9.90  ? 89  ALA A N   1 
ATOM   613  C  CA  . ALA A 1 89  ? -6.910  -8.320  2.300   1.00 9.40  ? 89  ALA A CA  1 
ATOM   614  C  C   . ALA A 1 89  ? -6.040  -7.542  3.256   1.00 9.87  ? 89  ALA A C   1 
ATOM   615  O  O   . ALA A 1 89  ? -6.261  -7.598  4.486   1.00 11.32 ? 89  ALA A O   1 
ATOM   616  C  CB  . ALA A 1 89  ? -8.226  -7.638  2.036   1.00 10.64 ? 89  ALA A CB  1 
ATOM   617  N  N   . THR A 1 90  ? -5.139  -6.762  2.704   1.00 9.09  ? 90  THR A N   1 
ATOM   618  C  CA  . THR A 1 90  ? -4.332  -5.821  3.509   1.00 8.64  ? 90  THR A CA  1 
ATOM   619  C  C   . THR A 1 90  ? -4.680  -4.410  3.094   1.00 8.83  ? 90  THR A C   1 
ATOM   620  O  O   . THR A 1 90  ? -4.799  -4.111  1.895   1.00 8.76  ? 90  THR A O   1 
ATOM   621  C  CB  . THR A 1 90  ? -2.837  -6.026  3.289   1.00 8.89  ? 90  THR A CB  1 
ATOM   622  O  OG1 . THR A 1 90  ? -2.553  -7.382  3.654   1.00 9.61  ? 90  THR A OG1 1 
ATOM   623  C  CG2 . THR A 1 90  ? -1.996  -5.112  4.139   1.00 9.40  ? 90  THR A CG2 1 
ATOM   624  N  N   . THR A 1 91  ? -4.784  -3.534  4.064   1.00 8.87  ? 91  THR A N   1 
ATOM   625  C  CA  . THR A 1 91  ? -4.870  -2.088  3.831   1.00 8.42  ? 91  THR A CA  1 
ATOM   626  C  C   . THR A 1 91  ? -3.682  -1.398  4.475   1.00 8.72  ? 91  THR A C   1 
ATOM   627  O  O   . THR A 1 91  ? -3.361  -1.704  5.624   1.00 10.31 ? 91  THR A O   1 
ATOM   628  C  CB  . THR A 1 91  ? -6.165  -1.447  4.327   1.00 9.94  ? 91  THR A CB  1 
ATOM   629  O  OG1 . THR A 1 91  ? -6.249  -1.558  5.745   1.00 10.48 ? 91  THR A OG1 1 
ATOM   630  C  CG2 . THR A 1 91  ? -7.380  -2.086  3.708   1.00 10.33 ? 91  THR A CG2 1 
ATOM   631  N  N   . TRP A 1 92  ? -3.047  -0.522  3.730   1.00 8.36  ? 92  TRP A N   1 
ATOM   632  C  CA  . TRP A 1 92  ? -1.949  0.330   4.229   1.00 7.68  ? 92  TRP A CA  1 
ATOM   633  C  C   . TRP A 1 92  ? -2.481  1.729   4.375   1.00 8.66  ? 92  TRP A C   1 
ATOM   634  O  O   . TRP A 1 92  ? -3.082  2.245   3.418   1.00 9.66  ? 92  TRP A O   1 
ATOM   635  C  CB  . TRP A 1 92  ? -0.804  0.344   3.211   1.00 8.04  ? 92  TRP A CB  1 
ATOM   636  C  CG  . TRP A 1 92  ? -0.009  -0.921  3.098   1.00 7.73  ? 92  TRP A CG  1 
ATOM   637  C  CD1 . TRP A 1 92  ? 1.231   -1.150  3.657   1.00 8.42  ? 92  TRP A CD1 1 
ATOM   638  C  CD2 . TRP A 1 92  ? -0.318  -2.103  2.349   1.00 8.47  ? 92  TRP A CD2 1 
ATOM   639  N  NE1 . TRP A 1 92  ? 1.691   -2.379  3.287   1.00 9.03  ? 92  TRP A NE1 1 
ATOM   640  C  CE2 . TRP A 1 92  ? 0.780   -2.959  2.452   1.00 8.84  ? 92  TRP A CE2 1 
ATOM   641  C  CE3 . TRP A 1 92  ? -1.389  -2.458  1.518   1.00 8.74  ? 92  TRP A CE3 1 
ATOM   642  C  CZ2 . TRP A 1 92  ? 0.787   -4.215  1.823   1.00 9.38  ? 92  TRP A CZ2 1 
ATOM   643  C  CZ3 . TRP A 1 92  ? -1.361  -3.686  0.873   1.00 9.55  ? 92  TRP A CZ3 1 
ATOM   644  C  CH2 . TRP A 1 92  ? -0.267  -4.518  1.004   1.00 9.59  ? 92  TRP A CH2 1 
ATOM   645  N  N   . SER A 1 93  ? -2.203  2.367   5.491   1.00 8.90  ? 93  SER A N   1 
ATOM   646  C  CA  . SER A 1 93  ? -2.562  3.765   5.794   1.00 8.94  ? 93  SER A CA  1 
ATOM   647  C  C   . SER A 1 93  ? -1.297  4.488   6.173   1.00 9.19  ? 93  SER A C   1 
ATOM   648  O  O   . SER A 1 93  ? -0.546  4.004   7.036   1.00 10.00 ? 93  SER A O   1 
ATOM   649  C  CB  . SER A 1 93  ? -3.558  3.746   6.909   1.00 9.48  ? 93  SER A CB  1 
ATOM   650  O  OG  . SER A 1 93  ? -4.013  5.057   7.216   1.00 12.48 ? 93  SER A OG  1 
ATOM   651  N  N   . GLY A 1 94  ? -1.032  5.653   5.563   1.00 9.96  ? 94  GLY A N   1 
ATOM   652  C  CA  . GLY A 1 94  ? 0.236   6.289   5.895   1.00 11.19 ? 94  GLY A CA  1 
ATOM   653  C  C   . GLY A 1 94  ? 0.383   7.658   5.276   1.00 10.81 ? 94  GLY A C   1 
ATOM   654  O  O   . GLY A 1 94  ? -0.615  8.300   4.928   1.00 11.31 ? 94  GLY A O   1 
ATOM   655  N  N   . GLN A 1 95  ? 1.638   8.061   5.181   1.00 10.78 ? 95  GLN A N   1 
ATOM   656  C  CA  . GLN A 1 95  ? 1.938   9.369   4.565   1.00 11.45 ? 95  GLN A CA  1 
ATOM   657  C  C   . GLN A 1 95  ? 3.182   9.255   3.722   1.00 11.59 ? 95  GLN A C   1 
ATOM   658  O  O   . GLN A 1 95  ? 4.144   8.582   4.064   1.00 12.05 ? 95  GLN A O   1 
ATOM   659  C  CB  . GLN A 1 95  ? 1.987   10.510  5.565   1.00 14.29 ? 95  GLN A CB  1 
ATOM   660  C  CG  . GLN A 1 95  ? 3.026   10.377  6.619   1.00 14.85 ? 95  GLN A CG  1 
ATOM   661  C  CD  . GLN A 1 95  ? 2.909   11.500  7.638   1.00 14.87 ? 95  GLN A CD  1 
ATOM   662  O  OE1 . GLN A 1 95  ? 2.706   12.667  7.271   1.00 14.67 ? 95  GLN A OE1 1 
ATOM   663  N  NE2 . GLN A 1 95  ? 2.998   11.204  8.936   1.00 15.87 ? 95  GLN A NE2 1 
ATOM   664  N  N   . TYR A 1 96  ? 3.109   10.008  2.631   1.00 11.85 ? 96  TYR A N   1 
ATOM   665  C  CA  . TYR A 1 96  ? 4.235   10.243  1.690   1.00 11.64 ? 96  TYR A CA  1 
ATOM   666  C  C   . TYR A 1 96  ? 4.992   11.466  2.159   1.00 11.74 ? 96  TYR A C   1 
ATOM   667  O  O   . TYR A 1 96  ? 4.387   12.525  2.411   1.00 13.72 ? 96  TYR A O   1 
ATOM   668  C  CB  . TYR A 1 96  ? 3.718   10.444  0.267   1.00 12.72 ? 96  TYR A CB  1 
ATOM   669  C  CG  . TYR A 1 96  ? 4.684   11.089  -0.688  1.00 13.99 ? 96  TYR A CG  1 
ATOM   670  C  CD1 . TYR A 1 96  ? 5.623   10.334  -1.344  1.00 15.11 ? 96  TYR A CD1 1 
ATOM   671  C  CD2 . TYR A 1 96  ? 4.620   12.437  -0.894  1.00 14.92 ? 96  TYR A CD2 1 
ATOM   672  C  CE1 . TYR A 1 96  ? 6.508   10.928  -2.241  1.00 16.79 ? 96  TYR A CE1 1 
ATOM   673  C  CE2 . TYR A 1 96  ? 5.503   13.041  -1.766  1.00 17.72 ? 96  TYR A CE2 1 
ATOM   674  C  CZ  . TYR A 1 96  ? 6.409   12.278  -2.433  1.00 17.09 ? 96  TYR A CZ  1 
ATOM   675  O  OH  . TYR A 1 96  ? 7.285   12.904  -3.314  1.00 21.20 ? 96  TYR A OH  1 
ATOM   676  N  N   . VAL A 1 97  ? 6.314   11.308  2.231   1.00 14.39 ? 97  VAL A N   1 
ATOM   677  C  CA  . VAL A 1 97  ? 7.265   12.388  2.619   1.00 15.94 ? 97  VAL A CA  1 
ATOM   678  C  C   . VAL A 1 97  ? 8.228   12.550  1.447   1.00 18.39 ? 97  VAL A C   1 
ATOM   679  O  O   . VAL A 1 97  ? 8.970   11.597  1.136   1.00 18.54 ? 97  VAL A O   1 
ATOM   680  C  CB  . VAL A 1 97  ? 7.955   11.978  3.916   1.00 18.75 ? 97  VAL A CB  1 
ATOM   681  C  CG1 . VAL A 1 97  ? 8.935   13.053  4.367   1.00 22.78 ? 97  VAL A CG1 1 
ATOM   682  C  CG2 . VAL A 1 97  ? 6.949   11.660  5.006   1.00 21.93 ? 97  VAL A CG2 1 
ATOM   683  N  N   . GLY A 1 98  ? 8.166   13.703  0.784   1.00 21.15 ? 98  GLY A N   1 
ATOM   684  C  CA  . GLY A 1 98  ? 8.957   13.922  -0.449  1.00 23.28 ? 98  GLY A CA  1 
ATOM   685  C  C   . GLY A 1 98  ? 10.406  14.265  -0.127  1.00 27.73 ? 98  GLY A C   1 
ATOM   686  O  O   . GLY A 1 98  ? 10.742  14.400  1.047   1.00 27.56 ? 98  GLY A O   1 
ATOM   687  N  N   . GLY A 1 99  ? 11.239  14.359  -1.159  1.00 31.93 ? 99  GLY A N   1 
ATOM   688  C  CA  . GLY A 1 99  ? 12.622  14.854  -1.016  1.00 35.01 ? 99  GLY A CA  1 
ATOM   689  C  C   . GLY A 1 99  ? 13.632  13.825  -1.469  1.00 33.68 ? 99  GLY A C   1 
ATOM   690  O  O   . GLY A 1 99  ? 13.228  12.800  -2.073  1.00 32.77 ? 99  GLY A O   1 
ATOM   691  N  N   . ALA A 1 100 ? 14.908  14.127  -1.265  1.00 36.86 ? 100 ALA A N   1 
ATOM   692  C  CA  . ALA A 1 100 ? 16.017  13.295  -1.776  1.00 38.24 ? 100 ALA A CA  1 
ATOM   693  C  C   . ALA A 1 100 ? 15.854  11.832  -1.388  1.00 40.72 ? 100 ALA A C   1 
ATOM   694  O  O   . ALA A 1 100 ? 16.149  10.965  -2.198  1.00 42.33 ? 100 ALA A O   1 
ATOM   695  C  CB  . ALA A 1 100 ? 17.313  13.872  -1.269  1.00 44.55 ? 100 ALA A CB  1 
ATOM   696  N  N   . GLN A 1 101 ? 15.441  11.600  -0.158  1.00 33.20 ? 101 GLN A N   1 
ATOM   697  C  CA  . GLN A 1 101 ? 15.213  10.247  0.376   1.00 34.01 ? 101 GLN A CA  1 
ATOM   698  C  C   . GLN A 1 101 ? 13.697  10.111  0.618   1.00 26.26 ? 101 GLN A C   1 
ATOM   699  O  O   . GLN A 1 101 ? 13.297  9.957   1.750   1.00 26.97 ? 101 GLN A O   1 
ATOM   700  C  CB  . GLN A 1 101 ? 16.063  10.038  1.628   1.00 45.16 ? 101 GLN A CB  1 
ATOM   701  C  CG  . GLN A 1 101 ? 17.570  9.981   1.358   1.00 57.42 ? 101 GLN A CG  1 
ATOM   702  C  CD  . GLN A 1 101 ? 18.208  8.734   1.928   1.00 67.46 ? 101 GLN A CD  1 
ATOM   703  O  OE1 . GLN A 1 101 ? 18.124  8.452   3.120   1.00 79.34 ? 101 GLN A OE1 1 
ATOM   704  N  NE2 . GLN A 1 101 ? 18.815  7.938   1.067   1.00 71.58 ? 101 GLN A NE2 1 
ATOM   705  N  N   . ALA A 1 102 ? 12.927  10.195  -0.453  1.00 24.31 ? 102 ALA A N   1 
ATOM   706  C  CA  . ALA A 1 102 ? 11.446  10.086  -0.386  1.00 19.04 ? 102 ALA A CA  1 
ATOM   707  C  C   . ALA A 1 102 ? 11.088  8.778   0.279   1.00 18.54 ? 102 ALA A C   1 
ATOM   708  O  O   . ALA A 1 102 ? 11.723  7.743   0.069   1.00 18.74 ? 102 ALA A O   1 
ATOM   709  C  CB  . ALA A 1 102 ? 10.776  10.208  -1.718  1.00 20.75 ? 102 ALA A CB  1 
ATOM   710  N  N   . ARG A 1 103 ? 9.981   8.838   1.029   1.00 14.84 ? 103 ARG A N   1 
ATOM   711  C  CA  . ARG A 1 103 ? 9.504   7.665   1.772   1.00 15.19 ? 103 ARG A CA  1 
ATOM   712  C  C   . ARG A 1 103 ? 7.982   7.664   1.805   1.00 12.87 ? 103 ARG A C   1 
ATOM   713  O  O   . ARG A 1 103 ? 7.356   8.719   1.787   1.00 14.06 ? 103 ARG A O   1 
ATOM   714  C  CB  . ARG A 1 103 ? 9.947   7.745   3.230   1.00 19.64 ? 103 ARG A CB  1 
ATOM   715  C  CG  . ARG A 1 103 ? 11.446  7.622   3.467   0.50 21.56 ? 103 ARG A CG  1 
ATOM   716  C  CD  . ARG A 1 103 ? 11.835  6.185   3.698   0.50 23.08 ? 103 ARG A CD  1 
ATOM   717  N  NE  . ARG A 1 103 ? 13.201  6.009   4.183   0.50 24.56 ? 103 ARG A NE  1 
ATOM   718  C  CZ  . ARG A 1 103 ? 14.278  6.287   3.449   0.50 27.26 ? 103 ARG A CZ  1 
ATOM   719  N  NH1 . ARG A 1 103 ? 15.479  6.062   3.944   0.50 33.05 ? 103 ARG A NH1 1 
ATOM   720  N  NH2 . ARG A 1 103 ? 14.161  6.829   2.247   0.50 26.35 ? 103 ARG A NH2 1 
ATOM   721  N  N   . ILE A 1 104 ? 7.437   6.457   1.863   1.00 11.71 ? 104 ILE A N   1 
ATOM   722  C  CA  . ILE A 1 104 ? 6.014   6.293   2.276   1.00 12.17 ? 104 ILE A CA  1 
ATOM   723  C  C   . ILE A 1 104 ? 6.089   5.509   3.576   1.00 11.55 ? 104 ILE A C   1 
ATOM   724  O  O   . ILE A 1 104 ? 6.487   4.317   3.560   1.00 12.17 ? 104 ILE A O   1 
ATOM   725  C  CB  . ILE A 1 104 ? 5.172   5.640   1.188   1.00 12.77 ? 104 ILE A CB  1 
ATOM   726  C  CG1 . ILE A 1 104 ? 5.162   6.481   -0.089  1.00 15.20 ? 104 ILE A CG1 1 
ATOM   727  C  CG2 . ILE A 1 104 ? 3.746   5.497   1.704   1.00 14.08 ? 104 ILE A CG2 1 
ATOM   728  C  CD1 . ILE A 1 104 ? 4.490   5.842   -1.282  1.00 16.29 ? 104 ILE A CD1 1 
ATOM   729  N  N   . ASN A 1 105 ? 5.629   6.105   4.653   1.00 11.26 ? 105 ASN A N   1 
ATOM   730  C  CA  . ASN A 1 105 ? 5.638   5.477   6.000   1.00 11.77 ? 105 ASN A CA  1 
ATOM   731  C  C   . ASN A 1 105 ? 4.218   4.988   6.263   1.00 11.98 ? 105 ASN A C   1 
ATOM   732  O  O   . ASN A 1 105 ? 3.314   5.807   6.215   1.00 11.90 ? 105 ASN A O   1 
ATOM   733  C  CB  . ASN A 1 105 ? 6.136   6.455   7.053   1.00 13.55 ? 105 ASN A CB  1 
ATOM   734  C  CG  . ASN A 1 105 ? 7.592   6.830   6.824   1.00 18.65 ? 105 ASN A CG  1 
ATOM   735  O  OD1 . ASN A 1 105 ? 8.398   5.963   6.472   1.00 22.34 ? 105 ASN A OD1 1 
ATOM   736  N  ND2 . ASN A 1 105 ? 7.853   8.128   6.847   1.00 20.78 ? 105 ASN A ND2 1 
ATOM   737  N  N   . THR A 1 106 ? 4.032   3.702   6.478   1.00 10.07 ? 106 THR A N   1 
ATOM   738  C  CA  . THR A 1 106 ? 2.694   3.121   6.640   1.00 9.73  ? 106 THR A CA  1 
ATOM   739  C  C   . THR A 1 106 ? 2.586   2.238   7.858   1.00 9.45  ? 106 THR A C   1 
ATOM   740  O  O   . THR A 1 106 ? 3.542   1.686   8.400   1.00 9.62  ? 106 THR A O   1 
ATOM   741  C  CB  . THR A 1 106 ? 2.316   2.253   5.446   1.00 10.52 ? 106 THR A CB  1 
ATOM   742  O  OG1 . THR A 1 106 ? 3.063   1.027   5.445   1.00 11.22 ? 106 THR A OG1 1 
ATOM   743  C  CG2 . THR A 1 106 ? 2.452   3.007   4.137   1.00 11.18 ? 106 THR A CG2 1 
ATOM   744  N  N   . GLN A 1 107 ? 1.328   2.112   8.254   1.00 8.55  ? 107 GLN A N   1 
ATOM   745  C  CA  . GLN A 1 107 ? 0.877   0.998   9.114   1.00 9.62  ? 107 GLN A CA  1 
ATOM   746  C  C   . GLN A 1 107 ? -0.161  0.225   8.321   1.00 7.93  ? 107 GLN A C   1 
ATOM   747  O  O   . GLN A 1 107 ? -0.798  0.795   7.411   1.00 9.23  ? 107 GLN A O   1 
ATOM   748  C  CB  . GLN A 1 107 ? 0.325   1.544   10.415  1.00 11.05 ? 107 GLN A CB  1 
ATOM   749  C  CG  A GLN A 1 107 ? 1.535   2.147   11.184  0.50 10.06 ? 107 GLN A CG  1 
ATOM   750  C  CG  B GLN A 1 107 ? 1.344   2.355   11.158  0.50 16.24 ? 107 GLN A CG  1 
ATOM   751  C  CD  A GLN A 1 107 ? 1.197   2.585   12.586  0.50 8.06  ? 107 GLN A CD  1 
ATOM   752  C  CD  B GLN A 1 107 ? 1.616   1.660   12.442  0.50 19.41 ? 107 GLN A CD  1 
ATOM   753  O  OE1 A GLN A 1 107 ? 1.238   1.793   13.522  0.50 9.55  ? 107 GLN A OE1 1 
ATOM   754  O  OE1 B GLN A 1 107 ? 1.483   0.436   12.563  0.50 20.96 ? 107 GLN A OE1 1 
ATOM   755  N  NE2 A GLN A 1 107 ? 0.814   3.859   12.731  0.50 6.82  ? 107 GLN A NE2 1 
ATOM   756  N  NE2 B GLN A 1 107 ? 2.082   2.448   13.367  0.50 20.98 ? 107 GLN A NE2 1 
ATOM   757  N  N   . TRP A 1 108 ? -0.308  -1.057  8.582   1.00 7.79  ? 108 TRP A N   1 
ATOM   758  C  CA  . TRP A 1 108 ? -1.239  -1.891  7.822   1.00 7.76  ? 108 TRP A CA  1 
ATOM   759  C  C   . TRP A 1 108 ? -2.055  -2.795  8.709   1.00 7.95  ? 108 TRP A C   1 
ATOM   760  O  O   . TRP A 1 108 ? -1.624  -3.159  9.817   1.00 8.20  ? 108 TRP A O   1 
ATOM   761  C  CB  . TRP A 1 108 ? -0.496  -2.638  6.710   1.00 8.06  ? 108 TRP A CB  1 
ATOM   762  C  CG  . TRP A 1 108 ? 0.665   -3.479  7.116   1.00 7.89  ? 108 TRP A CG  1 
ATOM   763  C  CD1 . TRP A 1 108 ? 1.972   -3.176  6.865   1.00 9.50  ? 108 TRP A CD1 1 
ATOM   764  C  CD2 . TRP A 1 108 ? 0.663   -4.777  7.697   1.00 7.75  ? 108 TRP A CD2 1 
ATOM   765  N  NE1 . TRP A 1 108 ? 2.771   -4.187  7.320   1.00 8.91  ? 108 TRP A NE1 1 
ATOM   766  C  CE2 . TRP A 1 108 ? 2.009   -5.195  7.851   1.00 9.04  ? 108 TRP A CE2 1 
ATOM   767  C  CE3 . TRP A 1 108 ? -0.340  -5.646  8.142   1.00 8.70  ? 108 TRP A CE3 1 
ATOM   768  C  CZ2 . TRP A 1 108 ? 2.344   -6.421  8.393   1.00 9.10  ? 108 TRP A CZ2 1 
ATOM   769  C  CZ3 . TRP A 1 108 ? 0.005   -6.854  8.692   1.00 9.19  ? 108 TRP A CZ3 1 
ATOM   770  C  CH2 . TRP A 1 108 ? 1.328   -7.218  8.860   1.00 9.46  ? 108 TRP A CH2 1 
ATOM   771  N  N   . LEU A 1 109 ? -3.173  -3.207  8.131   1.00 7.58  ? 109 LEU A N   1 
ATOM   772  C  CA  . LEU A 1 109 ? -4.093  -4.197  8.742   1.00 8.05  ? 109 LEU A CA  1 
ATOM   773  C  C   . LEU A 1 109 ? -4.360  -5.286  7.712   1.00 8.95  ? 109 LEU A C   1 
ATOM   774  O  O   . LEU A 1 109 ? -4.819  -4.976  6.596   1.00 10.45 ? 109 LEU A O   1 
ATOM   775  C  CB  . LEU A 1 109 ? -5.447  -3.582  9.115   1.00 8.28  ? 109 LEU A CB  1 
ATOM   776  C  CG  . LEU A 1 109 ? -5.417  -2.502  10.191  1.00 9.28  ? 109 LEU A CG  1 
ATOM   777  C  CD1 . LEU A 1 109 ? -6.770  -1.797  10.209  1.00 10.51 ? 109 LEU A CD1 1 
ATOM   778  C  CD2 . LEU A 1 109 ? -5.042  -3.087  11.513  1.00 10.71 ? 109 LEU A CD2 1 
ATOM   779  N  N   A LEU A 1 110 ? -4.103  -6.515  8.088   0.50 8.35  ? 110 LEU A N   1 
ATOM   780  N  N   B LEU A 1 110 ? -4.079  -6.524  8.069   0.50 8.82  ? 110 LEU A N   1 
ATOM   781  C  CA  A LEU A 1 110 ? -4.256  -7.697  7.213   0.50 8.79  ? 110 LEU A CA  1 
ATOM   782  C  CA  B LEU A 1 110 ? -4.298  -7.683  7.174   0.50 9.60  ? 110 LEU A CA  1 
ATOM   783  C  C   A LEU A 1 110 ? -5.379  -8.527  7.829   0.50 8.87  ? 110 LEU A C   1 
ATOM   784  C  C   B LEU A 1 110 ? -5.371  -8.569  7.793   0.50 9.48  ? 110 LEU A C   1 
ATOM   785  O  O   A LEU A 1 110 ? -5.205  -9.033  8.934   0.50 8.81  ? 110 LEU A O   1 
ATOM   786  O  O   B LEU A 1 110 ? -5.113  -9.288  8.772   0.50 9.81  ? 110 LEU A O   1 
ATOM   787  C  CB  A LEU A 1 110 ? -2.901  -8.407  7.131   0.50 8.88  ? 110 LEU A CB  1 
ATOM   788  C  CB  B LEU A 1 110 ? -3.010  -8.462  6.937   0.50 10.16 ? 110 LEU A CB  1 
ATOM   789  C  CG  A LEU A 1 110 ? -2.831  -9.837  6.594   0.50 9.35  ? 110 LEU A CG  1 
ATOM   790  C  CG  B LEU A 1 110 ? -3.097  -9.662  5.985   0.50 11.45 ? 110 LEU A CG  1 
ATOM   791  C  CD1 A LEU A 1 110 ? -3.694  -10.012 5.359   0.50 10.14 ? 110 LEU A CD1 1 
ATOM   792  C  CD1 B LEU A 1 110 ? -1.724  -10.176 5.738   0.50 12.14 ? 110 LEU A CD1 1 
ATOM   793  C  CD2 A LEU A 1 110 ? -1.374  -10.175 6.323   0.50 9.32  ? 110 LEU A CD2 1 
ATOM   794  C  CD2 B LEU A 1 110 ? -3.994  -10.775 6.499   0.50 12.02 ? 110 LEU A CD2 1 
ATOM   795  N  N   . THR A 1 111 ? -6.537  -8.566  7.179   1.00 9.37  ? 111 THR A N   1 
ATOM   796  C  CA  . THR A 1 111 ? -7.665  -9.385  7.662   1.00 9.46  ? 111 THR A CA  1 
ATOM   797  C  C   . THR A 1 111 ? -7.807  -10.626 6.815   1.00 9.90  ? 111 THR A C   1 
ATOM   798  O  O   . THR A 1 111 ? -7.833  -10.499 5.590   1.00 10.50 ? 111 THR A O   1 
ATOM   799  C  CB  . THR A 1 111 ? -8.991  -8.621  7.688   1.00 10.84 ? 111 THR A CB  1 
ATOM   800  O  OG1 . THR A 1 111 ? -8.864  -7.407  8.454   1.00 11.29 ? 111 THR A OG1 1 
ATOM   801  C  CG2 . THR A 1 111 ? -10.082 -9.447  8.322   1.00 12.19 ? 111 THR A CG2 1 
ATOM   802  N  N   A GLU A 1 112 ? -7.965  -11.799 7.445   0.80 10.22 ? 112 GLU A N   1 
ATOM   803  N  N   B GLU A 1 112 ? -7.963  -11.799 7.424   0.20 9.70  ? 112 GLU A N   1 
ATOM   804  C  CA  A GLU A 1 112 ? -8.328  -13.060 6.761   0.80 12.10 ? 112 GLU A CA  1 
ATOM   805  C  CA  B GLU A 1 112 ? -8.245  -13.051 6.681   0.20 9.99  ? 112 GLU A CA  1 
ATOM   806  C  C   A GLU A 1 112 ? -9.798  -13.324 7.023   0.80 11.96 ? 112 GLU A C   1 
ATOM   807  C  C   B GLU A 1 112 ? -9.638  -13.534 7.053   0.20 10.47 ? 112 GLU A C   1 
ATOM   808  O  O   A GLU A 1 112 ? -10.328 -12.997 8.096   0.80 12.25 ? 112 GLU A O   1 
ATOM   809  O  O   B GLU A 1 112 ? -9.879  -13.577 8.283   0.20 8.62  ? 112 GLU A O   1 
ATOM   810  C  CB  A GLU A 1 112 ? -7.376  -14.164 7.183   0.80 14.78 ? 112 GLU A CB  1 
ATOM   811  C  CB  B GLU A 1 112 ? -7.238  -14.120 7.069   0.20 9.79  ? 112 GLU A CB  1 
ATOM   812  C  CG  A GLU A 1 112 ? -7.348  -15.424 6.313   0.80 19.55 ? 112 GLU A CG  1 
ATOM   813  C  CG  B GLU A 1 112 ? -7.575  -14.759 8.406   0.20 9.71  ? 112 GLU A CG  1 
ATOM   814  C  CD  A GLU A 1 112 ? -6.219  -16.395 6.639   0.80 23.97 ? 112 GLU A CD  1 
ATOM   815  C  CD  B GLU A 1 112 ? -6.924  -16.117 8.628   0.20 10.15 ? 112 GLU A CD  1 
ATOM   816  O  OE1 A GLU A 1 112 ? -5.023  -16.058 6.443   0.80 22.37 ? 112 GLU A OE1 1 
ATOM   817  O  OE1 B GLU A 1 112 ? -6.438  -16.690 7.669   0.20 11.11 ? 112 GLU A OE1 1 
ATOM   818  O  OE2 A GLU A 1 112 ? -6.538  -17.520 7.030   0.80 30.99 ? 112 GLU A OE2 1 
ATOM   819  O  OE2 B GLU A 1 112 ? -6.913  -16.585 9.774   0.20 11.36 ? 112 GLU A OE2 1 
ATOM   820  N  N   . GLY A 1 113 ? -10.454 -13.936 6.054   1.00 12.59 ? 113 GLY A N   1 
ATOM   821  C  CA  . GLY A 1 113 ? -11.795 -14.474 6.309   1.00 13.11 ? 113 GLY A CA  1 
ATOM   822  C  C   . GLY A 1 113 ? -11.734 -15.584 7.334   1.00 12.83 ? 113 GLY A C   1 
ATOM   823  O  O   . GLY A 1 113 ? -10.890 -16.488 7.240   1.00 15.65 ? 113 GLY A O   1 
ATOM   824  N  N   . THR A 1 114 ? -12.612 -15.534 8.314   1.00 13.27 ? 114 THR A N   1 
ATOM   825  C  CA  . THR A 1 114 ? -12.640 -16.528 9.413   1.00 13.90 ? 114 THR A CA  1 
ATOM   826  C  C   . THR A 1 114 ? -14.097 -16.938 9.664   1.00 14.46 ? 114 THR A C   1 
ATOM   827  O  O   . THR A 1 114 ? -15.025 -16.236 9.282   1.00 15.65 ? 114 THR A O   1 
ATOM   828  C  CB  . THR A 1 114 ? -12.039 -16.022 10.729  1.00 14.25 ? 114 THR A CB  1 
ATOM   829  O  OG1 . THR A 1 114 ? -12.885 -15.022 11.293  1.00 15.92 ? 114 THR A OG1 1 
ATOM   830  C  CG2 . THR A 1 114 ? -10.658 -15.433 10.567  1.00 16.34 ? 114 THR A CG2 1 
ATOM   831  N  N   . THR A 1 115 ? -14.228 -18.044 10.404  1.00 17.17 ? 115 THR A N   1 
ATOM   832  C  CA  . THR A 1 115 ? -15.521 -18.311 11.072  1.00 18.45 ? 115 THR A CA  1 
ATOM   833  C  C   . THR A 1 115 ? -15.800 -17.269 12.146  1.00 20.13 ? 115 THR A C   1 
ATOM   834  O  O   . THR A 1 115 ? -14.885 -16.564 12.612  1.00 16.98 ? 115 THR A O   1 
ATOM   835  C  CB  . THR A 1 115 ? -15.538 -19.720 11.663  1.00 19.28 ? 115 THR A CB  1 
ATOM   836  O  OG1 . THR A 1 115 ? -14.635 -19.744 12.760  1.00 22.56 ? 115 THR A OG1 1 
ATOM   837  C  CG2 . THR A 1 115 ? -15.189 -20.768 10.629  1.00 22.30 ? 115 THR A CG2 1 
ATOM   838  N  N   . GLU A 1 116 ? -17.043 -17.175 12.614  1.00 20.84 ? 116 GLU A N   1 
ATOM   839  C  CA  . GLU A 1 116 ? -17.388 -16.226 13.689  1.00 22.05 ? 116 GLU A CA  1 
ATOM   840  C  C   . GLU A 1 116 ? -16.612 -16.630 14.951  1.00 19.20 ? 116 GLU A C   1 
ATOM   841  O  O   . GLU A 1 116 ? -16.102 -15.726 15.630  1.00 19.93 ? 116 GLU A O   1 
ATOM   842  C  CB  . GLU A 1 116 ? -18.913 -16.159 13.913  1.00 26.81 ? 116 GLU A CB  1 
ATOM   843  C  CG  . GLU A 1 116 ? -19.633 -15.453 12.759  0.50 27.90 ? 116 GLU A CG  1 
ATOM   844  C  CD  . GLU A 1 116 ? -21.129 -15.188 12.925  0.50 31.02 ? 116 GLU A CD  1 
ATOM   845  O  OE1 . GLU A 1 116 ? -21.861 -15.298 11.932  0.50 31.77 ? 116 GLU A OE1 1 
ATOM   846  O  OE2 . GLU A 1 116 ? -21.558 -14.870 14.041  0.50 40.07 ? 116 GLU A OE2 1 
ATOM   847  N  N   . ALA A 1 117 ? -16.420 -17.910 15.229  1.00 20.26 ? 117 ALA A N   1 
ATOM   848  C  CA  . ALA A 1 117 ? -15.727 -18.361 16.463  1.00 24.19 ? 117 ALA A CA  1 
ATOM   849  C  C   . ALA A 1 117 ? -14.257 -17.917 16.443  1.00 20.71 ? 117 ALA A C   1 
ATOM   850  O  O   . ALA A 1 117 ? -13.686 -17.735 17.531  1.00 21.37 ? 117 ALA A O   1 
ATOM   851  C  CB  . ALA A 1 117 ? -15.820 -19.861 16.614  1.00 26.79 ? 117 ALA A CB  1 
ATOM   852  N  N   . ASN A 1 118 ? -13.654 -17.758 15.258  1.00 17.39 ? 118 ASN A N   1 
ATOM   853  C  CA  . ASN A 1 118 ? -12.214 -17.420 15.144  1.00 16.83 ? 118 ASN A CA  1 
ATOM   854  C  C   . ASN A 1 118 ? -12.006 -15.933 14.783  1.00 14.82 ? 118 ASN A C   1 
ATOM   855  O  O   . ASN A 1 118 ? -10.834 -15.564 14.564  1.00 14.83 ? 118 ASN A O   1 
ATOM   856  C  CB  . ASN A 1 118 ? -11.481 -18.313 14.158  1.00 18.98 ? 118 ASN A CB  1 
ATOM   857  C  CG  . ASN A 1 118 ? -11.487 -19.754 14.623  1.00 22.91 ? 118 ASN A CG  1 
ATOM   858  O  OD1 . ASN A 1 118 ? -11.444 -20.025 15.821  1.00 25.24 ? 118 ASN A OD1 1 
ATOM   859  N  ND2 . ASN A 1 118 ? -11.610 -20.649 13.673  1.00 25.30 ? 118 ASN A ND2 1 
ATOM   860  N  N   . ALA A 1 119 ? -13.034 -15.133 14.729  1.00 14.04 ? 119 ALA A N   1 
ATOM   861  C  CA  . ALA A 1 119 ? -12.952 -13.760 14.215  1.00 13.06 ? 119 ALA A CA  1 
ATOM   862  C  C   . ALA A 1 119 ? -12.100 -12.893 15.140  1.00 12.51 ? 119 ALA A C   1 
ATOM   863  O  O   . ALA A 1 119 ? -11.500 -11.914 14.661  1.00 13.02 ? 119 ALA A O   1 
ATOM   864  C  CB  . ALA A 1 119 ? -14.335 -13.185 14.017  1.00 14.59 ? 119 ALA A CB  1 
ATOM   865  N  N   . TRP A 1 120 ? -11.970 -13.204 16.412  1.00 12.70 ? 120 TRP A N   1 
ATOM   866  C  CA  . TRP A 1 120 ? -11.074 -12.455 17.318  1.00 12.21 ? 120 TRP A CA  1 
ATOM   867  C  C   . TRP A 1 120 ? -9.647  -12.468 16.796  1.00 12.42 ? 120 TRP A C   1 
ATOM   868  O  O   . TRP A 1 120 ? -8.895  -11.512 17.088  1.00 13.26 ? 120 TRP A O   1 
ATOM   869  C  CB  . TRP A 1 120 ? -11.160 -13.003 18.746  1.00 12.52 ? 120 TRP A CB  1 
ATOM   870  C  CG  . TRP A 1 120 ? -10.627 -14.375 18.918  1.00 12.40 ? 120 TRP A CG  1 
ATOM   871  C  CD1 . TRP A 1 120 ? -11.274 -15.568 18.769  1.00 12.73 ? 120 TRP A CD1 1 
ATOM   872  C  CD2 . TRP A 1 120 ? -9.271  -14.737 19.173  1.00 11.86 ? 120 TRP A CD2 1 
ATOM   873  N  NE1 . TRP A 1 120 ? -10.440 -16.593 18.913  1.00 13.68 ? 120 TRP A NE1 1 
ATOM   874  C  CE2 . TRP A 1 120 ? -9.184  -16.146 19.193  1.00 13.93 ? 120 TRP A CE2 1 
ATOM   875  C  CE3 . TRP A 1 120 ? -8.098  -14.012 19.468  1.00 12.94 ? 120 TRP A CE3 1 
ATOM   876  C  CZ2 . TRP A 1 120 ? -8.011  -16.841 19.442  1.00 14.89 ? 120 TRP A CZ2 1 
ATOM   877  C  CZ3 . TRP A 1 120 ? -6.947  -14.709 19.694  1.00 13.42 ? 120 TRP A CZ3 1 
ATOM   878  C  CH2 . TRP A 1 120 ? -6.892  -16.099 19.709  1.00 14.99 ? 120 TRP A CH2 1 
ATOM   879  N  N   . ALA A 1 121 ? -9.268  -13.490 16.058  1.00 10.99 ? 121 ALA A N   1 
ATOM   880  C  CA  . ALA A 1 121 ? -7.897  -13.707 15.551  1.00 11.63 ? 121 ALA A CA  1 
ATOM   881  C  C   . ALA A 1 121 ? -7.817  -13.409 14.047  1.00 11.55 ? 121 ALA A C   1 
ATOM   882  O  O   . ALA A 1 121 ? -6.899  -13.970 13.400  1.00 14.37 ? 121 ALA A O   1 
ATOM   883  C  CB  . ALA A 1 121 ? -7.404  -15.086 15.909  1.00 13.15 ? 121 ALA A CB  1 
ATOM   884  N  N   . SER A 1 122 ? -8.698  -12.601 13.496  1.00 10.78 ? 122 SER A N   1 
ATOM   885  C  CA  . SER A 1 122 ? -8.763  -12.390 12.033  1.00 11.08 ? 122 SER A CA  1 
ATOM   886  C  C   . SER A 1 122 ? -7.707  -11.420 11.495  1.00 10.43 ? 122 SER A C   1 
ATOM   887  O  O   . SER A 1 122 ? -7.532  -11.382 10.277  1.00 10.33 ? 122 SER A O   1 
ATOM   888  C  CB  . SER A 1 122 ? -10.146 -11.908 11.641  1.00 12.13 ? 122 SER A CB  1 
ATOM   889  O  OG  . SER A 1 122 ? -10.356 -10.586 12.138  1.00 14.93 ? 122 SER A OG  1 
ATOM   890  N  N   . THR A 1 123 ? -7.143  -10.518 12.318  1.00 9.62  ? 123 THR A N   1 
ATOM   891  C  CA  . THR A 1 123 ? -6.458  -9.330  11.796  1.00 8.80  ? 123 THR A CA  1 
ATOM   892  C  C   . THR A 1 123 ? -5.052  -9.159  12.348  1.00 8.79  ? 123 THR A C   1 
ATOM   893  O  O   . THR A 1 123 ? -4.899  -8.976  13.571  1.00 10.03 ? 123 THR A O   1 
ATOM   894  C  CB  . THR A 1 123 ? -7.275  -8.061  12.055  1.00 9.57  ? 123 THR A CB  1 
ATOM   895  O  OG1 . THR A 1 123 ? -8.642  -8.275  11.636  1.00 13.47 ? 123 THR A OG1 1 
ATOM   896  C  CG2 . THR A 1 123 ? -6.713  -6.870  11.313  1.00 10.83 ? 123 THR A CG2 1 
ATOM   897  N  N   . LEU A 1 124 ? -4.052  -9.182  11.485  1.00 8.85  ? 124 LEU A N   1 
ATOM   898  C  CA  . LEU A 1 124 ? -2.662  -8.786  11.791  1.00 9.65  ? 124 LEU A CA  1 
ATOM   899  C  C   . LEU A 1 124 ? -2.499  -7.293  11.609  1.00 9.10  ? 124 LEU A C   1 
ATOM   900  O  O   . LEU A 1 124 ? -3.142  -6.675  10.727  1.00 9.60  ? 124 LEU A O   1 
ATOM   901  C  CB  . LEU A 1 124 ? -1.711  -9.551  10.891  1.00 9.90  ? 124 LEU A CB  1 
ATOM   902  C  CG  . LEU A 1 124 ? -1.611  -11.039 11.177  1.00 12.06 ? 124 LEU A CG  1 
ATOM   903  C  CD1 . LEU A 1 124 ? -0.895  -11.712 10.014  1.00 15.07 ? 124 LEU A CD1 1 
ATOM   904  C  CD2 . LEU A 1 124 ? -0.881  -11.332 12.462  1.00 13.04 ? 124 LEU A CD2 1 
ATOM   905  N  N   . VAL A 1 125 ? -1.594  -6.731  12.378  1.00 9.37  ? 125 VAL A N   1 
ATOM   906  C  CA  . VAL A 1 125 ? -1.182  -5.316  12.248  1.00 8.88  ? 125 VAL A CA  1 
ATOM   907  C  C   . VAL A 1 125 ? 0.342   -5.290  12.114  1.00 8.61  ? 125 VAL A C   1 
ATOM   908  O  O   . VAL A 1 125 ? 1.077   -6.044  12.747  1.00 9.87  ? 125 VAL A O   1 
ATOM   909  C  CB  . VAL A 1 125 ? -1.665  -4.460  13.419  1.00 9.32  ? 125 VAL A CB  1 
ATOM   910  C  CG1 . VAL A 1 125 ? -1.109  -4.906  14.758  1.00 11.04 ? 125 VAL A CG1 1 
ATOM   911  C  CG2 . VAL A 1 125 ? -1.370  -2.973  13.178  1.00 10.30 ? 125 VAL A CG2 1 
ATOM   912  N  N   . GLY A 1 126 ? 0.796   -4.327  11.305  1.00 7.99  ? 126 GLY A N   1 
ATOM   913  C  CA  . GLY A 1 126 ? 2.222   -4.112  11.155  1.00 9.53  ? 126 GLY A CA  1 
ATOM   914  C  C   . GLY A 1 126 ? 2.515   -2.798  10.499  1.00 9.17  ? 126 GLY A C   1 
ATOM   915  O  O   . GLY A 1 126 ? 1.669   -1.910  10.467  1.00 9.27  ? 126 GLY A O   1 
ATOM   916  N  N   . HIS A 1 127 ? 3.793   -2.617  10.119  1.00 9.83  ? 127 HIS A N   1 
ATOM   917  C  CA  . HIS A 1 127 ? 4.251   -1.318  9.590   1.00 10.00 ? 127 HIS A CA  1 
ATOM   918  C  C   . HIS A 1 127 ? 5.250   -1.595  8.484   1.00 10.87 ? 127 HIS A C   1 
ATOM   919  O  O   . HIS A 1 127 ? 6.161   -2.415  8.705   1.00 12.17 ? 127 HIS A O   1 
ATOM   920  C  CB  . HIS A 1 127 ? 4.786   -0.429  10.693  1.00 10.75 ? 127 HIS A CB  1 
ATOM   921  C  CG  . HIS A 1 127 ? 5.728   -1.104  11.600  1.00 12.99 ? 127 HIS A CG  1 
ATOM   922  N  ND1 . HIS A 1 127 ? 7.092   -1.039  11.446  1.00 16.71 ? 127 HIS A ND1 1 
ATOM   923  C  CD2 . HIS A 1 127 ? 5.488   -1.905  12.650  1.00 13.80 ? 127 HIS A CD2 1 
ATOM   924  C  CE1 . HIS A 1 127 ? 7.637   -1.785  12.412  1.00 17.60 ? 127 HIS A CE1 1 
ATOM   925  N  NE2 . HIS A 1 127 ? 6.709   -2.334  13.165  1.00 18.70 ? 127 HIS A NE2 1 
ATOM   926  N  N   . ASP A 1 128 ? 5.124   -0.859  7.424   1.00 9.92  ? 128 ASP A N   1 
ATOM   927  C  CA  . ASP A 1 128 ? 6.057   -0.973  6.266   1.00 9.81  ? 128 ASP A CA  1 
ATOM   928  C  C   . ASP A 1 128 ? 6.533   0.435   5.945   1.00 10.50 ? 128 ASP A C   1 
ATOM   929  O  O   . ASP A 1 128 ? 5.781   1.390   5.860   1.00 11.12 ? 128 ASP A O   1 
ATOM   930  C  CB  . ASP A 1 128 ? 5.357   -1.572  5.059   1.00 10.36 ? 128 ASP A CB  1 
ATOM   931  C  CG  . ASP A 1 128 ? 5.047   -3.055  5.058   1.00 10.45 ? 128 ASP A CG  1 
ATOM   932  O  OD1 . ASP A 1 128 ? 5.493   -3.762  5.990   1.00 12.63 ? 128 ASP A OD1 1 
ATOM   933  O  OD2 . ASP A 1 128 ? 4.286   -3.445  4.186   1.00 10.33 ? 128 ASP A OD2 1 
ATOM   934  N  N   . THR A 1 129 ? 7.812   0.548   5.605   1.00 10.90 ? 129 THR A N   1 
ATOM   935  C  CA  . THR A 1 129 ? 8.406   1.775   5.059   1.00 11.79 ? 129 THR A CA  1 
ATOM   936  C  C   . THR A 1 129 ? 8.855   1.499   3.624   1.00 11.40 ? 129 THR A C   1 
ATOM   937  O  O   . THR A 1 129 ? 9.546   0.521   3.384   1.00 12.45 ? 129 THR A O   1 
ATOM   938  C  CB  . THR A 1 129 ? 9.601   2.217   5.874   1.00 16.48 ? 129 THR A CB  1 
ATOM   939  O  OG1 . THR A 1 129 ? 9.204   2.486   7.211   1.00 23.22 ? 129 THR A OG1 1 
ATOM   940  C  CG2 . THR A 1 129 ? 10.090  3.536   5.336   1.00 16.72 ? 129 THR A CG2 1 
ATOM   941  N  N   . PHE A 1 130 ? 8.357   2.317   2.732   1.00 10.89 ? 130 PHE A N   1 
ATOM   942  C  CA  . PHE A 1 130 ? 8.659   2.207   1.283   1.00 11.58 ? 130 PHE A CA  1 
ATOM   943  C  C   . PHE A 1 130 ? 9.622   3.311   0.901   1.00 12.03 ? 130 PHE A C   1 
ATOM   944  O  O   . PHE A 1 130 ? 9.490   4.478   1.287   1.00 11.98 ? 130 PHE A O   1 
ATOM   945  C  CB  . PHE A 1 130 ? 7.379   2.330   0.481   1.00 11.43 ? 130 PHE A CB  1 
ATOM   946  C  CG  . PHE A 1 130 ? 6.416   1.198   0.708   1.00 10.91 ? 130 PHE A CG  1 
ATOM   947  C  CD1 . PHE A 1 130 ? 5.509   1.288   1.731   1.00 11.27 ? 130 PHE A CD1 1 
ATOM   948  C  CD2 . PHE A 1 130 ? 6.396   0.051   -0.062  1.00 10.86 ? 130 PHE A CD2 1 
ATOM   949  C  CE1 . PHE A 1 130 ? 4.596   0.293   1.946   1.00 10.43 ? 130 PHE A CE1 1 
ATOM   950  C  CE2 . PHE A 1 130 ? 5.481   -0.966  0.150   1.00 10.93 ? 130 PHE A CE2 1 
ATOM   951  C  CZ  . PHE A 1 130 ? 4.617   -0.854  1.220   1.00 10.65 ? 130 PHE A CZ  1 
ATOM   952  N  N   A THR A 1 131 ? 10.638  2.928   0.117   0.50 12.46 ? 131 THR A N   1 
ATOM   953  N  N   B THR A 1 131 ? 10.529  2.917   0.005   0.50 13.27 ? 131 THR A N   1 
ATOM   954  C  CA  A THR A 1 131 ? 11.586  3.875   -0.528  0.50 13.25 ? 131 THR A CA  1 
ATOM   955  C  CA  B THR A 1 131 ? 11.599  3.773   -0.553  0.50 14.87 ? 131 THR A CA  1 
ATOM   956  C  C   A THR A 1 131 ? 11.634  3.590   -2.026  0.50 13.58 ? 131 THR A C   1 
ATOM   957  C  C   B THR A 1 131 ? 11.556  3.624   -2.073  0.50 14.34 ? 131 THR A C   1 
ATOM   958  O  O   A THR A 1 131 ? 11.339  2.455   -2.446  0.50 12.64 ? 131 THR A O   1 
ATOM   959  O  O   B THR A 1 131 ? 11.029  2.663   -2.606  0.50 13.27 ? 131 THR A O   1 
ATOM   960  C  CB  A THR A 1 131 ? 12.969  3.776   0.123   0.50 14.41 ? 131 THR A CB  1 
ATOM   961  C  CB  B THR A 1 131 ? 12.940  3.395   0.087   0.50 17.56 ? 131 THR A CB  1 
ATOM   962  O  OG1 A THR A 1 131 ? 13.497  2.469   -0.148  0.50 16.03 ? 131 THR A OG1 1 
ATOM   963  O  OG1 B THR A 1 131 ? 12.895  3.764   1.463   0.50 26.89 ? 131 THR A OG1 1 
ATOM   964  C  CG2 A THR A 1 131 ? 12.876  4.048   1.613   0.50 17.65 ? 131 THR A CG2 1 
ATOM   965  C  CG2 B THR A 1 131 ? 14.114  4.038   -0.590  0.50 18.37 ? 131 THR A CG2 1 
ATOM   966  N  N   . LYS A 1 132 ? 12.146  4.583   -2.774  1.00 16.38 ? 132 LYS A N   1 
ATOM   967  C  CA  . LYS A 1 132 ? 12.299  4.476   -4.247  1.00 18.41 ? 132 LYS A CA  1 
ATOM   968  C  C   . LYS A 1 132 ? 13.523  3.645   -4.606  1.00 22.21 ? 132 LYS A C   1 
ATOM   969  O  O   . LYS A 1 132 ? 13.623  3.315   -5.791  1.00 21.23 ? 132 LYS A O   1 
ATOM   970  C  CB  . LYS A 1 132 ? 12.382  5.878   -4.852  1.00 21.39 ? 132 LYS A CB  1 
ATOM   971  C  CG  . LYS A 1 132 ? 11.072  6.631   -4.775  1.00 27.31 ? 132 LYS A CG  1 
ATOM   972  C  CD  . LYS A 1 132 ? 10.237  6.720   -6.040  1.00 38.01 ? 132 LYS A CD  1 
ATOM   973  C  CE  . LYS A 1 132 ? 9.457   8.026   -6.099  1.00 41.00 ? 132 LYS A CE  1 
ATOM   974  N  NZ  . LYS A 1 132 ? 8.361   8.062   -7.125  1.00 37.98 ? 132 LYS A NZ  1 
ATOM   975  N  N   . VAL A 1 133 ? 14.436  3.357   -3.684  1.00 22.59 ? 133 VAL A N   1 
ATOM   976  C  CA  . VAL A 1 133 ? 15.622  2.488   -3.956  1.00 32.87 ? 133 VAL A CA  1 
ATOM   977  C  C   . VAL A 1 133 ? 15.480  1.163   -3.182  1.00 33.82 ? 133 VAL A C   1 
ATOM   978  O  O   . VAL A 1 133 ? 14.960  1.182   -2.043  1.00 40.12 ? 133 VAL A O   1 
ATOM   979  C  CB  . VAL A 1 133 ? 16.943  3.240   -3.674  1.00 38.95 ? 133 VAL A CB  1 
ATOM   980  C  CG1 . VAL A 1 133 ? 16.782  4.761   -3.610  1.00 39.75 ? 133 VAL A CG1 1 
ATOM   981  C  CG2 . VAL A 1 133 ? 17.668  2.720   -2.442  1.00 42.00 ? 133 VAL A CG2 1 
ATOM   982  N  N   . LYS A 1 134 ? 15.988  0.070   -3.756  1.00 40.18 ? 134 LYS A N   1 
ATOM   983  C  CA  . LYS A 1 134 ? 16.169  -1.270  -3.120  1.00 51.29 ? 134 LYS A CA  1 
ATOM   984  C  C   . LYS A 1 134 ? 14.995  -2.198  -3.372  1.00 49.38 ? 134 LYS A C   1 
ATOM   985  O  O   . LYS A 1 134 ? 15.095  -2.965  -4.341  1.00 62.91 ? 134 LYS A O   1 
ATOM   986  C  CB  . LYS A 1 134 ? 16.502  -1.163  -1.634  1.00 53.31 ? 134 LYS A CB  1 
ATOM   987  C  CG  . LYS A 1 134 ? 16.223  -2.410  -0.810  1.00 57.04 ? 134 LYS A CG  1 
ATOM   988  C  CD  . LYS A 1 134 ? 14.879  -2.469  -0.121  1.00 58.01 ? 134 LYS A CD  1 
ATOM   989  C  CE  . LYS A 1 134 ? 14.983  -3.387  1.077   1.00 58.97 ? 134 LYS A CE  1 
ATOM   990  N  NZ  . LYS A 1 134 ? 14.838  -4.814  0.714   1.00 62.50 ? 134 LYS A NZ  1 
HETATM 991  C  C10 A QG1 B 2 .   ? 3.215   -8.510  4.102   0.50 9.19  ? 201 QG1 A C10 1 
HETATM 992  C  C10 B QG1 B 2 .   ? 3.237   -8.496  4.119   0.50 9.32  ? 201 QG1 A C10 1 
HETATM 993  C  C15 A QG1 B 2 .   ? -4.917  -14.547 11.066  0.70 30.46 ? 201 QG1 A C15 1 
HETATM 994  C  C15 B QG1 B 2 .   ? -5.054  -14.545 10.937  0.30 31.34 ? 201 QG1 A C15 1 
HETATM 995  C  C17 A QG1 B 2 .   ? -0.997  -15.694 8.184   0.70 26.34 ? 201 QG1 A C17 1 
HETATM 996  C  C17 B QG1 B 2 .   ? -1.051  -14.794 8.078   0.30 24.64 ? 201 QG1 A C17 1 
HETATM 997  C  C11 A QG1 B 2 .   ? -3.131  -14.201 7.319   0.70 30.99 ? 201 QG1 A C11 1 
HETATM 998  C  C11 B QG1 B 2 .   ? -3.166  -13.581 7.298   0.30 27.42 ? 201 QG1 A C11 1 
HETATM 999  C  C12 A QG1 B 2 .   ? -3.806  -14.112 8.653   0.70 23.72 ? 201 QG1 A C12 1 
HETATM 1000 C  C12 B QG1 B 2 .   ? -3.896  -13.833 8.589   0.30 23.89 ? 201 QG1 A C12 1 
HETATM 1001 C  C14 A QG1 B 2 .   ? -4.774  -13.242 10.639  0.70 22.26 ? 201 QG1 A C14 1 
HETATM 1002 C  C14 B QG1 B 2 .   ? -4.931  -13.204 10.638  0.30 23.47 ? 201 QG1 A C14 1 
HETATM 1003 O  O2  A QG1 B 2 .   ? 4.851   -6.409  1.812   0.50 10.61 ? 201 QG1 A O2  1 
HETATM 1004 O  O2  B QG1 B 2 .   ? 4.842   -6.413  1.816   0.50 10.65 ? 201 QG1 A O2  1 
HETATM 1005 C  C9  A QG1 B 2 .   ? 4.222   -6.903  2.752   0.50 10.09 ? 201 QG1 A C9  1 
HETATM 1006 C  C9  B QG1 B 2 .   ? 4.182   -6.893  2.731   0.50 10.15 ? 201 QG1 A C9  1 
HETATM 1007 N  N1  A QG1 B 2 .   ? 3.785   -6.195  3.798   0.50 10.40 ? 201 QG1 A N1  1 
HETATM 1008 N  N1  B QG1 B 2 .   ? 3.817   -6.197  3.803   0.50 10.44 ? 201 QG1 A N1  1 
HETATM 1009 N  N2  A QG1 B 2 .   ? 3.934   -8.184  2.849   0.50 9.79  ? 201 QG1 A N2  1 
HETATM 1010 N  N2  B QG1 B 2 .   ? 3.954   -8.173  2.870   0.50 9.81  ? 201 QG1 A N2  1 
HETATM 1011 C  C8  A QG1 B 2 .   ? 3.139   -7.075  4.765   0.50 8.92  ? 201 QG1 A C8  1 
HETATM 1012 C  C8  B QG1 B 2 .   ? 3.153   -7.058  4.771   0.50 8.95  ? 201 QG1 A C8  1 
HETATM 1013 C  C7  A QG1 B 2 .   ? 1.627   -6.753  4.893   0.50 10.48 ? 201 QG1 A C7  1 
HETATM 1014 C  C7  B QG1 B 2 .   ? 1.643   -6.709  4.887   0.50 10.61 ? 201 QG1 A C7  1 
HETATM 1015 S  S1  A QG1 B 2 .   ? 0.810   -7.568  3.548   0.50 10.38 ? 201 QG1 A S1  1 
HETATM 1016 S  S1  B QG1 B 2 .   ? 0.825   -7.552  3.560   0.50 10.41 ? 201 QG1 A S1  1 
HETATM 1017 C  C6  A QG1 B 2 .   ? 1.803   -9.026  3.881   0.50 9.35  ? 201 QG1 A C6  1 
HETATM 1018 C  C6  B QG1 B 2 .   ? 1.826   -9.008  3.893   0.50 9.43  ? 201 QG1 A C6  1 
HETATM 1019 C  C5  A QG1 B 2 .   ? 1.717   -10.126 2.808   0.50 10.23 ? 201 QG1 A C5  1 
HETATM 1020 C  C5  B QG1 B 2 .   ? 1.726   -10.123 2.835   0.50 10.33 ? 201 QG1 A C5  1 
HETATM 1021 C  C4  A QG1 B 2 .   ? 0.392   -10.868 2.899   0.50 10.03 ? 201 QG1 A C4  1 
HETATM 1022 C  C4  B QG1 B 2 .   ? 0.405   -10.873 2.926   0.50 10.11 ? 201 QG1 A C4  1 
HETATM 1023 C  C3  A QG1 B 2 .   ? 0.258   -11.943 1.795   0.50 10.94 ? 201 QG1 A C3  1 
HETATM 1024 C  C3  B QG1 B 2 .   ? 0.296   -11.906 1.781   0.50 11.13 ? 201 QG1 A C3  1 
HETATM 1025 C  C2  A QG1 B 2 .   ? -1.066  -12.704 1.877   0.50 12.06 ? 201 QG1 A C2  1 
HETATM 1026 C  C2  B QG1 B 2 .   ? -1.020  -12.681 1.827   0.50 12.16 ? 201 QG1 A C2  1 
HETATM 1027 C  C1  A QG1 B 2 .   ? -1.156  -13.642 3.104   0.50 12.45 ? 201 QG1 A C1  1 
HETATM 1028 C  C1  B QG1 B 2 .   ? -1.129  -13.619 3.051   0.50 12.62 ? 201 QG1 A C1  1 
HETATM 1029 C  C24 A QG1 B 2 .   ? -2.420  -14.715 4.709   0.50 15.28 ? 201 QG1 A C24 1 
HETATM 1030 C  C24 B QG1 B 2 .   ? -2.511  -14.685 4.648   0.50 15.67 ? 201 QG1 A C24 1 
HETATM 1031 O  O1  A QG1 B 2 .   ? -0.162  -14.284 3.480   0.50 13.30 ? 201 QG1 A O1  1 
HETATM 1032 O  O1  B QG1 B 2 .   ? -0.133  -14.241 3.438   0.50 13.44 ? 201 QG1 A O1  1 
HETATM 1033 N  N6  A QG1 B 2 .   ? -2.382  -13.621 3.681   0.70 12.38 ? 201 QG1 A N6  1 
HETATM 1034 N  N6  B QG1 B 2 .   ? -2.373  -13.616 3.615   0.30 12.57 ? 201 QG1 A N6  1 
HETATM 1035 C  C23 A QG1 B 2 .   ? -1.635  -14.376 5.994   0.70 18.23 ? 201 QG1 A C23 1 
HETATM 1036 C  C23 B QG1 B 2 .   ? -1.636  -14.280 5.827   0.30 20.25 ? 201 QG1 A C23 1 
HETATM 1037 N  N3  A QG1 B 2 .   ? -2.039  -15.265 7.097   0.70 20.04 ? 201 QG1 A N3  1 
HETATM 1038 N  N3  B QG1 B 2 .   ? -2.177  -14.739 7.076   0.30 24.36 ? 201 QG1 A N3  1 
HETATM 1039 FE FE1 A QG1 B 2 .   ? -3.223  -16.777 7.404   0.80 28.09 ? 201 QG1 A FE1 1 
HETATM 1040 N  N4  A QG1 B 2 .   ? -3.916  -15.325 9.072   0.70 25.01 ? 201 QG1 A N4  1 
HETATM 1041 N  N4  B QG1 B 2 .   ? -3.941  -15.115 8.914   0.30 25.04 ? 201 QG1 A N4  1 
HETATM 1042 C  C16 A QG1 B 2 .   ? -4.506  -15.605 10.240  0.70 30.43 ? 201 QG1 A C16 1 
HETATM 1043 C  C16 B QG1 B 2 .   ? -4.566  -15.507 10.038  0.30 31.72 ? 201 QG1 A C16 1 
HETATM 1044 C  C13 A QG1 B 2 .   ? -4.253  -12.983 9.388   0.70 25.33 ? 201 QG1 A C13 1 
HETATM 1045 C  C13 B QG1 B 2 .   ? -4.403  -12.817 9.431   0.30 23.89 ? 201 QG1 A C13 1 
HETATM 1046 N  N5  A QG1 B 2 .   ? 0.604   -16.837 6.608   0.70 30.31 ? 201 QG1 A N5  1 
HETATM 1047 N  N5  B QG1 B 2 .   ? -1.144  -17.290 7.934   0.30 25.23 ? 201 QG1 A N5  1 
HETATM 1048 C  C18 A QG1 B 2 .   ? 0.440   -16.020 7.680   0.70 28.24 ? 201 QG1 A C18 1 
HETATM 1049 C  C18 B QG1 B 2 .   ? -0.406  -16.166 8.152   0.30 26.40 ? 201 QG1 A C18 1 
HETATM 1050 C  C22 A QG1 B 2 .   ? 1.809   -17.139 6.049   0.70 29.77 ? 201 QG1 A C22 1 
HETATM 1051 C  C22 B QG1 B 2 .   ? -0.633  -18.541 7.992   0.30 30.18 ? 201 QG1 A C22 1 
HETATM 1052 C  C21 A QG1 B 2 .   ? 2.985   -16.617 6.584   0.70 28.17 ? 201 QG1 A C21 1 
HETATM 1053 C  C21 B QG1 B 2 .   ? 0.717   -18.692 8.289   0.30 29.59 ? 201 QG1 A C21 1 
HETATM 1054 C  C20 A QG1 B 2 .   ? 2.880   -15.789 7.703   0.70 31.02 ? 201 QG1 A C20 1 
HETATM 1055 C  C20 B QG1 B 2 .   ? 1.500   -17.542 8.512   0.30 31.35 ? 201 QG1 A C20 1 
HETATM 1056 C  C19 A QG1 B 2 .   ? 1.609   -15.484 8.235   0.70 26.46 ? 201 QG1 A C19 1 
HETATM 1057 C  C19 B QG1 B 2 .   ? 0.959   -16.243 8.455   0.30 25.42 ? 201 QG1 A C19 1 
HETATM 1058 C  C   . ACT C 3 .   ? 5.775   -20.926 -1.103  0.50 41.95 ? 202 ACT A C   1 
HETATM 1059 O  O   . ACT C 3 .   ? 5.125   -21.921 -1.431  0.50 40.47 ? 202 ACT A O   1 
HETATM 1060 O  OXT . ACT C 3 .   ? 6.109   -20.677 0.076   0.50 43.43 ? 202 ACT A OXT 1 
HETATM 1061 C  CH3 . ACT C 3 .   ? 6.191   -19.942 -2.197  0.50 42.19 ? 202 ACT A CH3 1 
HETATM 1062 C  C   . ACT D 3 .   ? -4.008  11.802  -14.043 1.00 47.56 ? 203 ACT A C   1 
HETATM 1063 O  O   . ACT D 3 .   ? -5.158  11.854  -13.678 1.00 44.50 ? 203 ACT A O   1 
HETATM 1064 O  OXT . ACT D 3 .   ? -3.405  12.767  -14.530 1.00 46.60 ? 203 ACT A OXT 1 
HETATM 1065 C  CH3 . ACT D 3 .   ? -3.290  10.439  -13.940 1.00 52.29 ? 203 ACT A CH3 1 
HETATM 1066 O  O   . HOH E 4 .   ? 2.656   -0.402  13.669  0.50 30.34 ? 301 HOH A O   1 
HETATM 1067 O  O   . HOH E 4 .   ? 11.716  3.586   -7.725  1.00 21.56 ? 302 HOH A O   1 
HETATM 1068 O  O   . HOH E 4 .   ? -7.925  3.060   -8.735  1.00 33.43 ? 303 HOH A O   1 
HETATM 1069 O  O   . HOH E 4 .   ? 1.379   -6.408  -14.267 1.00 51.67 ? 304 HOH A O   1 
HETATM 1070 O  O   . HOH E 4 .   ? -1.264  -21.504 -8.997  1.00 17.06 ? 305 HOH A O   1 
HETATM 1071 O  O   . HOH E 4 .   ? 15.115  2.100   -7.522  1.00 21.49 ? 306 HOH A O   1 
HETATM 1072 O  O   . HOH E 4 .   ? 6.996   9.939   -11.047 1.00 37.23 ? 307 HOH A O   1 
HETATM 1073 O  O   . HOH E 4 .   ? 13.458  6.934   -1.683  1.00 20.35 ? 308 HOH A O   1 
HETATM 1074 O  O   . HOH E 4 .   ? 11.785  11.695  2.971   1.00 40.17 ? 309 HOH A O   1 
HETATM 1075 O  O   . HOH E 4 .   ? -7.252  9.434   -11.959 1.00 38.47 ? 310 HOH A O   1 
HETATM 1076 O  O   . HOH E 4 .   ? 15.469  -7.134  1.756   1.00 51.69 ? 311 HOH A O   1 
HETATM 1077 O  O   . HOH E 4 .   ? 2.535   -3.726  -12.534 1.00 30.57 ? 312 HOH A O   1 
HETATM 1078 O  O   . HOH E 4 .   ? 12.365  -3.368  -9.752  1.00 34.28 ? 313 HOH A O   1 
HETATM 1079 O  O   . HOH E 4 .   ? 3.227   -11.496 -4.377  1.00 13.93 ? 314 HOH A O   1 
HETATM 1080 O  O   . HOH E 4 .   ? -2.450  -14.989 -2.616  1.00 12.93 ? 315 HOH A O   1 
HETATM 1081 O  O   . HOH E 4 .   ? -7.651  -10.049 15.237  1.00 17.58 ? 316 HOH A O   1 
HETATM 1082 O  O   . HOH E 4 .   ? 3.777   20.039  3.186   1.00 37.02 ? 317 HOH A O   1 
HETATM 1083 O  O   . HOH E 4 .   ? -10.299 -6.288  10.908  1.00 15.59 ? 318 HOH A O   1 
HETATM 1084 O  O   . HOH E 4 .   ? -14.510 -22.195 13.857  1.00 34.74 ? 319 HOH A O   1 
HETATM 1085 O  O   . HOH E 4 .   ? 6.129   15.528  -4.144  1.00 32.84 ? 320 HOH A O   1 
HETATM 1086 O  O   . HOH E 4 .   ? 3.644   16.385  1.581   1.00 29.25 ? 321 HOH A O   1 
HETATM 1087 O  O   . HOH E 4 .   ? -6.133  -20.405 0.527   1.00 32.49 ? 322 HOH A O   1 
HETATM 1088 O  O   . HOH E 4 .   ? -0.484  4.045   -15.077 1.00 45.53 ? 323 HOH A O   1 
HETATM 1089 O  O   . HOH E 4 .   ? -4.282  -18.515 8.145   1.00 33.61 ? 324 HOH A O   1 
HETATM 1090 O  O   . HOH E 4 .   ? -7.707  13.690  -2.810  1.00 15.79 ? 325 HOH A O   1 
HETATM 1091 O  O   . HOH E 4 .   ? 6.360   -13.325 -6.560  1.00 39.24 ? 326 HOH A O   1 
HETATM 1092 O  O   . HOH E 4 .   ? -2.320  15.001  3.589   1.00 13.87 ? 327 HOH A O   1 
HETATM 1093 O  O   . HOH E 4 .   ? -1.220  21.377  -1.778  1.00 44.26 ? 328 HOH A O   1 
HETATM 1094 O  O   . HOH E 4 .   ? 9.020   -7.878  -4.780  1.00 23.16 ? 329 HOH A O   1 
HETATM 1095 O  O   . HOH E 4 .   ? -13.008 -9.881  11.975  1.00 22.37 ? 330 HOH A O   1 
HETATM 1096 O  O   . HOH E 4 .   ? -8.281  1.070   -1.056  0.50 11.76 ? 331 HOH A O   1 
HETATM 1097 O  O   . HOH E 4 .   ? -6.566  -7.001  -5.075  1.00 11.81 ? 332 HOH A O   1 
HETATM 1098 O  O   . HOH E 4 .   ? 5.744   -5.769  7.880   1.00 16.24 ? 333 HOH A O   1 
HETATM 1099 O  O   . HOH E 4 .   ? -9.018  -18.204 8.347   1.00 27.97 ? 334 HOH A O   1 
HETATM 1100 O  O   . HOH E 4 .   ? -3.846  -2.663  -11.505 1.00 26.11 ? 335 HOH A O   1 
HETATM 1101 O  O   . HOH E 4 .   ? -6.781  -0.803  -9.390  1.00 39.93 ? 336 HOH A O   1 
HETATM 1102 O  O   . HOH E 4 .   ? 6.049   -6.282  -9.132  1.00 21.55 ? 337 HOH A O   1 
HETATM 1103 O  O   . HOH E 4 .   ? -4.483  6.193   -10.505 1.00 23.27 ? 338 HOH A O   1 
HETATM 1104 O  O   . HOH E 4 .   ? 6.230   15.643  1.347   1.00 37.34 ? 339 HOH A O   1 
HETATM 1105 O  O   . HOH E 4 .   ? 5.732   -16.995 -3.730  1.00 36.42 ? 340 HOH A O   1 
HETATM 1106 O  O   . HOH E 4 .   ? -6.899  -17.820 -7.394  1.00 32.70 ? 341 HOH A O   1 
HETATM 1107 O  O   . HOH E 4 .   ? -0.497  -11.746 -11.268 1.00 23.80 ? 342 HOH A O   1 
HETATM 1108 O  O   . HOH E 4 .   ? -2.586  -17.871 5.583   1.00 30.20 ? 343 HOH A O   1 
HETATM 1109 O  O   . HOH E 4 .   ? -16.555 -14.222 10.531  1.00 33.88 ? 344 HOH A O   1 
HETATM 1110 O  O   . HOH E 4 .   ? -8.907  -21.908 -0.801  1.00 34.60 ? 345 HOH A O   1 
HETATM 1111 O  O   . HOH E 4 .   ? -11.199 -19.356 18.556  1.00 29.48 ? 346 HOH A O   1 
HETATM 1112 O  O   . HOH E 4 .   ? 0.596   1.763   -11.915 1.00 36.81 ? 347 HOH A O   1 
HETATM 1113 O  O   . HOH E 4 .   ? -8.200  -12.947 -1.034  1.00 14.97 ? 348 HOH A O   1 
HETATM 1114 O  O   . HOH E 4 .   ? -0.931  17.328  4.551   1.00 17.43 ? 349 HOH A O   1 
HETATM 1115 O  O   . HOH E 4 .   ? -0.576  15.382  -3.223  1.00 23.61 ? 350 HOH A O   1 
HETATM 1116 O  O   . HOH E 4 .   ? 5.837   -14.244 -1.719  1.00 28.97 ? 351 HOH A O   1 
HETATM 1117 O  O   . HOH E 4 .   ? 11.660  -10.482 3.662   1.00 35.05 ? 352 HOH A O   1 
HETATM 1118 O  O   . HOH E 4 .   ? -10.392 6.376   -6.847  1.00 23.68 ? 353 HOH A O   1 
HETATM 1119 O  O   . HOH E 4 .   ? -5.188  -9.321  -8.219  1.00 14.98 ? 354 HOH A O   1 
HETATM 1120 O  O   . HOH E 4 .   ? 10.813  -5.662  -8.129  1.00 36.68 ? 355 HOH A O   1 
HETATM 1121 O  O   . HOH E 4 .   ? 4.590   -20.331 -6.536  1.00 42.97 ? 356 HOH A O   1 
HETATM 1122 O  O   . HOH E 4 .   ? 0.965   10.466  -12.307 1.00 34.36 ? 357 HOH A O   1 
HETATM 1123 O  O   . HOH E 4 .   ? 10.241  9.578   6.201   1.00 40.29 ? 358 HOH A O   1 
HETATM 1124 O  O   . HOH E 4 .   ? -8.084  -9.500  -6.101  1.00 19.36 ? 359 HOH A O   1 
HETATM 1125 O  O   . HOH E 4 .   ? -9.399  14.718  -4.773  1.00 38.37 ? 360 HOH A O   1 
HETATM 1126 O  O   . HOH E 4 .   ? -19.036 -18.835 11.352  1.00 33.12 ? 361 HOH A O   1 
HETATM 1127 O  O   . HOH E 4 .   ? 2.683   5.931   9.030   1.00 23.90 ? 362 HOH A O   1 
HETATM 1128 O  O   . HOH E 4 .   ? 3.648   3.173   -11.812 1.00 30.88 ? 363 HOH A O   1 
HETATM 1129 O  O   . HOH E 4 .   ? 8.130   0.656   9.342   1.00 25.90 ? 364 HOH A O   1 
HETATM 1130 O  O   . HOH E 4 .   ? 6.200   2.704   8.939   1.00 22.70 ? 365 HOH A O   1 
HETATM 1131 O  O   . HOH E 4 .   ? 6.312   -15.957 0.034   1.00 34.61 ? 366 HOH A O   1 
HETATM 1132 O  O   . HOH E 4 .   ? -18.347 -19.788 14.148  1.00 28.14 ? 367 HOH A O   1 
HETATM 1133 O  O   . HOH E 4 .   ? -10.897 -9.160  15.352  1.00 24.58 ? 368 HOH A O   1 
HETATM 1134 O  O   . HOH E 4 .   ? 6.144   10.046  8.233   1.00 30.51 ? 369 HOH A O   1 
HETATM 1135 O  O   . HOH E 4 .   ? 12.395  0.217   2.822   1.00 36.84 ? 370 HOH A O   1 
HETATM 1136 O  O   . HOH E 4 .   ? -2.930  -12.814 -11.854 1.00 27.80 ? 371 HOH A O   1 
HETATM 1137 O  O   . HOH E 4 .   ? 11.048  6.430   7.653   1.00 39.63 ? 372 HOH A O   1 
HETATM 1138 O  O   . HOH E 4 .   ? -15.180 -16.590 19.797  1.00 33.15 ? 373 HOH A O   1 
HETATM 1139 O  O   . HOH E 4 .   ? 6.720   -16.172 3.909   1.00 29.25 ? 374 HOH A O   1 
HETATM 1140 O  O   . HOH E 4 .   ? -11.719 -19.536 10.869  1.00 21.67 ? 375 HOH A O   1 
HETATM 1141 O  O   . HOH E 4 .   ? 5.278   15.664  -6.663  1.00 39.43 ? 376 HOH A O   1 
HETATM 1142 O  O   . HOH E 4 .   ? 5.413   -5.042  10.631  1.00 15.41 ? 377 HOH A O   1 
HETATM 1143 O  O   . HOH E 4 .   ? 13.999  9.267   -3.328  1.00 25.86 ? 378 HOH A O   1 
HETATM 1144 O  O   . HOH E 4 .   ? -14.365 -14.520 17.720  1.00 22.47 ? 379 HOH A O   1 
HETATM 1145 O  O   . HOH E 4 .   ? -1.832  1.549   -12.554 1.00 45.55 ? 380 HOH A O   1 
HETATM 1146 O  O   . HOH E 4 .   ? -11.141 -17.865 4.604   1.00 21.97 ? 381 HOH A O   1 
HETATM 1147 O  O   . HOH E 4 .   ? 8.485   -6.130  8.566   1.00 21.54 ? 382 HOH A O   1 
HETATM 1148 O  O   . HOH E 4 .   ? 3.966   -4.898  -8.073  1.00 19.25 ? 383 HOH A O   1 
HETATM 1149 O  O   . HOH E 4 .   ? -3.953  -17.875 3.436   1.00 28.60 ? 384 HOH A O   1 
HETATM 1150 O  O   . HOH E 4 .   ? 7.038   15.522  6.516   1.00 39.74 ? 385 HOH A O   1 
HETATM 1151 O  O   . HOH E 4 .   ? -4.149  22.568  0.707   1.00 42.27 ? 386 HOH A O   1 
HETATM 1152 O  O   . HOH E 4 .   ? 2.872   16.517  -9.103  1.00 35.32 ? 387 HOH A O   1 
HETATM 1153 O  O   . HOH E 4 .   ? -3.693  -20.841 -0.610  1.00 27.43 ? 388 HOH A O   1 
HETATM 1154 O  O   . HOH E 4 .   ? -8.503  4.602   -7.165  1.00 28.59 ? 389 HOH A O   1 
HETATM 1155 O  O   . HOH E 4 .   ? 3.610   18.259  -0.492  1.00 34.33 ? 390 HOH A O   1 
HETATM 1156 O  O   . HOH E 4 .   ? 6.317   -4.956  14.704  1.00 28.11 ? 391 HOH A O   1 
HETATM 1157 O  O   . HOH E 4 .   ? 8.156   -4.130  10.360  1.00 35.43 ? 392 HOH A O   1 
HETATM 1158 O  O   . HOH E 4 .   ? -8.062  -18.791 4.625   1.00 37.53 ? 393 HOH A O   1 
HETATM 1159 O  O   . HOH E 4 .   ? -12.203 12.518  -7.151  1.00 38.24 ? 394 HOH A O   1 
HETATM 1160 O  O   . HOH E 4 .   ? 8.236   -5.475  -10.881 1.00 35.29 ? 395 HOH A O   1 
HETATM 1161 O  O   . HOH E 4 .   ? -9.866  -18.055 -6.102  1.00 29.28 ? 396 HOH A O   1 
HETATM 1162 O  O   . HOH E 4 .   ? -2.596  -20.965 -11.575 1.00 33.41 ? 397 HOH A O   1 
HETATM 1163 O  O   . HOH E 4 .   ? 9.189   -1.248  8.454   1.00 39.89 ? 398 HOH A O   1 
HETATM 1164 O  O   . HOH E 4 .   ? -3.629  -9.653  -10.486 1.00 31.98 ? 399 HOH A O   1 
HETATM 1165 O  O   . HOH E 4 .   ? -9.104  -18.663 11.073  1.00 34.10 ? 400 HOH A O   1 
HETATM 1166 O  O   . HOH E 4 .   ? -1.603  -13.668 -14.694 1.00 50.79 ? 401 HOH A O   1 
HETATM 1167 O  O   . HOH E 4 .   ? -12.172 13.727  -4.821  1.00 31.09 ? 402 HOH A O   1 
HETATM 1168 O  O   . HOH E 4 .   ? -7.499  -12.631 -10.538 1.00 42.29 ? 403 HOH A O   1 
HETATM 1169 O  O   . HOH E 4 .   ? 10.269  5.432   -9.097  0.50 49.63 ? 404 HOH A O   1 
HETATM 1170 O  O   . HOH E 4 .   ? -2.106  -7.702  -11.126 1.00 32.27 ? 405 HOH A O   1 
HETATM 1171 O  O   . HOH E 4 .   ? 9.991   2.195   10.901  1.00 41.68 ? 406 HOH A O   1 
HETATM 1172 O  O   . HOH E 4 .   ? -22.920 -11.650 11.866  1.00 47.57 ? 407 HOH A O   1 
HETATM 1173 O  O   . HOH E 4 .   ? -3.081  -18.102 -14.675 1.00 39.46 ? 408 HOH A O   1 
HETATM 1174 O  O   . HOH E 4 .   ? -9.100  1.153   -10.453 1.00 37.04 ? 409 HOH A O   1 
HETATM 1175 O  O   . HOH E 4 .   ? -2.150  -0.960  -12.976 1.00 42.80 ? 410 HOH A O   1 
HETATM 1176 O  O   . HOH E 4 .   ? -6.398  -19.690 3.244   1.00 40.72 ? 411 HOH A O   1 
HETATM 1177 O  O   . HOH E 4 .   ? -15.550 -12.211 18.084  1.00 36.31 ? 412 HOH A O   1 
HETATM 1178 O  O   . HOH E 4 .   ? -11.469 -18.485 -8.342  1.00 41.98 ? 413 HOH A O   1 
HETATM 1179 O  O   . HOH E 4 .   ? -3.251  -5.132  -12.745 1.00 34.25 ? 414 HOH A O   1 
HETATM 1180 O  O   . HOH E 4 .   ? -6.408  -2.085  -11.783 1.00 32.27 ? 415 HOH A O   1 
HETATM 1181 O  O   . HOH E 4 .   ? -13.977 8.907   -8.787  1.00 36.45 ? 416 HOH A O   1 
HETATM 1182 O  O   . HOH E 4 .   ? -6.314  -0.142  -13.843 1.00 40.49 ? 417 HOH A O   1 
HETATM 1183 O  O   . HOH E 4 .   ? -5.316  -6.427  -13.677 1.00 40.89 ? 418 HOH A O   1 
# 
loop_
_pdbx_poly_seq_scheme.asym_id 
_pdbx_poly_seq_scheme.entity_id 
_pdbx_poly_seq_scheme.seq_id 
_pdbx_poly_seq_scheme.mon_id 
_pdbx_poly_seq_scheme.ndb_seq_num 
_pdbx_poly_seq_scheme.pdb_seq_num 
_pdbx_poly_seq_scheme.auth_seq_num 
_pdbx_poly_seq_scheme.pdb_mon_id 
_pdbx_poly_seq_scheme.auth_mon_id 
_pdbx_poly_seq_scheme.pdb_strand_id 
_pdbx_poly_seq_scheme.pdb_ins_code 
_pdbx_poly_seq_scheme.hetero 
A 1 1   MET 1   1   ?   ?   ?   A . n 
A 1 2   ALA 2   2   ?   ?   ?   A . n 
A 1 3   SER 3   3   ?   ?   ?   A . n 
A 1 4   MET 4   4   ?   ?   ?   A . n 
A 1 5   THR 5   5   ?   ?   ?   A . n 
A 1 6   GLY 6   6   ?   ?   ?   A . n 
A 1 7   GLY 7   7   ?   ?   ?   A . n 
A 1 8   GLN 8   8   ?   ?   ?   A . n 
A 1 9   GLN 9   9   ?   ?   ?   A . n 
A 1 10  MET 10  10  10  MET MET A . n 
A 1 11  GLY 11  11  11  GLY GLY A . n 
A 1 12  ARG 12  12  12  ARG ARG A . n 
A 1 13  ASP 13  13  13  ASP ASP A . n 
A 1 14  GLU 14  14  14  GLU GLU A . n 
A 1 15  ALA 15  15  15  ALA ALA A . n 
A 1 16  GLY 16  16  16  GLY GLY A . n 
A 1 17  ILE 17  17  17  ILE ILE A . n 
A 1 18  THR 18  18  18  THR THR A . n 
A 1 19  GLY 19  19  19  GLY GLY A . n 
A 1 20  THR 20  20  20  THR THR A . n 
A 1 21  TRP 21  21  21  TRP TRP A . n 
A 1 22  TYR 22  22  22  TYR TYR A . n 
A 1 23  ASN 23  23  23  ASN ASN A . n 
A 1 24  GLN 24  24  24  GLN GLN A . n 
A 1 25  LEU 25  25  25  LEU LEU A . n 
A 1 26  GLY 26  26  26  GLY GLY A . n 
A 1 27  SER 27  27  27  SER SER A . n 
A 1 28  THR 28  28  28  THR THR A . n 
A 1 29  PHE 29  29  29  PHE PHE A . n 
A 1 30  ILE 30  30  30  ILE ILE A . n 
A 1 31  VAL 31  31  31  VAL VAL A . n 
A 1 32  THR 32  32  32  THR THR A . n 
A 1 33  ALA 33  33  33  ALA ALA A . n 
A 1 34  GLY 34  34  34  GLY GLY A . n 
A 1 35  ALA 35  35  35  ALA ALA A . n 
A 1 36  ASP 36  36  36  ASP ASP A . n 
A 1 37  GLY 37  37  37  GLY GLY A . n 
A 1 38  ALA 38  38  38  ALA ALA A . n 
A 1 39  LEU 39  39  39  LEU LEU A . n 
A 1 40  THR 40  40  40  THR THR A . n 
A 1 41  GLY 41  41  41  GLY GLY A . n 
A 1 42  THR 42  42  42  THR THR A . n 
A 1 43  TYR 43  43  43  TYR TYR A . n 
A 1 44  GLU 44  44  44  GLU GLU A . n 
A 1 45  SER 45  45  45  SER SER A . n 
A 1 46  ALA 46  46  46  ALA ALA A . n 
A 1 47  VAL 47  47  47  VAL VAL A . n 
A 1 48  GLY 48  48  48  GLY GLY A . n 
A 1 49  ASN 49  49  49  ASN ASN A . n 
A 1 50  ALA 50  50  50  ALA ALA A . n 
A 1 51  GLU 51  51  51  GLU GLU A . n 
A 1 52  SER 52  52  52  SER SER A . n 
A 1 53  ARG 53  53  53  ARG ARG A . n 
A 1 54  TYR 54  54  54  TYR TYR A . n 
A 1 55  VAL 55  55  55  VAL VAL A . n 
A 1 56  LEU 56  56  56  LEU LEU A . n 
A 1 57  THR 57  57  57  THR THR A . n 
A 1 58  GLY 58  58  58  GLY GLY A . n 
A 1 59  ARG 59  59  59  ARG ARG A . n 
A 1 60  TYR 60  60  60  TYR TYR A . n 
A 1 61  ASP 61  61  61  ASP ASP A . n 
A 1 62  SER 62  62  62  SER SER A . n 
A 1 63  ALA 63  63  63  ALA ALA A . n 
A 1 64  PRO 64  64  64  PRO PRO A . n 
A 1 65  ALA 65  65  65  ALA ALA A . n 
A 1 66  THR 66  66  66  THR THR A . n 
A 1 67  ASP 67  67  67  ASP ASP A . n 
A 1 68  GLY 68  68  68  GLY GLY A . n 
A 1 69  SER 69  69  69  SER SER A . n 
A 1 70  GLY 70  70  70  GLY GLY A . n 
A 1 71  THR 71  71  71  THR THR A . n 
A 1 72  ALA 72  72  72  ALA ALA A . n 
A 1 73  LEU 73  73  73  LEU LEU A . n 
A 1 74  GLY 74  74  74  GLY GLY A . n 
A 1 75  TRP 75  75  75  TRP TRP A . n 
A 1 76  THR 76  76  76  THR THR A . n 
A 1 77  VAL 77  77  77  VAL VAL A . n 
A 1 78  ALA 78  78  78  ALA ALA A . n 
A 1 79  TRP 79  79  79  TRP TRP A . n 
A 1 80  LYS 80  80  80  LYS LYS A . n 
A 1 81  ASN 81  81  81  ASN ASN A . n 
A 1 82  ASN 82  82  82  ASN ASN A . n 
A 1 83  TYR 83  83  83  TYR TYR A . n 
A 1 84  ARG 84  84  84  ARG ARG A . n 
A 1 85  ASN 85  85  85  ASN ASN A . n 
A 1 86  ALA 86  86  86  ALA ALA A . n 
A 1 87  HIS 87  87  87  HIS HIS A . n 
A 1 88  SER 88  88  88  SER SER A . n 
A 1 89  ALA 89  89  89  ALA ALA A . n 
A 1 90  THR 90  90  90  THR THR A . n 
A 1 91  THR 91  91  91  THR THR A . n 
A 1 92  TRP 92  92  92  TRP TRP A . n 
A 1 93  SER 93  93  93  SER SER A . n 
A 1 94  GLY 94  94  94  GLY GLY A . n 
A 1 95  GLN 95  95  95  GLN GLN A . n 
A 1 96  TYR 96  96  96  TYR TYR A . n 
A 1 97  VAL 97  97  97  VAL VAL A . n 
A 1 98  GLY 98  98  98  GLY GLY A . n 
A 1 99  GLY 99  99  99  GLY GLY A . n 
A 1 100 ALA 100 100 100 ALA ALA A . n 
A 1 101 GLN 101 101 101 GLN GLN A . n 
A 1 102 ALA 102 102 102 ALA ALA A . n 
A 1 103 ARG 103 103 103 ARG ARG A . n 
A 1 104 ILE 104 104 104 ILE ILE A . n 
A 1 105 ASN 105 105 105 ASN ASN A . n 
A 1 106 THR 106 106 106 THR THR A . n 
A 1 107 GLN 107 107 107 GLN GLN A . n 
A 1 108 TRP 108 108 108 TRP TRP A . n 
A 1 109 LEU 109 109 109 LEU LEU A . n 
A 1 110 LEU 110 110 110 LEU LEU A . n 
A 1 111 THR 111 111 111 THR THR A . n 
A 1 112 GLU 112 112 112 GLU GLU A . n 
A 1 113 GLY 113 113 113 GLY GLY A . n 
A 1 114 THR 114 114 114 THR THR A . n 
A 1 115 THR 115 115 115 THR THR A . n 
A 1 116 GLU 116 116 116 GLU GLU A . n 
A 1 117 ALA 117 117 117 ALA ALA A . n 
A 1 118 ASN 118 118 118 ASN ASN A . n 
A 1 119 ALA 119 119 119 ALA ALA A . n 
A 1 120 TRP 120 120 120 TRP TRP A . n 
A 1 121 ALA 121 121 121 ALA ALA A . n 
A 1 122 SER 122 122 122 SER SER A . n 
A 1 123 THR 123 123 123 THR THR A . n 
A 1 124 LEU 124 124 124 LEU LEU A . n 
A 1 125 VAL 125 125 125 VAL VAL A . n 
A 1 126 GLY 126 126 126 GLY GLY A . n 
A 1 127 HIS 127 127 127 HIS HIS A . n 
A 1 128 ASP 128 128 128 ASP ASP A . n 
A 1 129 THR 129 129 129 THR THR A . n 
A 1 130 PHE 130 130 130 PHE PHE A . n 
A 1 131 THR 131 131 131 THR THR A . n 
A 1 132 LYS 132 132 132 LYS LYS A . n 
A 1 133 VAL 133 133 133 VAL VAL A . n 
A 1 134 LYS 134 134 134 LYS LYS A . n 
A 1 135 PRO 135 135 ?   ?   ?   A . n 
A 1 136 SER 136 136 ?   ?   ?   A . n 
A 1 137 ALA 137 137 ?   ?   ?   A . n 
A 1 138 ALA 138 138 ?   ?   ?   A . n 
A 1 139 SER 139 139 ?   ?   ?   A . n 
A 1 140 ILE 140 140 ?   ?   ?   A . n 
A 1 141 ASP 141 141 ?   ?   ?   A . n 
A 1 142 ALA 142 142 ?   ?   ?   A . n 
A 1 143 ALA 143 143 ?   ?   ?   A . n 
A 1 144 LYS 144 144 ?   ?   ?   A . n 
A 1 145 LYS 145 145 ?   ?   ?   A . n 
A 1 146 ALA 146 146 ?   ?   ?   A . n 
A 1 147 GLY 147 147 ?   ?   ?   A . n 
A 1 148 VAL 148 148 ?   ?   ?   A . n 
A 1 149 ASN 149 149 ?   ?   ?   A . n 
A 1 150 ASN 150 150 ?   ?   ?   A . n 
A 1 151 GLY 151 151 ?   ?   ?   A . n 
A 1 152 ASN 152 152 ?   ?   ?   A . n 
A 1 153 PRO 153 153 ?   ?   ?   A . n 
A 1 154 LEU 154 154 ?   ?   ?   A . n 
A 1 155 ASP 155 155 ?   ?   ?   A . n 
A 1 156 ALA 156 156 ?   ?   ?   A . n 
A 1 157 VAL 157 157 ?   ?   ?   A . n 
A 1 158 GLN 158 158 ?   ?   ?   A . n 
A 1 159 GLN 159 159 ?   ?   ?   A . n 
# 
loop_
_pdbx_nonpoly_scheme.asym_id 
_pdbx_nonpoly_scheme.entity_id 
_pdbx_nonpoly_scheme.mon_id 
_pdbx_nonpoly_scheme.ndb_seq_num 
_pdbx_nonpoly_scheme.pdb_seq_num 
_pdbx_nonpoly_scheme.auth_seq_num 
_pdbx_nonpoly_scheme.pdb_mon_id 
_pdbx_nonpoly_scheme.auth_mon_id 
_pdbx_nonpoly_scheme.pdb_strand_id 
_pdbx_nonpoly_scheme.pdb_ins_code 
B 2 QG1 1   201 300 QG1 KM2 A . 
C 3 ACT 1   202 1   ACT ACT A . 
D 3 ACT 1   203 3   ACT ACT A . 
E 4 HOH 1   301 223 HOH HOH A . 
E 4 HOH 2   302 228 HOH HOH A . 
E 4 HOH 3   303 236 HOH HOH A . 
E 4 HOH 4   304 162 HOH HOH A . 
E 4 HOH 5   305 17  HOH HOH A . 
E 4 HOH 6   306 40  HOH HOH A . 
E 4 HOH 7   307 184 HOH HOH A . 
E 4 HOH 8   308 16  HOH HOH A . 
E 4 HOH 9   309 211 HOH HOH A . 
E 4 HOH 10  310 158 HOH HOH A . 
E 4 HOH 11  311 234 HOH HOH A . 
E 4 HOH 12  312 154 HOH HOH A . 
E 4 HOH 13  313 37  HOH HOH A . 
E 4 HOH 14  314 4   HOH HOH A . 
E 4 HOH 15  315 2   HOH HOH A . 
E 4 HOH 16  316 8   HOH HOH A . 
E 4 HOH 17  317 75  HOH HOH A . 
E 4 HOH 18  318 13  HOH HOH A . 
E 4 HOH 19  319 198 HOH HOH A . 
E 4 HOH 20  320 88  HOH HOH A . 
E 4 HOH 21  321 77  HOH HOH A . 
E 4 HOH 22  322 48  HOH HOH A . 
E 4 HOH 23  323 235 HOH HOH A . 
E 4 HOH 24  324 153 HOH HOH A . 
E 4 HOH 25  325 14  HOH HOH A . 
E 4 HOH 26  326 87  HOH HOH A . 
E 4 HOH 27  327 93  HOH HOH A . 
E 4 HOH 28  328 208 HOH HOH A . 
E 4 HOH 29  329 41  HOH HOH A . 
E 4 HOH 30  330 20  HOH HOH A . 
E 4 HOH 31  331 220 HOH HOH A . 
E 4 HOH 32  332 5   HOH HOH A . 
E 4 HOH 33  333 15  HOH HOH A . 
E 4 HOH 34  334 33  HOH HOH A . 
E 4 HOH 35  335 231 HOH HOH A . 
E 4 HOH 36  336 57  HOH HOH A . 
E 4 HOH 37  337 23  HOH HOH A . 
E 4 HOH 38  338 32  HOH HOH A . 
E 4 HOH 39  339 159 HOH HOH A . 
E 4 HOH 40  340 55  HOH HOH A . 
E 4 HOH 41  341 72  HOH HOH A . 
E 4 HOH 42  342 28  HOH HOH A . 
E 4 HOH 43  343 152 HOH HOH A . 
E 4 HOH 44  344 146 HOH HOH A . 
E 4 HOH 45  345 81  HOH HOH A . 
E 4 HOH 46  346 164 HOH HOH A . 
E 4 HOH 47  347 78  HOH HOH A . 
E 4 HOH 48  348 1   HOH HOH A . 
E 4 HOH 49  349 21  HOH HOH A . 
E 4 HOH 50  350 25  HOH HOH A . 
E 4 HOH 51  351 46  HOH HOH A . 
E 4 HOH 52  352 64  HOH HOH A . 
E 4 HOH 53  353 19  HOH HOH A . 
E 4 HOH 54  354 7   HOH HOH A . 
E 4 HOH 55  355 65  HOH HOH A . 
E 4 HOH 56  356 237 HOH HOH A . 
E 4 HOH 57  357 47  HOH HOH A . 
E 4 HOH 58  358 83  HOH HOH A . 
E 4 HOH 59  359 12  HOH HOH A . 
E 4 HOH 60  360 122 HOH HOH A . 
E 4 HOH 61  361 199 HOH HOH A . 
E 4 HOH 62  362 54  HOH HOH A . 
E 4 HOH 63  363 60  HOH HOH A . 
E 4 HOH 64  364 24  HOH HOH A . 
E 4 HOH 65  365 26  HOH HOH A . 
E 4 HOH 66  366 52  HOH HOH A . 
E 4 HOH 67  367 156 HOH HOH A . 
E 4 HOH 68  368 35  HOH HOH A . 
E 4 HOH 69  369 100 HOH HOH A . 
E 4 HOH 70  370 59  HOH HOH A . 
E 4 HOH 71  371 53  HOH HOH A . 
E 4 HOH 72  372 76  HOH HOH A . 
E 4 HOH 73  373 80  HOH HOH A . 
E 4 HOH 74  374 230 HOH HOH A . 
E 4 HOH 75  375 29  HOH HOH A . 
E 4 HOH 76  376 69  HOH HOH A . 
E 4 HOH 77  377 224 HOH HOH A . 
E 4 HOH 78  378 38  HOH HOH A . 
E 4 HOH 79  379 222 HOH HOH A . 
E 4 HOH 80  380 160 HOH HOH A . 
E 4 HOH 81  381 79  HOH HOH A . 
E 4 HOH 82  382 42  HOH HOH A . 
E 4 HOH 83  383 18  HOH HOH A . 
E 4 HOH 84  384 22  HOH HOH A . 
E 4 HOH 85  385 134 HOH HOH A . 
E 4 HOH 86  386 91  HOH HOH A . 
E 4 HOH 87  387 139 HOH HOH A . 
E 4 HOH 88  388 43  HOH HOH A . 
E 4 HOH 89  389 66  HOH HOH A . 
E 4 HOH 90  390 50  HOH HOH A . 
E 4 HOH 91  391 242 HOH HOH A . 
E 4 HOH 92  392 62  HOH HOH A . 
E 4 HOH 93  393 190 HOH HOH A . 
E 4 HOH 94  394 147 HOH HOH A . 
E 4 HOH 95  395 71  HOH HOH A . 
E 4 HOH 96  396 27  HOH HOH A . 
E 4 HOH 97  397 74  HOH HOH A . 
E 4 HOH 98  398 98  HOH HOH A . 
E 4 HOH 99  399 67  HOH HOH A . 
E 4 HOH 100 400 148 HOH HOH A . 
E 4 HOH 101 401 219 HOH HOH A . 
E 4 HOH 102 402 145 HOH HOH A . 
E 4 HOH 103 403 238 HOH HOH A . 
E 4 HOH 104 404 229 HOH HOH A . 
E 4 HOH 105 405 192 HOH HOH A . 
E 4 HOH 106 406 241 HOH HOH A . 
E 4 HOH 107 407 206 HOH HOH A . 
E 4 HOH 108 408 97  HOH HOH A . 
E 4 HOH 109 409 58  HOH HOH A . 
E 4 HOH 110 410 166 HOH HOH A . 
E 4 HOH 111 411 191 HOH HOH A . 
E 4 HOH 112 412 240 HOH HOH A . 
E 4 HOH 113 413 239 HOH HOH A . 
E 4 HOH 114 414 56  HOH HOH A . 
E 4 HOH 115 415 186 HOH HOH A . 
E 4 HOH 116 416 233 HOH HOH A . 
E 4 HOH 117 417 187 HOH HOH A . 
E 4 HOH 118 418 232 HOH HOH A . 
# 
_pdbx_struct_assembly.id                   1 
_pdbx_struct_assembly.details              author_and_software_defined_assembly 
_pdbx_struct_assembly.method_details       PISA 
_pdbx_struct_assembly.oligomeric_details   tetrameric 
_pdbx_struct_assembly.oligomeric_count     4 
# 
_pdbx_struct_assembly_gen.assembly_id       1 
_pdbx_struct_assembly_gen.oper_expression   1,2,3,4 
_pdbx_struct_assembly_gen.asym_id_list      A,B,C,D,E 
# 
loop_
_pdbx_struct_assembly_prop.biol_id 
_pdbx_struct_assembly_prop.type 
_pdbx_struct_assembly_prop.value 
_pdbx_struct_assembly_prop.details 
1 'ABSA (A^2)' 9910  ? 
1 MORE         -60   ? 
1 'SSA (A^2)'  19270 ? 
# 
loop_
_pdbx_struct_oper_list.id 
_pdbx_struct_oper_list.type 
_pdbx_struct_oper_list.name 
_pdbx_struct_oper_list.symmetry_operation 
_pdbx_struct_oper_list.matrix[1][1] 
_pdbx_struct_oper_list.matrix[1][2] 
_pdbx_struct_oper_list.matrix[1][3] 
_pdbx_struct_oper_list.vector[1] 
_pdbx_struct_oper_list.matrix[2][1] 
_pdbx_struct_oper_list.matrix[2][2] 
_pdbx_struct_oper_list.matrix[2][3] 
_pdbx_struct_oper_list.vector[2] 
_pdbx_struct_oper_list.matrix[3][1] 
_pdbx_struct_oper_list.matrix[3][2] 
_pdbx_struct_oper_list.matrix[3][3] 
_pdbx_struct_oper_list.vector[3] 
1 'identity operation'         1_555  x,y,z        1.0000000000  0.0000000000  0.0000000000  0.0000000000   0.0000000000  1.0000000000  0.0000000000  0.0000000000  0.0000000000  0.0000000000  1.0000000000  0.0000000000  
2 'crystal symmetry operation' 8_665  -y+1,-x+1,-z 0.8280139297  0.2877352636  -0.4812497795 7.1506266479   0.2877352636  -0.9547095454 -0.0757502609 -0.5146530709 -0.4812497795 -0.0757502609 -0.8733043843 26.8537500327 
3 'crystal symmetry operation' 10_665 -x+1,-y+1,z  -0.9769894705 -0.2098624265 -0.0380701518 -6.7955867975  -0.2098624265 0.9140036771  0.3472103689  -6.1879431339 -0.0380701518 0.3472103689  -0.9370142065 30.0037340764 
4 'crystal symmetry operation' 15_555 y,x,-z       -0.8510244592 -0.0778728370 0.5193199313  -14.6959937379 -0.0778728370 -0.9592941317 -0.2714601080 1.1649146625  0.5193199313  -0.2714601080 0.8103185909  4.3904704720 
# 
loop_
_pdbx_struct_special_symmetry.id 
_pdbx_struct_special_symmetry.PDB_model_num 
_pdbx_struct_special_symmetry.auth_asym_id 
_pdbx_struct_special_symmetry.auth_comp_id 
_pdbx_struct_special_symmetry.auth_seq_id 
_pdbx_struct_special_symmetry.PDB_ins_code 
_pdbx_struct_special_symmetry.label_asym_id 
_pdbx_struct_special_symmetry.label_comp_id 
_pdbx_struct_special_symmetry.label_seq_id 
1 1 A ACT 202 ? C ACT . 
2 1 A HOH 301 ? E HOH . 
3 1 A HOH 331 ? E HOH . 
4 1 A HOH 404 ? E HOH . 
# 
loop_
_pdbx_struct_conn_angle.id 
_pdbx_struct_conn_angle.ptnr1_label_atom_id 
_pdbx_struct_conn_angle.ptnr1_label_alt_id 
_pdbx_struct_conn_angle.ptnr1_label_asym_id 
_pdbx_struct_conn_angle.ptnr1_label_comp_id 
_pdbx_struct_conn_angle.ptnr1_label_seq_id 
_pdbx_struct_conn_angle.ptnr1_auth_atom_id 
_pdbx_struct_conn_angle.ptnr1_auth_asym_id 
_pdbx_struct_conn_angle.ptnr1_auth_comp_id 
_pdbx_struct_conn_angle.ptnr1_auth_seq_id 
_pdbx_struct_conn_angle.ptnr1_PDB_ins_code 
_pdbx_struct_conn_angle.ptnr1_symmetry 
_pdbx_struct_conn_angle.ptnr2_label_atom_id 
_pdbx_struct_conn_angle.ptnr2_label_alt_id 
_pdbx_struct_conn_angle.ptnr2_label_asym_id 
_pdbx_struct_conn_angle.ptnr2_label_comp_id 
_pdbx_struct_conn_angle.ptnr2_label_seq_id 
_pdbx_struct_conn_angle.ptnr2_auth_atom_id 
_pdbx_struct_conn_angle.ptnr2_auth_asym_id 
_pdbx_struct_conn_angle.ptnr2_auth_comp_id 
_pdbx_struct_conn_angle.ptnr2_auth_seq_id 
_pdbx_struct_conn_angle.ptnr2_PDB_ins_code 
_pdbx_struct_conn_angle.ptnr2_symmetry 
_pdbx_struct_conn_angle.ptnr3_label_atom_id 
_pdbx_struct_conn_angle.ptnr3_label_alt_id 
_pdbx_struct_conn_angle.ptnr3_label_asym_id 
_pdbx_struct_conn_angle.ptnr3_label_comp_id 
_pdbx_struct_conn_angle.ptnr3_label_seq_id 
_pdbx_struct_conn_angle.ptnr3_auth_atom_id 
_pdbx_struct_conn_angle.ptnr3_auth_asym_id 
_pdbx_struct_conn_angle.ptnr3_auth_comp_id 
_pdbx_struct_conn_angle.ptnr3_auth_seq_id 
_pdbx_struct_conn_angle.ptnr3_PDB_ins_code 
_pdbx_struct_conn_angle.ptnr3_symmetry 
_pdbx_struct_conn_angle.value 
_pdbx_struct_conn_angle.value_esd 
1  OE1 A A GLU 112 ? A GLU 112 ? 1_555 FE1 A B QG1 . ? A QG1 201 ? 1_555 N3 A B QG1 . ? A QG1 201 ? 1_555 100.3 ? 
2  OE1 A A GLU 112 ? A GLU 112 ? 1_555 FE1 A B QG1 . ? A QG1 201 ? 1_555 N4 A B QG1 . ? A QG1 201 ? 1_555 82.1  ? 
3  N3  A B QG1 .   ? A QG1 201 ? 1_555 FE1 A B QG1 . ? A QG1 201 ? 1_555 N4 A B QG1 . ? A QG1 201 ? 1_555 79.0  ? 
4  OE1 A A GLU 112 ? A GLU 112 ? 1_555 FE1 A B QG1 . ? A QG1 201 ? 1_555 O  ? E HOH . ? A HOH 324 ? 1_555 90.7  ? 
5  N3  A B QG1 .   ? A QG1 201 ? 1_555 FE1 A B QG1 . ? A QG1 201 ? 1_555 O  ? E HOH . ? A HOH 324 ? 1_555 167.3 ? 
6  N4  A B QG1 .   ? A QG1 201 ? 1_555 FE1 A B QG1 . ? A QG1 201 ? 1_555 O  ? E HOH . ? A HOH 324 ? 1_555 96.3  ? 
7  OE1 A A GLU 112 ? A GLU 112 ? 1_555 FE1 A B QG1 . ? A QG1 201 ? 1_555 O  ? E HOH . ? A HOH 343 ? 1_555 92.2  ? 
8  N3  A B QG1 .   ? A QG1 201 ? 1_555 FE1 A B QG1 . ? A QG1 201 ? 1_555 O  ? E HOH . ? A HOH 343 ? 1_555 94.5  ? 
9  N4  A B QG1 .   ? A QG1 201 ? 1_555 FE1 A B QG1 . ? A QG1 201 ? 1_555 O  ? E HOH . ? A HOH 343 ? 1_555 170.4 ? 
10 O   ? E HOH .   ? A HOH 324 ? 1_555 FE1 A B QG1 . ? A QG1 201 ? 1_555 O  ? E HOH . ? A HOH 343 ? 1_555 91.5  ? 
# 
loop_
_pdbx_audit_revision_history.ordinal 
_pdbx_audit_revision_history.data_content_type 
_pdbx_audit_revision_history.major_revision 
_pdbx_audit_revision_history.minor_revision 
_pdbx_audit_revision_history.revision_date 
1 'Structure model' 1 0 2020-05-06 
2 'Structure model' 1 1 2020-05-13 
3 'Structure model' 1 2 2023-10-11 
# 
_pdbx_audit_revision_details.ordinal             1 
_pdbx_audit_revision_details.revision_ordinal    1 
_pdbx_audit_revision_details.data_content_type   'Structure model' 
_pdbx_audit_revision_details.provider            repository 
_pdbx_audit_revision_details.type                'Initial release' 
_pdbx_audit_revision_details.description         ? 
_pdbx_audit_revision_details.details             ? 
# 
loop_
_pdbx_audit_revision_group.ordinal 
_pdbx_audit_revision_group.revision_ordinal 
_pdbx_audit_revision_group.data_content_type 
_pdbx_audit_revision_group.group 
1 2 'Structure model' 'Database references'    
2 3 'Structure model' 'Data collection'        
3 3 'Structure model' 'Database references'    
4 3 'Structure model' 'Refinement description' 
# 
loop_
_pdbx_audit_revision_category.ordinal 
_pdbx_audit_revision_category.revision_ordinal 
_pdbx_audit_revision_category.data_content_type 
_pdbx_audit_revision_category.category 
1 2 'Structure model' citation                      
2 3 'Structure model' chem_comp_atom                
3 3 'Structure model' chem_comp_bond                
4 3 'Structure model' database_2                    
5 3 'Structure model' pdbx_initial_refinement_model 
# 
loop_
_pdbx_audit_revision_item.ordinal 
_pdbx_audit_revision_item.revision_ordinal 
_pdbx_audit_revision_item.data_content_type 
_pdbx_audit_revision_item.item 
1 2 'Structure model' '_citation.journal_volume'            
2 2 'Structure model' '_citation.page_first'                
3 2 'Structure model' '_citation.page_last'                 
4 3 'Structure model' '_database_2.pdbx_DOI'                
5 3 'Structure model' '_database_2.pdbx_database_accession' 
# 
loop_
_software.citation_id 
_software.classification 
_software.compiler_name 
_software.compiler_version 
_software.contact_author 
_software.contact_author_email 
_software.date 
_software.description 
_software.dependencies 
_software.hardware 
_software.language 
_software.location 
_software.mods 
_software.name 
_software.os 
_software.os_version 
_software.type 
_software.version 
_software.pdbx_ordinal 
? 'data scaling'    ? ? ? ? ? ? ? ? ? ? ? Aimless     ? ? ? 0.5.32   1 
? refinement        ? ? ? ? ? ? ? ? ? ? ? REFMAC      ? ? ? 5.8.0238 2 
? 'data extraction' ? ? ? ? ? ? ? ? ? ? ? PDB_EXTRACT ? ? ? 3.25     3 
? 'data reduction'  ? ? ? ? ? ? ? ? ? ? ? iMOSFLM     ? ? ? .        4 
? phasing           ? ? ? ? ? ? ? ? ? ? ? PHASER      ? ? ? .        5 
# 
_pdbx_entry_details.entry_id                 6UIY 
_pdbx_entry_details.nonpolymer_details       ? 
_pdbx_entry_details.sequence_details         ? 
_pdbx_entry_details.compound_details         ? 
_pdbx_entry_details.source_details           ? 
_pdbx_entry_details.has_ligand_of_interest   Y 
# 
_pdbx_validate_rmsd_bond.id                        1 
_pdbx_validate_rmsd_bond.PDB_model_num             1 
_pdbx_validate_rmsd_bond.auth_atom_id_1            CD 
_pdbx_validate_rmsd_bond.auth_asym_id_1            A 
_pdbx_validate_rmsd_bond.auth_comp_id_1            ARG 
_pdbx_validate_rmsd_bond.auth_seq_id_1             53 
_pdbx_validate_rmsd_bond.PDB_ins_code_1            ? 
_pdbx_validate_rmsd_bond.label_alt_id_1            ? 
_pdbx_validate_rmsd_bond.auth_atom_id_2            NE 
_pdbx_validate_rmsd_bond.auth_asym_id_2            A 
_pdbx_validate_rmsd_bond.auth_comp_id_2            ARG 
_pdbx_validate_rmsd_bond.auth_seq_id_2             53 
_pdbx_validate_rmsd_bond.PDB_ins_code_2            ? 
_pdbx_validate_rmsd_bond.label_alt_id_2            A 
_pdbx_validate_rmsd_bond.bond_value                1.616 
_pdbx_validate_rmsd_bond.bond_target_value         1.460 
_pdbx_validate_rmsd_bond.bond_deviation            0.156 
_pdbx_validate_rmsd_bond.bond_standard_deviation   0.017 
_pdbx_validate_rmsd_bond.linker_flag               N 
# 
_pdbx_validate_rmsd_angle.id                         1 
_pdbx_validate_rmsd_angle.PDB_model_num              1 
_pdbx_validate_rmsd_angle.auth_atom_id_1             CA 
_pdbx_validate_rmsd_angle.auth_asym_id_1             A 
_pdbx_validate_rmsd_angle.auth_comp_id_1             THR 
_pdbx_validate_rmsd_angle.auth_seq_id_1              40 
_pdbx_validate_rmsd_angle.PDB_ins_code_1             ? 
_pdbx_validate_rmsd_angle.label_alt_id_1             ? 
_pdbx_validate_rmsd_angle.auth_atom_id_2             CB 
_pdbx_validate_rmsd_angle.auth_asym_id_2             A 
_pdbx_validate_rmsd_angle.auth_comp_id_2             THR 
_pdbx_validate_rmsd_angle.auth_seq_id_2              40 
_pdbx_validate_rmsd_angle.PDB_ins_code_2             ? 
_pdbx_validate_rmsd_angle.label_alt_id_2             ? 
_pdbx_validate_rmsd_angle.auth_atom_id_3             CG2 
_pdbx_validate_rmsd_angle.auth_asym_id_3             A 
_pdbx_validate_rmsd_angle.auth_comp_id_3             THR 
_pdbx_validate_rmsd_angle.auth_seq_id_3              40 
_pdbx_validate_rmsd_angle.PDB_ins_code_3             ? 
_pdbx_validate_rmsd_angle.label_alt_id_3             B 
_pdbx_validate_rmsd_angle.angle_value                126.53 
_pdbx_validate_rmsd_angle.angle_target_value         112.40 
_pdbx_validate_rmsd_angle.angle_deviation            14.13 
_pdbx_validate_rmsd_angle.angle_standard_deviation   1.40 
_pdbx_validate_rmsd_angle.linker_flag                N 
# 
loop_
_pdbx_validate_torsion.id 
_pdbx_validate_torsion.PDB_model_num 
_pdbx_validate_torsion.auth_comp_id 
_pdbx_validate_torsion.auth_asym_id 
_pdbx_validate_torsion.auth_seq_id 
_pdbx_validate_torsion.PDB_ins_code 
_pdbx_validate_torsion.label_alt_id 
_pdbx_validate_torsion.phi 
_pdbx_validate_torsion.psi 
1 1 SER A 52  ? A 62.24   -161.43 
2 1 SER A 52  ? B 65.47   -160.37 
3 1 GLN A 101 ? ? -112.82 62.99   
# 
_pdbx_distant_solvent_atoms.id                                1 
_pdbx_distant_solvent_atoms.PDB_model_num                     1 
_pdbx_distant_solvent_atoms.auth_atom_id                      O 
_pdbx_distant_solvent_atoms.label_alt_id                      ? 
_pdbx_distant_solvent_atoms.auth_asym_id                      A 
_pdbx_distant_solvent_atoms.auth_comp_id                      HOH 
_pdbx_distant_solvent_atoms.auth_seq_id                       418 
_pdbx_distant_solvent_atoms.PDB_ins_code                      ? 
_pdbx_distant_solvent_atoms.neighbor_macromolecule_distance   6.10 
_pdbx_distant_solvent_atoms.neighbor_ligand_distance          . 
# 
loop_
_pdbx_unobs_or_zero_occ_residues.id 
_pdbx_unobs_or_zero_occ_residues.PDB_model_num 
_pdbx_unobs_or_zero_occ_residues.polymer_flag 
_pdbx_unobs_or_zero_occ_residues.occupancy_flag 
_pdbx_unobs_or_zero_occ_residues.auth_asym_id 
_pdbx_unobs_or_zero_occ_residues.auth_comp_id 
_pdbx_unobs_or_zero_occ_residues.auth_seq_id 
_pdbx_unobs_or_zero_occ_residues.PDB_ins_code 
_pdbx_unobs_or_zero_occ_residues.label_asym_id 
_pdbx_unobs_or_zero_occ_residues.label_comp_id 
_pdbx_unobs_or_zero_occ_residues.label_seq_id 
1  1 Y 1 A MET 1   ? A MET 1   
2  1 Y 1 A ALA 2   ? A ALA 2   
3  1 Y 1 A SER 3   ? A SER 3   
4  1 Y 1 A MET 4   ? A MET 4   
5  1 Y 1 A THR 5   ? A THR 5   
6  1 Y 1 A GLY 6   ? A GLY 6   
7  1 Y 1 A GLY 7   ? A GLY 7   
8  1 Y 1 A GLN 8   ? A GLN 8   
9  1 Y 1 A GLN 9   ? A GLN 9   
10 1 Y 1 A PRO 135 ? A PRO 135 
11 1 Y 1 A SER 136 ? A SER 136 
12 1 Y 1 A ALA 137 ? A ALA 137 
13 1 Y 1 A ALA 138 ? A ALA 138 
14 1 Y 1 A SER 139 ? A SER 139 
15 1 Y 1 A ILE 140 ? A ILE 140 
16 1 Y 1 A ASP 141 ? A ASP 141 
17 1 Y 1 A ALA 142 ? A ALA 142 
18 1 Y 1 A ALA 143 ? A ALA 143 
19 1 Y 1 A LYS 144 ? A LYS 144 
20 1 Y 1 A LYS 145 ? A LYS 145 
21 1 Y 1 A ALA 146 ? A ALA 146 
22 1 Y 1 A GLY 147 ? A GLY 147 
23 1 Y 1 A VAL 148 ? A VAL 148 
24 1 Y 1 A ASN 149 ? A ASN 149 
25 1 Y 1 A ASN 150 ? A ASN 150 
26 1 Y 1 A GLY 151 ? A GLY 151 
27 1 Y 1 A ASN 152 ? A ASN 152 
28 1 Y 1 A PRO 153 ? A PRO 153 
29 1 Y 1 A LEU 154 ? A LEU 154 
30 1 Y 1 A ASP 155 ? A ASP 155 
31 1 Y 1 A ALA 156 ? A ALA 156 
32 1 Y 1 A VAL 157 ? A VAL 157 
33 1 Y 1 A GLN 158 ? A GLN 158 
34 1 Y 1 A GLN 159 ? A GLN 159 
# 
loop_
_chem_comp_atom.comp_id 
_chem_comp_atom.atom_id 
_chem_comp_atom.type_symbol 
_chem_comp_atom.pdbx_aromatic_flag 
_chem_comp_atom.pdbx_stereo_config 
_chem_comp_atom.pdbx_ordinal 
ACT C    C  N N 1   
ACT O    O  N N 2   
ACT OXT  O  N N 3   
ACT CH3  C  N N 4   
ACT H1   H  N N 5   
ACT H2   H  N N 6   
ACT H3   H  N N 7   
ALA N    N  N N 8   
ALA CA   C  N S 9   
ALA C    C  N N 10  
ALA O    O  N N 11  
ALA CB   C  N N 12  
ALA OXT  O  N N 13  
ALA H    H  N N 14  
ALA H2   H  N N 15  
ALA HA   H  N N 16  
ALA HB1  H  N N 17  
ALA HB2  H  N N 18  
ALA HB3  H  N N 19  
ALA HXT  H  N N 20  
ARG N    N  N N 21  
ARG CA   C  N S 22  
ARG C    C  N N 23  
ARG O    O  N N 24  
ARG CB   C  N N 25  
ARG CG   C  N N 26  
ARG CD   C  N N 27  
ARG NE   N  N N 28  
ARG CZ   C  N N 29  
ARG NH1  N  N N 30  
ARG NH2  N  N N 31  
ARG OXT  O  N N 32  
ARG H    H  N N 33  
ARG H2   H  N N 34  
ARG HA   H  N N 35  
ARG HB2  H  N N 36  
ARG HB3  H  N N 37  
ARG HG2  H  N N 38  
ARG HG3  H  N N 39  
ARG HD2  H  N N 40  
ARG HD3  H  N N 41  
ARG HE   H  N N 42  
ARG HH11 H  N N 43  
ARG HH12 H  N N 44  
ARG HH21 H  N N 45  
ARG HH22 H  N N 46  
ARG HXT  H  N N 47  
ASN N    N  N N 48  
ASN CA   C  N S 49  
ASN C    C  N N 50  
ASN O    O  N N 51  
ASN CB   C  N N 52  
ASN CG   C  N N 53  
ASN OD1  O  N N 54  
ASN ND2  N  N N 55  
ASN OXT  O  N N 56  
ASN H    H  N N 57  
ASN H2   H  N N 58  
ASN HA   H  N N 59  
ASN HB2  H  N N 60  
ASN HB3  H  N N 61  
ASN HD21 H  N N 62  
ASN HD22 H  N N 63  
ASN HXT  H  N N 64  
ASP N    N  N N 65  
ASP CA   C  N S 66  
ASP C    C  N N 67  
ASP O    O  N N 68  
ASP CB   C  N N 69  
ASP CG   C  N N 70  
ASP OD1  O  N N 71  
ASP OD2  O  N N 72  
ASP OXT  O  N N 73  
ASP H    H  N N 74  
ASP H2   H  N N 75  
ASP HA   H  N N 76  
ASP HB2  H  N N 77  
ASP HB3  H  N N 78  
ASP HD2  H  N N 79  
ASP HXT  H  N N 80  
GLN N    N  N N 81  
GLN CA   C  N S 82  
GLN C    C  N N 83  
GLN O    O  N N 84  
GLN CB   C  N N 85  
GLN CG   C  N N 86  
GLN CD   C  N N 87  
GLN OE1  O  N N 88  
GLN NE2  N  N N 89  
GLN OXT  O  N N 90  
GLN H    H  N N 91  
GLN H2   H  N N 92  
GLN HA   H  N N 93  
GLN HB2  H  N N 94  
GLN HB3  H  N N 95  
GLN HG2  H  N N 96  
GLN HG3  H  N N 97  
GLN HE21 H  N N 98  
GLN HE22 H  N N 99  
GLN HXT  H  N N 100 
GLU N    N  N N 101 
GLU CA   C  N S 102 
GLU C    C  N N 103 
GLU O    O  N N 104 
GLU CB   C  N N 105 
GLU CG   C  N N 106 
GLU CD   C  N N 107 
GLU OE1  O  N N 108 
GLU OE2  O  N N 109 
GLU OXT  O  N N 110 
GLU H    H  N N 111 
GLU H2   H  N N 112 
GLU HA   H  N N 113 
GLU HB2  H  N N 114 
GLU HB3  H  N N 115 
GLU HG2  H  N N 116 
GLU HG3  H  N N 117 
GLU HE2  H  N N 118 
GLU HXT  H  N N 119 
GLY N    N  N N 120 
GLY CA   C  N N 121 
GLY C    C  N N 122 
GLY O    O  N N 123 
GLY OXT  O  N N 124 
GLY H    H  N N 125 
GLY H2   H  N N 126 
GLY HA2  H  N N 127 
GLY HA3  H  N N 128 
GLY HXT  H  N N 129 
HIS N    N  N N 130 
HIS CA   C  N S 131 
HIS C    C  N N 132 
HIS O    O  N N 133 
HIS CB   C  N N 134 
HIS CG   C  Y N 135 
HIS ND1  N  Y N 136 
HIS CD2  C  Y N 137 
HIS CE1  C  Y N 138 
HIS NE2  N  Y N 139 
HIS OXT  O  N N 140 
HIS H    H  N N 141 
HIS H2   H  N N 142 
HIS HA   H  N N 143 
HIS HB2  H  N N 144 
HIS HB3  H  N N 145 
HIS HD1  H  N N 146 
HIS HD2  H  N N 147 
HIS HE1  H  N N 148 
HIS HE2  H  N N 149 
HIS HXT  H  N N 150 
HOH O    O  N N 151 
HOH H1   H  N N 152 
HOH H2   H  N N 153 
ILE N    N  N N 154 
ILE CA   C  N S 155 
ILE C    C  N N 156 
ILE O    O  N N 157 
ILE CB   C  N S 158 
ILE CG1  C  N N 159 
ILE CG2  C  N N 160 
ILE CD1  C  N N 161 
ILE OXT  O  N N 162 
ILE H    H  N N 163 
ILE H2   H  N N 164 
ILE HA   H  N N 165 
ILE HB   H  N N 166 
ILE HG12 H  N N 167 
ILE HG13 H  N N 168 
ILE HG21 H  N N 169 
ILE HG22 H  N N 170 
ILE HG23 H  N N 171 
ILE HD11 H  N N 172 
ILE HD12 H  N N 173 
ILE HD13 H  N N 174 
ILE HXT  H  N N 175 
LEU N    N  N N 176 
LEU CA   C  N S 177 
LEU C    C  N N 178 
LEU O    O  N N 179 
LEU CB   C  N N 180 
LEU CG   C  N N 181 
LEU CD1  C  N N 182 
LEU CD2  C  N N 183 
LEU OXT  O  N N 184 
LEU H    H  N N 185 
LEU H2   H  N N 186 
LEU HA   H  N N 187 
LEU HB2  H  N N 188 
LEU HB3  H  N N 189 
LEU HG   H  N N 190 
LEU HD11 H  N N 191 
LEU HD12 H  N N 192 
LEU HD13 H  N N 193 
LEU HD21 H  N N 194 
LEU HD22 H  N N 195 
LEU HD23 H  N N 196 
LEU HXT  H  N N 197 
LYS N    N  N N 198 
LYS CA   C  N S 199 
LYS C    C  N N 200 
LYS O    O  N N 201 
LYS CB   C  N N 202 
LYS CG   C  N N 203 
LYS CD   C  N N 204 
LYS CE   C  N N 205 
LYS NZ   N  N N 206 
LYS OXT  O  N N 207 
LYS H    H  N N 208 
LYS H2   H  N N 209 
LYS HA   H  N N 210 
LYS HB2  H  N N 211 
LYS HB3  H  N N 212 
LYS HG2  H  N N 213 
LYS HG3  H  N N 214 
LYS HD2  H  N N 215 
LYS HD3  H  N N 216 
LYS HE2  H  N N 217 
LYS HE3  H  N N 218 
LYS HZ1  H  N N 219 
LYS HZ2  H  N N 220 
LYS HZ3  H  N N 221 
LYS HXT  H  N N 222 
MET N    N  N N 223 
MET CA   C  N S 224 
MET C    C  N N 225 
MET O    O  N N 226 
MET CB   C  N N 227 
MET CG   C  N N 228 
MET SD   S  N N 229 
MET CE   C  N N 230 
MET OXT  O  N N 231 
MET H    H  N N 232 
MET H2   H  N N 233 
MET HA   H  N N 234 
MET HB2  H  N N 235 
MET HB3  H  N N 236 
MET HG2  H  N N 237 
MET HG3  H  N N 238 
MET HE1  H  N N 239 
MET HE2  H  N N 240 
MET HE3  H  N N 241 
MET HXT  H  N N 242 
PHE N    N  N N 243 
PHE CA   C  N S 244 
PHE C    C  N N 245 
PHE O    O  N N 246 
PHE CB   C  N N 247 
PHE CG   C  Y N 248 
PHE CD1  C  Y N 249 
PHE CD2  C  Y N 250 
PHE CE1  C  Y N 251 
PHE CE2  C  Y N 252 
PHE CZ   C  Y N 253 
PHE OXT  O  N N 254 
PHE H    H  N N 255 
PHE H2   H  N N 256 
PHE HA   H  N N 257 
PHE HB2  H  N N 258 
PHE HB3  H  N N 259 
PHE HD1  H  N N 260 
PHE HD2  H  N N 261 
PHE HE1  H  N N 262 
PHE HE2  H  N N 263 
PHE HZ   H  N N 264 
PHE HXT  H  N N 265 
PRO N    N  N N 266 
PRO CA   C  N S 267 
PRO C    C  N N 268 
PRO O    O  N N 269 
PRO CB   C  N N 270 
PRO CG   C  N N 271 
PRO CD   C  N N 272 
PRO OXT  O  N N 273 
PRO H    H  N N 274 
PRO HA   H  N N 275 
PRO HB2  H  N N 276 
PRO HB3  H  N N 277 
PRO HG2  H  N N 278 
PRO HG3  H  N N 279 
PRO HD2  H  N N 280 
PRO HD3  H  N N 281 
PRO HXT  H  N N 282 
QG1 C10  C  N S 283 
QG1 C15  C  Y N 284 
QG1 C17  C  N N 285 
QG1 C11  C  N N 286 
QG1 C12  C  Y N 287 
QG1 C14  C  Y N 288 
QG1 O2   O  N N 289 
QG1 C9   C  N N 290 
QG1 N1   N  N N 291 
QG1 N2   N  N N 292 
QG1 C8   C  N R 293 
QG1 C7   C  N N 294 
QG1 S1   S  N N 295 
QG1 C6   C  N S 296 
QG1 C5   C  N N 297 
QG1 C4   C  N N 298 
QG1 C3   C  N N 299 
QG1 C2   C  N N 300 
QG1 C1   C  N N 301 
QG1 C24  C  N N 302 
QG1 O1   O  N N 303 
QG1 N6   N  N N 304 
QG1 C23  C  N N 305 
QG1 N3   N  N N 306 
QG1 FE1  FE N N 307 
QG1 N4   N  Y N 308 
QG1 C16  C  Y N 309 
QG1 C13  C  Y N 310 
QG1 N5   N  Y N 311 
QG1 C18  C  Y N 312 
QG1 C22  C  Y N 313 
QG1 C21  C  Y N 314 
QG1 C20  C  Y N 315 
QG1 C19  C  Y N 316 
QG1 H1   H  N N 317 
QG1 H2   H  N N 318 
QG1 H3   H  N N 319 
QG1 H4   H  N N 320 
QG1 H5   H  N N 321 
QG1 H6   H  N N 322 
QG1 H7   H  N N 323 
QG1 H8   H  N N 324 
QG1 H9   H  N N 325 
QG1 H10  H  N N 326 
QG1 H11  H  N N 327 
QG1 H12  H  N N 328 
QG1 H13  H  N N 329 
QG1 H14  H  N N 330 
QG1 H15  H  N N 331 
QG1 H16  H  N N 332 
QG1 H17  H  N N 333 
QG1 H18  H  N N 334 
QG1 H19  H  N N 335 
QG1 H20  H  N N 336 
QG1 H21  H  N N 337 
QG1 H22  H  N N 338 
QG1 H23  H  N N 339 
QG1 H24  H  N N 340 
QG1 H25  H  N N 341 
QG1 H26  H  N N 342 
QG1 H27  H  N N 343 
QG1 H28  H  N N 344 
QG1 H29  H  N N 345 
QG1 H30  H  N N 346 
QG1 H31  H  N N 347 
QG1 H32  H  N N 348 
SER N    N  N N 349 
SER CA   C  N S 350 
SER C    C  N N 351 
SER O    O  N N 352 
SER CB   C  N N 353 
SER OG   O  N N 354 
SER OXT  O  N N 355 
SER H    H  N N 356 
SER H2   H  N N 357 
SER HA   H  N N 358 
SER HB2  H  N N 359 
SER HB3  H  N N 360 
SER HG   H  N N 361 
SER HXT  H  N N 362 
THR N    N  N N 363 
THR CA   C  N S 364 
THR C    C  N N 365 
THR O    O  N N 366 
THR CB   C  N R 367 
THR OG1  O  N N 368 
THR CG2  C  N N 369 
THR OXT  O  N N 370 
THR H    H  N N 371 
THR H2   H  N N 372 
THR HA   H  N N 373 
THR HB   H  N N 374 
THR HG1  H  N N 375 
THR HG21 H  N N 376 
THR HG22 H  N N 377 
THR HG23 H  N N 378 
THR HXT  H  N N 379 
TRP N    N  N N 380 
TRP CA   C  N S 381 
TRP C    C  N N 382 
TRP O    O  N N 383 
TRP CB   C  N N 384 
TRP CG   C  Y N 385 
TRP CD1  C  Y N 386 
TRP CD2  C  Y N 387 
TRP NE1  N  Y N 388 
TRP CE2  C  Y N 389 
TRP CE3  C  Y N 390 
TRP CZ2  C  Y N 391 
TRP CZ3  C  Y N 392 
TRP CH2  C  Y N 393 
TRP OXT  O  N N 394 
TRP H    H  N N 395 
TRP H2   H  N N 396 
TRP HA   H  N N 397 
TRP HB2  H  N N 398 
TRP HB3  H  N N 399 
TRP HD1  H  N N 400 
TRP HE1  H  N N 401 
TRP HE3  H  N N 402 
TRP HZ2  H  N N 403 
TRP HZ3  H  N N 404 
TRP HH2  H  N N 405 
TRP HXT  H  N N 406 
TYR N    N  N N 407 
TYR CA   C  N S 408 
TYR C    C  N N 409 
TYR O    O  N N 410 
TYR CB   C  N N 411 
TYR CG   C  Y N 412 
TYR CD1  C  Y N 413 
TYR CD2  C  Y N 414 
TYR CE1  C  Y N 415 
TYR CE2  C  Y N 416 
TYR CZ   C  Y N 417 
TYR OH   O  N N 418 
TYR OXT  O  N N 419 
TYR H    H  N N 420 
TYR H2   H  N N 421 
TYR HA   H  N N 422 
TYR HB2  H  N N 423 
TYR HB3  H  N N 424 
TYR HD1  H  N N 425 
TYR HD2  H  N N 426 
TYR HE1  H  N N 427 
TYR HE2  H  N N 428 
TYR HH   H  N N 429 
TYR HXT  H  N N 430 
VAL N    N  N N 431 
VAL CA   C  N S 432 
VAL C    C  N N 433 
VAL O    O  N N 434 
VAL CB   C  N N 435 
VAL CG1  C  N N 436 
VAL CG2  C  N N 437 
VAL OXT  O  N N 438 
VAL H    H  N N 439 
VAL H2   H  N N 440 
VAL HA   H  N N 441 
VAL HB   H  N N 442 
VAL HG11 H  N N 443 
VAL HG12 H  N N 444 
VAL HG13 H  N N 445 
VAL HG21 H  N N 446 
VAL HG22 H  N N 447 
VAL HG23 H  N N 448 
VAL HXT  H  N N 449 
# 
loop_
_chem_comp_bond.comp_id 
_chem_comp_bond.atom_id_1 
_chem_comp_bond.atom_id_2 
_chem_comp_bond.value_order 
_chem_comp_bond.pdbx_aromatic_flag 
_chem_comp_bond.pdbx_stereo_config 
_chem_comp_bond.pdbx_ordinal 
ACT C   O    doub N N 1   
ACT C   OXT  sing N N 2   
ACT C   CH3  sing N N 3   
ACT CH3 H1   sing N N 4   
ACT CH3 H2   sing N N 5   
ACT CH3 H3   sing N N 6   
ALA N   CA   sing N N 7   
ALA N   H    sing N N 8   
ALA N   H2   sing N N 9   
ALA CA  C    sing N N 10  
ALA CA  CB   sing N N 11  
ALA CA  HA   sing N N 12  
ALA C   O    doub N N 13  
ALA C   OXT  sing N N 14  
ALA CB  HB1  sing N N 15  
ALA CB  HB2  sing N N 16  
ALA CB  HB3  sing N N 17  
ALA OXT HXT  sing N N 18  
ARG N   CA   sing N N 19  
ARG N   H    sing N N 20  
ARG N   H2   sing N N 21  
ARG CA  C    sing N N 22  
ARG CA  CB   sing N N 23  
ARG CA  HA   sing N N 24  
ARG C   O    doub N N 25  
ARG C   OXT  sing N N 26  
ARG CB  CG   sing N N 27  
ARG CB  HB2  sing N N 28  
ARG CB  HB3  sing N N 29  
ARG CG  CD   sing N N 30  
ARG CG  HG2  sing N N 31  
ARG CG  HG3  sing N N 32  
ARG CD  NE   sing N N 33  
ARG CD  HD2  sing N N 34  
ARG CD  HD3  sing N N 35  
ARG NE  CZ   sing N N 36  
ARG NE  HE   sing N N 37  
ARG CZ  NH1  sing N N 38  
ARG CZ  NH2  doub N N 39  
ARG NH1 HH11 sing N N 40  
ARG NH1 HH12 sing N N 41  
ARG NH2 HH21 sing N N 42  
ARG NH2 HH22 sing N N 43  
ARG OXT HXT  sing N N 44  
ASN N   CA   sing N N 45  
ASN N   H    sing N N 46  
ASN N   H2   sing N N 47  
ASN CA  C    sing N N 48  
ASN CA  CB   sing N N 49  
ASN CA  HA   sing N N 50  
ASN C   O    doub N N 51  
ASN C   OXT  sing N N 52  
ASN CB  CG   sing N N 53  
ASN CB  HB2  sing N N 54  
ASN CB  HB3  sing N N 55  
ASN CG  OD1  doub N N 56  
ASN CG  ND2  sing N N 57  
ASN ND2 HD21 sing N N 58  
ASN ND2 HD22 sing N N 59  
ASN OXT HXT  sing N N 60  
ASP N   CA   sing N N 61  
ASP N   H    sing N N 62  
ASP N   H2   sing N N 63  
ASP CA  C    sing N N 64  
ASP CA  CB   sing N N 65  
ASP CA  HA   sing N N 66  
ASP C   O    doub N N 67  
ASP C   OXT  sing N N 68  
ASP CB  CG   sing N N 69  
ASP CB  HB2  sing N N 70  
ASP CB  HB3  sing N N 71  
ASP CG  OD1  doub N N 72  
ASP CG  OD2  sing N N 73  
ASP OD2 HD2  sing N N 74  
ASP OXT HXT  sing N N 75  
GLN N   CA   sing N N 76  
GLN N   H    sing N N 77  
GLN N   H2   sing N N 78  
GLN CA  C    sing N N 79  
GLN CA  CB   sing N N 80  
GLN CA  HA   sing N N 81  
GLN C   O    doub N N 82  
GLN C   OXT  sing N N 83  
GLN CB  CG   sing N N 84  
GLN CB  HB2  sing N N 85  
GLN CB  HB3  sing N N 86  
GLN CG  CD   sing N N 87  
GLN CG  HG2  sing N N 88  
GLN CG  HG3  sing N N 89  
GLN CD  OE1  doub N N 90  
GLN CD  NE2  sing N N 91  
GLN NE2 HE21 sing N N 92  
GLN NE2 HE22 sing N N 93  
GLN OXT HXT  sing N N 94  
GLU N   CA   sing N N 95  
GLU N   H    sing N N 96  
GLU N   H2   sing N N 97  
GLU CA  C    sing N N 98  
GLU CA  CB   sing N N 99  
GLU CA  HA   sing N N 100 
GLU C   O    doub N N 101 
GLU C   OXT  sing N N 102 
GLU CB  CG   sing N N 103 
GLU CB  HB2  sing N N 104 
GLU CB  HB3  sing N N 105 
GLU CG  CD   sing N N 106 
GLU CG  HG2  sing N N 107 
GLU CG  HG3  sing N N 108 
GLU CD  OE1  doub N N 109 
GLU CD  OE2  sing N N 110 
GLU OE2 HE2  sing N N 111 
GLU OXT HXT  sing N N 112 
GLY N   CA   sing N N 113 
GLY N   H    sing N N 114 
GLY N   H2   sing N N 115 
GLY CA  C    sing N N 116 
GLY CA  HA2  sing N N 117 
GLY CA  HA3  sing N N 118 
GLY C   O    doub N N 119 
GLY C   OXT  sing N N 120 
GLY OXT HXT  sing N N 121 
HIS N   CA   sing N N 122 
HIS N   H    sing N N 123 
HIS N   H2   sing N N 124 
HIS CA  C    sing N N 125 
HIS CA  CB   sing N N 126 
HIS CA  HA   sing N N 127 
HIS C   O    doub N N 128 
HIS C   OXT  sing N N 129 
HIS CB  CG   sing N N 130 
HIS CB  HB2  sing N N 131 
HIS CB  HB3  sing N N 132 
HIS CG  ND1  sing Y N 133 
HIS CG  CD2  doub Y N 134 
HIS ND1 CE1  doub Y N 135 
HIS ND1 HD1  sing N N 136 
HIS CD2 NE2  sing Y N 137 
HIS CD2 HD2  sing N N 138 
HIS CE1 NE2  sing Y N 139 
HIS CE1 HE1  sing N N 140 
HIS NE2 HE2  sing N N 141 
HIS OXT HXT  sing N N 142 
HOH O   H1   sing N N 143 
HOH O   H2   sing N N 144 
ILE N   CA   sing N N 145 
ILE N   H    sing N N 146 
ILE N   H2   sing N N 147 
ILE CA  C    sing N N 148 
ILE CA  CB   sing N N 149 
ILE CA  HA   sing N N 150 
ILE C   O    doub N N 151 
ILE C   OXT  sing N N 152 
ILE CB  CG1  sing N N 153 
ILE CB  CG2  sing N N 154 
ILE CB  HB   sing N N 155 
ILE CG1 CD1  sing N N 156 
ILE CG1 HG12 sing N N 157 
ILE CG1 HG13 sing N N 158 
ILE CG2 HG21 sing N N 159 
ILE CG2 HG22 sing N N 160 
ILE CG2 HG23 sing N N 161 
ILE CD1 HD11 sing N N 162 
ILE CD1 HD12 sing N N 163 
ILE CD1 HD13 sing N N 164 
ILE OXT HXT  sing N N 165 
LEU N   CA   sing N N 166 
LEU N   H    sing N N 167 
LEU N   H2   sing N N 168 
LEU CA  C    sing N N 169 
LEU CA  CB   sing N N 170 
LEU CA  HA   sing N N 171 
LEU C   O    doub N N 172 
LEU C   OXT  sing N N 173 
LEU CB  CG   sing N N 174 
LEU CB  HB2  sing N N 175 
LEU CB  HB3  sing N N 176 
LEU CG  CD1  sing N N 177 
LEU CG  CD2  sing N N 178 
LEU CG  HG   sing N N 179 
LEU CD1 HD11 sing N N 180 
LEU CD1 HD12 sing N N 181 
LEU CD1 HD13 sing N N 182 
LEU CD2 HD21 sing N N 183 
LEU CD2 HD22 sing N N 184 
LEU CD2 HD23 sing N N 185 
LEU OXT HXT  sing N N 186 
LYS N   CA   sing N N 187 
LYS N   H    sing N N 188 
LYS N   H2   sing N N 189 
LYS CA  C    sing N N 190 
LYS CA  CB   sing N N 191 
LYS CA  HA   sing N N 192 
LYS C   O    doub N N 193 
LYS C   OXT  sing N N 194 
LYS CB  CG   sing N N 195 
LYS CB  HB2  sing N N 196 
LYS CB  HB3  sing N N 197 
LYS CG  CD   sing N N 198 
LYS CG  HG2  sing N N 199 
LYS CG  HG3  sing N N 200 
LYS CD  CE   sing N N 201 
LYS CD  HD2  sing N N 202 
LYS CD  HD3  sing N N 203 
LYS CE  NZ   sing N N 204 
LYS CE  HE2  sing N N 205 
LYS CE  HE3  sing N N 206 
LYS NZ  HZ1  sing N N 207 
LYS NZ  HZ2  sing N N 208 
LYS NZ  HZ3  sing N N 209 
LYS OXT HXT  sing N N 210 
MET N   CA   sing N N 211 
MET N   H    sing N N 212 
MET N   H2   sing N N 213 
MET CA  C    sing N N 214 
MET CA  CB   sing N N 215 
MET CA  HA   sing N N 216 
MET C   O    doub N N 217 
MET C   OXT  sing N N 218 
MET CB  CG   sing N N 219 
MET CB  HB2  sing N N 220 
MET CB  HB3  sing N N 221 
MET CG  SD   sing N N 222 
MET CG  HG2  sing N N 223 
MET CG  HG3  sing N N 224 
MET SD  CE   sing N N 225 
MET CE  HE1  sing N N 226 
MET CE  HE2  sing N N 227 
MET CE  HE3  sing N N 228 
MET OXT HXT  sing N N 229 
PHE N   CA   sing N N 230 
PHE N   H    sing N N 231 
PHE N   H2   sing N N 232 
PHE CA  C    sing N N 233 
PHE CA  CB   sing N N 234 
PHE CA  HA   sing N N 235 
PHE C   O    doub N N 236 
PHE C   OXT  sing N N 237 
PHE CB  CG   sing N N 238 
PHE CB  HB2  sing N N 239 
PHE CB  HB3  sing N N 240 
PHE CG  CD1  doub Y N 241 
PHE CG  CD2  sing Y N 242 
PHE CD1 CE1  sing Y N 243 
PHE CD1 HD1  sing N N 244 
PHE CD2 CE2  doub Y N 245 
PHE CD2 HD2  sing N N 246 
PHE CE1 CZ   doub Y N 247 
PHE CE1 HE1  sing N N 248 
PHE CE2 CZ   sing Y N 249 
PHE CE2 HE2  sing N N 250 
PHE CZ  HZ   sing N N 251 
PHE OXT HXT  sing N N 252 
PRO N   CA   sing N N 253 
PRO N   CD   sing N N 254 
PRO N   H    sing N N 255 
PRO CA  C    sing N N 256 
PRO CA  CB   sing N N 257 
PRO CA  HA   sing N N 258 
PRO C   O    doub N N 259 
PRO C   OXT  sing N N 260 
PRO CB  CG   sing N N 261 
PRO CB  HB2  sing N N 262 
PRO CB  HB3  sing N N 263 
PRO CG  CD   sing N N 264 
PRO CG  HG2  sing N N 265 
PRO CG  HG3  sing N N 266 
PRO CD  HD2  sing N N 267 
PRO CD  HD3  sing N N 268 
PRO OXT HXT  sing N N 269 
QG1 C22 C21  doub Y N 270 
QG1 C22 N5   sing Y N 271 
QG1 C21 C20  sing Y N 272 
QG1 N5  C18  doub Y N 273 
QG1 FE1 N3   sing N N 274 
QG1 FE1 N4   sing N N 275 
QG1 C20 C19  doub Y N 276 
QG1 C18 C19  sing Y N 277 
QG1 C18 C17  sing N N 278 
QG1 C17 N3   sing N N 279 
QG1 N3  C23  sing N N 280 
QG1 N3  C11  sing N N 281 
QG1 O1  C1   doub N N 282 
QG1 C24 C23  sing N N 283 
QG1 C24 N6   sing N N 284 
QG1 C16 N4   doub Y N 285 
QG1 C16 C15  sing Y N 286 
QG1 N4  C12  sing Y N 287 
QG1 C1  N6   sing N N 288 
QG1 C1  C2   sing N N 289 
QG1 C11 C12  sing N N 290 
QG1 C2  C3   sing N N 291 
QG1 C12 C13  doub Y N 292 
QG1 C15 C14  doub Y N 293 
QG1 C3  C4   sing N N 294 
QG1 C13 C14  sing Y N 295 
QG1 C4  C5   sing N N 296 
QG1 C5  C6   sing N N 297 
QG1 C6  C10  sing N N 298 
QG1 C6  S1   sing N N 299 
QG1 C10 N2   sing N N 300 
QG1 C10 C8   sing N N 301 
QG1 N2  C9   sing N N 302 
QG1 S1  C7   sing N N 303 
QG1 C9  O2   doub N N 304 
QG1 C9  N1   sing N N 305 
QG1 C8  C7   sing N N 306 
QG1 C8  N1   sing N N 307 
QG1 C10 H1   sing N N 308 
QG1 C15 H2   sing N N 309 
QG1 C17 H3   sing N N 310 
QG1 C17 H4   sing N N 311 
QG1 C11 H5   sing N N 312 
QG1 C11 H6   sing N N 313 
QG1 C14 H7   sing N N 314 
QG1 N1  H8   sing N N 315 
QG1 N2  H9   sing N N 316 
QG1 C8  H10  sing N N 317 
QG1 C7  H11  sing N N 318 
QG1 C7  H12  sing N N 319 
QG1 C6  H13  sing N N 320 
QG1 C5  H14  sing N N 321 
QG1 C5  H15  sing N N 322 
QG1 C4  H16  sing N N 323 
QG1 C4  H17  sing N N 324 
QG1 C3  H18  sing N N 325 
QG1 C3  H19  sing N N 326 
QG1 C2  H20  sing N N 327 
QG1 C2  H21  sing N N 328 
QG1 C24 H22  sing N N 329 
QG1 C24 H23  sing N N 330 
QG1 N6  H24  sing N N 331 
QG1 C23 H25  sing N N 332 
QG1 C23 H26  sing N N 333 
QG1 C16 H27  sing N N 334 
QG1 C13 H28  sing N N 335 
QG1 C22 H29  sing N N 336 
QG1 C21 H30  sing N N 337 
QG1 C20 H31  sing N N 338 
QG1 C19 H32  sing N N 339 
SER N   CA   sing N N 340 
SER N   H    sing N N 341 
SER N   H2   sing N N 342 
SER CA  C    sing N N 343 
SER CA  CB   sing N N 344 
SER CA  HA   sing N N 345 
SER C   O    doub N N 346 
SER C   OXT  sing N N 347 
SER CB  OG   sing N N 348 
SER CB  HB2  sing N N 349 
SER CB  HB3  sing N N 350 
SER OG  HG   sing N N 351 
SER OXT HXT  sing N N 352 
THR N   CA   sing N N 353 
THR N   H    sing N N 354 
THR N   H2   sing N N 355 
THR CA  C    sing N N 356 
THR CA  CB   sing N N 357 
THR CA  HA   sing N N 358 
THR C   O    doub N N 359 
THR C   OXT  sing N N 360 
THR CB  OG1  sing N N 361 
THR CB  CG2  sing N N 362 
THR CB  HB   sing N N 363 
THR OG1 HG1  sing N N 364 
THR CG2 HG21 sing N N 365 
THR CG2 HG22 sing N N 366 
THR CG2 HG23 sing N N 367 
THR OXT HXT  sing N N 368 
TRP N   CA   sing N N 369 
TRP N   H    sing N N 370 
TRP N   H2   sing N N 371 
TRP CA  C    sing N N 372 
TRP CA  CB   sing N N 373 
TRP CA  HA   sing N N 374 
TRP C   O    doub N N 375 
TRP C   OXT  sing N N 376 
TRP CB  CG   sing N N 377 
TRP CB  HB2  sing N N 378 
TRP CB  HB3  sing N N 379 
TRP CG  CD1  doub Y N 380 
TRP CG  CD2  sing Y N 381 
TRP CD1 NE1  sing Y N 382 
TRP CD1 HD1  sing N N 383 
TRP CD2 CE2  doub Y N 384 
TRP CD2 CE3  sing Y N 385 
TRP NE1 CE2  sing Y N 386 
TRP NE1 HE1  sing N N 387 
TRP CE2 CZ2  sing Y N 388 
TRP CE3 CZ3  doub Y N 389 
TRP CE3 HE3  sing N N 390 
TRP CZ2 CH2  doub Y N 391 
TRP CZ2 HZ2  sing N N 392 
TRP CZ3 CH2  sing Y N 393 
TRP CZ3 HZ3  sing N N 394 
TRP CH2 HH2  sing N N 395 
TRP OXT HXT  sing N N 396 
TYR N   CA   sing N N 397 
TYR N   H    sing N N 398 
TYR N   H2   sing N N 399 
TYR CA  C    sing N N 400 
TYR CA  CB   sing N N 401 
TYR CA  HA   sing N N 402 
TYR C   O    doub N N 403 
TYR C   OXT  sing N N 404 
TYR CB  CG   sing N N 405 
TYR CB  HB2  sing N N 406 
TYR CB  HB3  sing N N 407 
TYR CG  CD1  doub Y N 408 
TYR CG  CD2  sing Y N 409 
TYR CD1 CE1  sing Y N 410 
TYR CD1 HD1  sing N N 411 
TYR CD2 CE2  doub Y N 412 
TYR CD2 HD2  sing N N 413 
TYR CE1 CZ   doub Y N 414 
TYR CE1 HE1  sing N N 415 
TYR CE2 CZ   sing Y N 416 
TYR CE2 HE2  sing N N 417 
TYR CZ  OH   sing N N 418 
TYR OH  HH   sing N N 419 
TYR OXT HXT  sing N N 420 
VAL N   CA   sing N N 421 
VAL N   H    sing N N 422 
VAL N   H2   sing N N 423 
VAL CA  C    sing N N 424 
VAL CA  CB   sing N N 425 
VAL CA  HA   sing N N 426 
VAL C   O    doub N N 427 
VAL C   OXT  sing N N 428 
VAL CB  CG1  sing N N 429 
VAL CB  CG2  sing N N 430 
VAL CB  HB   sing N N 431 
VAL CG1 HG11 sing N N 432 
VAL CG1 HG12 sing N N 433 
VAL CG1 HG13 sing N N 434 
VAL CG2 HG21 sing N N 435 
VAL CG2 HG22 sing N N 436 
VAL CG2 HG23 sing N N 437 
VAL OXT HXT  sing N N 438 
# 
_pdbx_audit_support.funding_organization   
'National Institutes of Health/National Institute of General Medical Sciences (NIH/NIGMS)' 
_pdbx_audit_support.country                'United States' 
_pdbx_audit_support.grant_number           RO1GM120349 
_pdbx_audit_support.ordinal                1 
# 
_pdbx_entity_instance_feature.ordinal        1 
_pdbx_entity_instance_feature.comp_id        QG1 
_pdbx_entity_instance_feature.asym_id        ? 
_pdbx_entity_instance_feature.seq_num        ? 
_pdbx_entity_instance_feature.auth_comp_id   QG1 
_pdbx_entity_instance_feature.auth_asym_id   ? 
_pdbx_entity_instance_feature.auth_seq_num   ? 
_pdbx_entity_instance_feature.feature_type   'SUBJECT OF INVESTIGATION' 
_pdbx_entity_instance_feature.details        ? 
# 
loop_
_pdbx_entity_nonpoly.entity_id 
_pdbx_entity_nonpoly.name 
_pdbx_entity_nonpoly.comp_id 
2 
;{5-[(3aS,4S,6aR)-2-oxohexahydro-1H-thieno[3,4-d]imidazol-4-yl]-N-(2-{[(pyridin-2-yl)methyl][(pyridin-2-yl-kappaN)methyl]amino-kappaN}ethyl)pentanamide}iron(2+)
;
QG1 
3 'ACETATE ION' ACT 
4 water HOH 
# 
_pdbx_initial_refinement_model.id               1 
_pdbx_initial_refinement_model.entity_id_list   ? 
_pdbx_initial_refinement_model.type             'experimental model' 
_pdbx_initial_refinement_model.source_name      PDB 
_pdbx_initial_refinement_model.accession_code   2QCB 
_pdbx_initial_refinement_model.details          ? 
# 
_pdbx_struct_assembly_auth_evidence.id                     1 
_pdbx_struct_assembly_auth_evidence.assembly_id            1 
_pdbx_struct_assembly_auth_evidence.experimental_support   'gel filtration' 
_pdbx_struct_assembly_auth_evidence.details                ? 
# 
